data_1AHN
# 
_entry.id   1AHN 
# 
_audit_conform.dict_name       mmcif_pdbx.dic 
_audit_conform.dict_version    5.385 
_audit_conform.dict_location   http://mmcif.pdb.org/dictionaries/ascii/mmcif_pdbx.dic 
# 
loop_
_database_2.database_id 
_database_2.database_code 
_database_2.pdbx_database_accession 
_database_2.pdbx_DOI 
PDB   1AHN         pdb_00001ahn 10.2210/pdb1ahn/pdb 
WWPDB D_1000170827 ?            ?                   
# 
loop_
_pdbx_audit_revision_history.ordinal 
_pdbx_audit_revision_history.data_content_type 
_pdbx_audit_revision_history.major_revision 
_pdbx_audit_revision_history.minor_revision 
_pdbx_audit_revision_history.revision_date 
1 'Structure model' 1 0 1997-12-10 
2 'Structure model' 1 1 2008-03-24 
3 'Structure model' 1 2 2011-07-13 
4 'Structure model' 1 3 2011-11-16 
5 'Structure model' 1 4 2024-02-07 
# 
_pdbx_audit_revision_details.ordinal             1 
_pdbx_audit_revision_details.revision_ordinal    1 
_pdbx_audit_revision_details.data_content_type   'Structure model' 
_pdbx_audit_revision_details.provider            repository 
_pdbx_audit_revision_details.type                'Initial release' 
_pdbx_audit_revision_details.description         ? 
_pdbx_audit_revision_details.details             ? 
# 
loop_
_pdbx_audit_revision_group.ordinal 
_pdbx_audit_revision_group.revision_ordinal 
_pdbx_audit_revision_group.data_content_type 
_pdbx_audit_revision_group.group 
1 2 'Structure model' 'Version format compliance' 
2 3 'Structure model' 'Version format compliance' 
3 4 'Structure model' 'Atomic model'              
4 5 'Structure model' 'Data collection'           
5 5 'Structure model' 'Database references'       
6 5 'Structure model' 'Derived calculations'      
7 5 'Structure model' Other                       
# 
loop_
_pdbx_audit_revision_category.ordinal 
_pdbx_audit_revision_category.revision_ordinal 
_pdbx_audit_revision_category.data_content_type 
_pdbx_audit_revision_category.category 
1 5 'Structure model' chem_comp_atom         
2 5 'Structure model' chem_comp_bond         
3 5 'Structure model' database_2             
4 5 'Structure model' pdbx_database_status   
5 5 'Structure model' pdbx_struct_conn_angle 
6 5 'Structure model' struct_conn            
7 5 'Structure model' struct_site            
# 
loop_
_pdbx_audit_revision_item.ordinal 
_pdbx_audit_revision_item.revision_ordinal 
_pdbx_audit_revision_item.data_content_type 
_pdbx_audit_revision_item.item 
1  5 'Structure model' '_database_2.pdbx_DOI'                        
2  5 'Structure model' '_database_2.pdbx_database_accession'         
3  5 'Structure model' '_pdbx_database_status.process_site'          
4  5 'Structure model' '_pdbx_struct_conn_angle.ptnr1_auth_comp_id'  
5  5 'Structure model' '_pdbx_struct_conn_angle.ptnr1_auth_seq_id'   
6  5 'Structure model' '_pdbx_struct_conn_angle.ptnr1_label_asym_id' 
7  5 'Structure model' '_pdbx_struct_conn_angle.ptnr1_label_comp_id' 
8  5 'Structure model' '_pdbx_struct_conn_angle.ptnr1_label_seq_id'  
9  5 'Structure model' '_pdbx_struct_conn_angle.ptnr1_symmetry'      
10 5 'Structure model' '_pdbx_struct_conn_angle.ptnr3_auth_comp_id'  
11 5 'Structure model' '_pdbx_struct_conn_angle.ptnr3_auth_seq_id'   
12 5 'Structure model' '_pdbx_struct_conn_angle.ptnr3_label_asym_id' 
13 5 'Structure model' '_pdbx_struct_conn_angle.ptnr3_label_comp_id' 
14 5 'Structure model' '_pdbx_struct_conn_angle.ptnr3_label_seq_id'  
15 5 'Structure model' '_pdbx_struct_conn_angle.ptnr3_symmetry'      
16 5 'Structure model' '_pdbx_struct_conn_angle.value'               
17 5 'Structure model' '_struct_conn.pdbx_dist_value'                
18 5 'Structure model' '_struct_conn.ptnr1_auth_comp_id'             
19 5 'Structure model' '_struct_conn.ptnr1_auth_seq_id'              
20 5 'Structure model' '_struct_conn.ptnr1_label_asym_id'            
21 5 'Structure model' '_struct_conn.ptnr1_label_atom_id'            
22 5 'Structure model' '_struct_conn.ptnr1_label_comp_id'            
23 5 'Structure model' '_struct_conn.ptnr1_label_seq_id'             
24 5 'Structure model' '_struct_conn.ptnr1_symmetry'                 
25 5 'Structure model' '_struct_conn.ptnr2_auth_comp_id'             
26 5 'Structure model' '_struct_conn.ptnr2_auth_seq_id'              
27 5 'Structure model' '_struct_conn.ptnr2_label_asym_id'            
28 5 'Structure model' '_struct_conn.ptnr2_label_atom_id'            
29 5 'Structure model' '_struct_conn.ptnr2_label_comp_id'            
30 5 'Structure model' '_struct_conn.ptnr2_label_seq_id'             
31 5 'Structure model' '_struct_conn.ptnr2_symmetry'                 
32 5 'Structure model' '_struct_site.pdbx_auth_asym_id'              
33 5 'Structure model' '_struct_site.pdbx_auth_comp_id'              
34 5 'Structure model' '_struct_site.pdbx_auth_seq_id'               
# 
_pdbx_database_status.status_code                     REL 
_pdbx_database_status.entry_id                        1AHN 
_pdbx_database_status.recvd_initial_deposition_date   1997-04-07 
_pdbx_database_status.deposit_site                    ? 
_pdbx_database_status.process_site                    BNL 
_pdbx_database_status.status_code_sf                  REL 
_pdbx_database_status.status_code_mr                  ? 
_pdbx_database_status.SG_entry                        ? 
_pdbx_database_status.pdb_format_compatible           Y 
_pdbx_database_status.status_code_cs                  ? 
_pdbx_database_status.status_code_nmr_data            ? 
_pdbx_database_status.methods_development_category    ? 
# 
loop_
_audit_author.name 
_audit_author.pdbx_ordinal 
'Hoover, D.M.' 1 
'Ludwig, M.L.' 2 
# 
_citation.id                        primary 
_citation.title                     
;A flavodoxin that is required for enzyme activation: the structure of oxidized flavodoxin from Escherichia coli at 1.8 A resolution.
;
_citation.journal_abbrev            'Protein Sci.' 
_citation.journal_volume            6 
_citation.page_first                2525 
_citation.page_last                 2537 
_citation.year                      1997 
_citation.journal_id_ASTM           PRCIEI 
_citation.country                   US 
_citation.journal_id_ISSN           0961-8368 
_citation.journal_id_CSD            0795 
_citation.book_publisher            ? 
_citation.pdbx_database_id_PubMed   9416602 
_citation.pdbx_database_id_DOI      ? 
# 
loop_
_citation_author.citation_id 
_citation_author.name 
_citation_author.ordinal 
_citation_author.identifier_ORCID 
primary 'Hoover, D.M.' 1 ? 
primary 'Ludwig, M.L.' 2 ? 
# 
loop_
_entity.id 
_entity.type 
_entity.src_method 
_entity.pdbx_description 
_entity.formula_weight 
_entity.pdbx_number_of_molecules 
_entity.pdbx_ec 
_entity.pdbx_mutation 
_entity.pdbx_fragment 
_entity.details 
1 polymer     man FLAVODOXIN              19623.674 1  ? ? ? ? 
2 non-polymer syn 'CALCIUM ION'           40.078    1  ? ? ? ? 
3 non-polymer syn 'FLAVIN MONONUCLEOTIDE' 456.344   1  ? ? ? ? 
4 water       nat water                   18.015    53 ? ? ? ? 
# 
_entity_poly.entity_id                      1 
_entity_poly.type                           'polypeptide(L)' 
_entity_poly.nstd_linkage                   no 
_entity_poly.nstd_monomer                   no 
_entity_poly.pdbx_seq_one_letter_code       
;AITGIFFGSDTGNTENIAKMIQKQLGKDVADVHDIAKSSKEDLEAYDILLLGIPTWYYGEAQCDWDDFFPTLEEIDFNGK
LVALFGCGDQEDYAEYFCDALGTIRDIIEPRGATIVGHWPTAGYHFEASKGLADDDHFVGLAIDEDRQPELTAERVEKWV
KQISEELHLDEILNA
;
_entity_poly.pdbx_seq_one_letter_code_can   
;AITGIFFGSDTGNTENIAKMIQKQLGKDVADVHDIAKSSKEDLEAYDILLLGIPTWYYGEAQCDWDDFFPTLEEIDFNGK
LVALFGCGDQEDYAEYFCDALGTIRDIIEPRGATIVGHWPTAGYHFEASKGLADDDHFVGLAIDEDRQPELTAERVEKWV
KQISEELHLDEILNA
;
_entity_poly.pdbx_strand_id                 A 
_entity_poly.pdbx_target_identifier         ? 
# 
loop_
_pdbx_entity_nonpoly.entity_id 
_pdbx_entity_nonpoly.name 
_pdbx_entity_nonpoly.comp_id 
2 'CALCIUM ION'           CA  
3 'FLAVIN MONONUCLEOTIDE' FMN 
4 water                   HOH 
# 
loop_
_entity_poly_seq.entity_id 
_entity_poly_seq.num 
_entity_poly_seq.mon_id 
_entity_poly_seq.hetero 
1 1   ALA n 
1 2   ILE n 
1 3   THR n 
1 4   GLY n 
1 5   ILE n 
1 6   PHE n 
1 7   PHE n 
1 8   GLY n 
1 9   SER n 
1 10  ASP n 
1 11  THR n 
1 12  GLY n 
1 13  ASN n 
1 14  THR n 
1 15  GLU n 
1 16  ASN n 
1 17  ILE n 
1 18  ALA n 
1 19  LYS n 
1 20  MET n 
1 21  ILE n 
1 22  GLN n 
1 23  LYS n 
1 24  GLN n 
1 25  LEU n 
1 26  GLY n 
1 27  LYS n 
1 28  ASP n 
1 29  VAL n 
1 30  ALA n 
1 31  ASP n 
1 32  VAL n 
1 33  HIS n 
1 34  ASP n 
1 35  ILE n 
1 36  ALA n 
1 37  LYS n 
1 38  SER n 
1 39  SER n 
1 40  LYS n 
1 41  GLU n 
1 42  ASP n 
1 43  LEU n 
1 44  GLU n 
1 45  ALA n 
1 46  TYR n 
1 47  ASP n 
1 48  ILE n 
1 49  LEU n 
1 50  LEU n 
1 51  LEU n 
1 52  GLY n 
1 53  ILE n 
1 54  PRO n 
1 55  THR n 
1 56  TRP n 
1 57  TYR n 
1 58  TYR n 
1 59  GLY n 
1 60  GLU n 
1 61  ALA n 
1 62  GLN n 
1 63  CYS n 
1 64  ASP n 
1 65  TRP n 
1 66  ASP n 
1 67  ASP n 
1 68  PHE n 
1 69  PHE n 
1 70  PRO n 
1 71  THR n 
1 72  LEU n 
1 73  GLU n 
1 74  GLU n 
1 75  ILE n 
1 76  ASP n 
1 77  PHE n 
1 78  ASN n 
1 79  GLY n 
1 80  LYS n 
1 81  LEU n 
1 82  VAL n 
1 83  ALA n 
1 84  LEU n 
1 85  PHE n 
1 86  GLY n 
1 87  CYS n 
1 88  GLY n 
1 89  ASP n 
1 90  GLN n 
1 91  GLU n 
1 92  ASP n 
1 93  TYR n 
1 94  ALA n 
1 95  GLU n 
1 96  TYR n 
1 97  PHE n 
1 98  CYS n 
1 99  ASP n 
1 100 ALA n 
1 101 LEU n 
1 102 GLY n 
1 103 THR n 
1 104 ILE n 
1 105 ARG n 
1 106 ASP n 
1 107 ILE n 
1 108 ILE n 
1 109 GLU n 
1 110 PRO n 
1 111 ARG n 
1 112 GLY n 
1 113 ALA n 
1 114 THR n 
1 115 ILE n 
1 116 VAL n 
1 117 GLY n 
1 118 HIS n 
1 119 TRP n 
1 120 PRO n 
1 121 THR n 
1 122 ALA n 
1 123 GLY n 
1 124 TYR n 
1 125 HIS n 
1 126 PHE n 
1 127 GLU n 
1 128 ALA n 
1 129 SER n 
1 130 LYS n 
1 131 GLY n 
1 132 LEU n 
1 133 ALA n 
1 134 ASP n 
1 135 ASP n 
1 136 ASP n 
1 137 HIS n 
1 138 PHE n 
1 139 VAL n 
1 140 GLY n 
1 141 LEU n 
1 142 ALA n 
1 143 ILE n 
1 144 ASP n 
1 145 GLU n 
1 146 ASP n 
1 147 ARG n 
1 148 GLN n 
1 149 PRO n 
1 150 GLU n 
1 151 LEU n 
1 152 THR n 
1 153 ALA n 
1 154 GLU n 
1 155 ARG n 
1 156 VAL n 
1 157 GLU n 
1 158 LYS n 
1 159 TRP n 
1 160 VAL n 
1 161 LYS n 
1 162 GLN n 
1 163 ILE n 
1 164 SER n 
1 165 GLU n 
1 166 GLU n 
1 167 LEU n 
1 168 HIS n 
1 169 LEU n 
1 170 ASP n 
1 171 GLU n 
1 172 ILE n 
1 173 LEU n 
1 174 ASN n 
1 175 ALA n 
# 
_entity_src_gen.entity_id                          1 
_entity_src_gen.pdbx_src_id                        1 
_entity_src_gen.pdbx_alt_source_flag               sample 
_entity_src_gen.pdbx_seq_type                      ? 
_entity_src_gen.pdbx_beg_seq_num                   ? 
_entity_src_gen.pdbx_end_seq_num                   ? 
_entity_src_gen.gene_src_common_name               ? 
_entity_src_gen.gene_src_genus                     Escherichia 
_entity_src_gen.pdbx_gene_src_gene                 FLDA 
_entity_src_gen.gene_src_species                   ? 
_entity_src_gen.gene_src_strain                    DHALPHA 
_entity_src_gen.gene_src_tissue                    ? 
_entity_src_gen.gene_src_tissue_fraction           ? 
_entity_src_gen.gene_src_details                   ? 
_entity_src_gen.pdbx_gene_src_fragment             ? 
_entity_src_gen.pdbx_gene_src_scientific_name      'Escherichia coli' 
_entity_src_gen.pdbx_gene_src_ncbi_taxonomy_id     562 
_entity_src_gen.pdbx_gene_src_variant              ? 
_entity_src_gen.pdbx_gene_src_cell_line            ? 
_entity_src_gen.pdbx_gene_src_atcc                 ? 
_entity_src_gen.pdbx_gene_src_organ                ? 
_entity_src_gen.pdbx_gene_src_organelle            ? 
_entity_src_gen.pdbx_gene_src_cell                 ? 
_entity_src_gen.pdbx_gene_src_cellular_location    CYTOPLASM 
_entity_src_gen.host_org_common_name               ? 
_entity_src_gen.pdbx_host_org_scientific_name      'Escherichia coli' 
_entity_src_gen.pdbx_host_org_ncbi_taxonomy_id     562 
_entity_src_gen.host_org_genus                     Escherichia 
_entity_src_gen.pdbx_host_org_gene                 ? 
_entity_src_gen.pdbx_host_org_organ                ? 
_entity_src_gen.host_org_species                   ? 
_entity_src_gen.pdbx_host_org_tissue               ? 
_entity_src_gen.pdbx_host_org_tissue_fraction      ? 
_entity_src_gen.pdbx_host_org_strain               ? 
_entity_src_gen.pdbx_host_org_variant              ? 
_entity_src_gen.pdbx_host_org_cell_line            ? 
_entity_src_gen.pdbx_host_org_atcc                 ? 
_entity_src_gen.pdbx_host_org_culture_collection   ? 
_entity_src_gen.pdbx_host_org_cell                 ? 
_entity_src_gen.pdbx_host_org_organelle            ? 
_entity_src_gen.pdbx_host_org_cellular_location    ? 
_entity_src_gen.pdbx_host_org_vector_type          ? 
_entity_src_gen.pdbx_host_org_vector               ? 
_entity_src_gen.host_org_details                   ? 
_entity_src_gen.expression_system_id               ? 
_entity_src_gen.plasmid_name                       PDH01 
_entity_src_gen.plasmid_details                    ? 
_entity_src_gen.pdbx_description                   ? 
# 
loop_
_chem_comp.id 
_chem_comp.type 
_chem_comp.mon_nstd_flag 
_chem_comp.name 
_chem_comp.pdbx_synonyms 
_chem_comp.formula 
_chem_comp.formula_weight 
ALA 'L-peptide linking' y ALANINE                 ?                          'C3 H7 N O2'      89.093  
ARG 'L-peptide linking' y ARGININE                ?                          'C6 H15 N4 O2 1'  175.209 
ASN 'L-peptide linking' y ASPARAGINE              ?                          'C4 H8 N2 O3'     132.118 
ASP 'L-peptide linking' y 'ASPARTIC ACID'         ?                          'C4 H7 N O4'      133.103 
CA  non-polymer         . 'CALCIUM ION'           ?                          'Ca 2'            40.078  
CYS 'L-peptide linking' y CYSTEINE                ?                          'C3 H7 N O2 S'    121.158 
FMN non-polymer         . 'FLAVIN MONONUCLEOTIDE' 'RIBOFLAVIN MONOPHOSPHATE' 'C17 H21 N4 O9 P' 456.344 
GLN 'L-peptide linking' y GLUTAMINE               ?                          'C5 H10 N2 O3'    146.144 
GLU 'L-peptide linking' y 'GLUTAMIC ACID'         ?                          'C5 H9 N O4'      147.129 
GLY 'peptide linking'   y GLYCINE                 ?                          'C2 H5 N O2'      75.067  
HIS 'L-peptide linking' y HISTIDINE               ?                          'C6 H10 N3 O2 1'  156.162 
HOH non-polymer         . WATER                   ?                          'H2 O'            18.015  
ILE 'L-peptide linking' y ISOLEUCINE              ?                          'C6 H13 N O2'     131.173 
LEU 'L-peptide linking' y LEUCINE                 ?                          'C6 H13 N O2'     131.173 
LYS 'L-peptide linking' y LYSINE                  ?                          'C6 H15 N2 O2 1'  147.195 
MET 'L-peptide linking' y METHIONINE              ?                          'C5 H11 N O2 S'   149.211 
PHE 'L-peptide linking' y PHENYLALANINE           ?                          'C9 H11 N O2'     165.189 
PRO 'L-peptide linking' y PROLINE                 ?                          'C5 H9 N O2'      115.130 
SER 'L-peptide linking' y SERINE                  ?                          'C3 H7 N O3'      105.093 
THR 'L-peptide linking' y THREONINE               ?                          'C4 H9 N O3'      119.119 
TRP 'L-peptide linking' y TRYPTOPHAN              ?                          'C11 H12 N2 O2'   204.225 
TYR 'L-peptide linking' y TYROSINE                ?                          'C9 H11 N O3'     181.189 
VAL 'L-peptide linking' y VALINE                  ?                          'C5 H11 N O2'     117.146 
# 
loop_
_pdbx_poly_seq_scheme.asym_id 
_pdbx_poly_seq_scheme.entity_id 
_pdbx_poly_seq_scheme.seq_id 
_pdbx_poly_seq_scheme.mon_id 
_pdbx_poly_seq_scheme.ndb_seq_num 
_pdbx_poly_seq_scheme.pdb_seq_num 
_pdbx_poly_seq_scheme.auth_seq_num 
_pdbx_poly_seq_scheme.pdb_mon_id 
_pdbx_poly_seq_scheme.auth_mon_id 
_pdbx_poly_seq_scheme.pdb_strand_id 
_pdbx_poly_seq_scheme.pdb_ins_code 
_pdbx_poly_seq_scheme.hetero 
A 1 1   ALA 1   2   2   ALA ALA A . n 
A 1 2   ILE 2   3   3   ILE ILE A . n 
A 1 3   THR 3   4   4   THR THR A . n 
A 1 4   GLY 4   5   5   GLY GLY A . n 
A 1 5   ILE 5   6   6   ILE ILE A . n 
A 1 6   PHE 6   7   7   PHE PHE A . n 
A 1 7   PHE 7   8   8   PHE PHE A . n 
A 1 8   GLY 8   9   9   GLY GLY A . n 
A 1 9   SER 9   10  10  SER SER A . n 
A 1 10  ASP 10  11  11  ASP ASP A . n 
A 1 11  THR 11  12  12  THR THR A . n 
A 1 12  GLY 12  13  13  GLY GLY A . n 
A 1 13  ASN 13  14  14  ASN ASN A . n 
A 1 14  THR 14  15  15  THR THR A . n 
A 1 15  GLU 15  16  16  GLU GLU A . n 
A 1 16  ASN 16  17  17  ASN ASN A . n 
A 1 17  ILE 17  18  18  ILE ILE A . n 
A 1 18  ALA 18  19  19  ALA ALA A . n 
A 1 19  LYS 19  20  20  LYS LYS A . n 
A 1 20  MET 20  21  21  MET MET A . n 
A 1 21  ILE 21  22  22  ILE ILE A . n 
A 1 22  GLN 22  23  23  GLN GLN A . n 
A 1 23  LYS 23  24  24  LYS LYS A . n 
A 1 24  GLN 24  25  25  GLN GLN A . n 
A 1 25  LEU 25  26  26  LEU LEU A . n 
A 1 26  GLY 26  27  27  GLY GLY A . n 
A 1 27  LYS 27  28  28  LYS LYS A . n 
A 1 28  ASP 28  29  29  ASP ASP A . n 
A 1 29  VAL 29  30  30  VAL VAL A . n 
A 1 30  ALA 30  31  31  ALA ALA A . n 
A 1 31  ASP 31  32  32  ASP ASP A . n 
A 1 32  VAL 32  33  33  VAL VAL A . n 
A 1 33  HIS 33  34  34  HIS HIS A . n 
A 1 34  ASP 34  35  35  ASP ASP A . n 
A 1 35  ILE 35  36  36  ILE ILE A . n 
A 1 36  ALA 36  37  37  ALA ALA A . n 
A 1 37  LYS 37  38  38  LYS LYS A . n 
A 1 38  SER 38  39  39  SER SER A . n 
A 1 39  SER 39  40  40  SER SER A . n 
A 1 40  LYS 40  41  41  LYS LYS A . n 
A 1 41  GLU 41  42  42  GLU GLU A . n 
A 1 42  ASP 42  43  43  ASP ASP A . n 
A 1 43  LEU 43  44  44  LEU LEU A . n 
A 1 44  GLU 44  45  45  GLU GLU A . n 
A 1 45  ALA 45  46  46  ALA ALA A . n 
A 1 46  TYR 46  47  47  TYR TYR A . n 
A 1 47  ASP 47  48  48  ASP ASP A . n 
A 1 48  ILE 48  49  49  ILE ILE A . n 
A 1 49  LEU 49  50  50  LEU LEU A . n 
A 1 50  LEU 50  51  51  LEU LEU A . n 
A 1 51  LEU 51  52  52  LEU LEU A . n 
A 1 52  GLY 52  53  53  GLY GLY A . n 
A 1 53  ILE 53  54  54  ILE ILE A . n 
A 1 54  PRO 54  55  55  PRO PRO A . n 
A 1 55  THR 55  56  56  THR THR A . n 
A 1 56  TRP 56  57  57  TRP TRP A . n 
A 1 57  TYR 57  58  58  TYR TYR A . n 
A 1 58  TYR 58  59  59  TYR TYR A . n 
A 1 59  GLY 59  60  60  GLY GLY A . n 
A 1 60  GLU 60  61  61  GLU GLU A . n 
A 1 61  ALA 61  62  62  ALA ALA A . n 
A 1 62  GLN 62  63  63  GLN GLN A . n 
A 1 63  CYS 63  64  64  CYS CYS A . n 
A 1 64  ASP 64  65  65  ASP ASP A . n 
A 1 65  TRP 65  66  66  TRP TRP A . n 
A 1 66  ASP 66  67  67  ASP ASP A . n 
A 1 67  ASP 67  68  68  ASP ASP A . n 
A 1 68  PHE 68  69  69  PHE PHE A . n 
A 1 69  PHE 69  70  70  PHE PHE A . n 
A 1 70  PRO 70  71  71  PRO PRO A . n 
A 1 71  THR 71  72  72  THR THR A . n 
A 1 72  LEU 72  73  73  LEU LEU A . n 
A 1 73  GLU 73  74  74  GLU GLU A . n 
A 1 74  GLU 74  75  75  GLU GLU A . n 
A 1 75  ILE 75  76  76  ILE ILE A . n 
A 1 76  ASP 76  77  77  ASP ASP A . n 
A 1 77  PHE 77  78  78  PHE PHE A . n 
A 1 78  ASN 78  79  79  ASN ASN A . n 
A 1 79  GLY 79  80  80  GLY GLY A . n 
A 1 80  LYS 80  81  81  LYS LYS A . n 
A 1 81  LEU 81  82  82  LEU LEU A . n 
A 1 82  VAL 82  83  83  VAL VAL A . n 
A 1 83  ALA 83  84  84  ALA ALA A . n 
A 1 84  LEU 84  85  85  LEU LEU A . n 
A 1 85  PHE 85  86  86  PHE PHE A . n 
A 1 86  GLY 86  87  87  GLY GLY A . n 
A 1 87  CYS 87  88  88  CYS CYS A . n 
A 1 88  GLY 88  89  89  GLY GLY A . n 
A 1 89  ASP 89  90  90  ASP ASP A . n 
A 1 90  GLN 90  91  91  GLN GLN A . n 
A 1 91  GLU 91  92  92  GLU GLU A . n 
A 1 92  ASP 92  93  93  ASP ASP A . n 
A 1 93  TYR 93  94  94  TYR TYR A . n 
A 1 94  ALA 94  95  95  ALA ALA A . n 
A 1 95  GLU 95  96  96  GLU GLU A . n 
A 1 96  TYR 96  97  97  TYR TYR A . n 
A 1 97  PHE 97  98  98  PHE PHE A . n 
A 1 98  CYS 98  99  99  CYS CYS A . n 
A 1 99  ASP 99  100 100 ASP ASP A . n 
A 1 100 ALA 100 101 101 ALA ALA A . n 
A 1 101 LEU 101 102 102 LEU LEU A . n 
A 1 102 GLY 102 103 103 GLY GLY A . n 
A 1 103 THR 103 104 104 THR THR A . n 
A 1 104 ILE 104 105 105 ILE ILE A . n 
A 1 105 ARG 105 106 106 ARG ARG A . n 
A 1 106 ASP 106 107 107 ASP ASP A . n 
A 1 107 ILE 107 108 108 ILE ILE A . n 
A 1 108 ILE 108 109 109 ILE ILE A . n 
A 1 109 GLU 109 110 110 GLU GLU A . n 
A 1 110 PRO 110 111 111 PRO PRO A . n 
A 1 111 ARG 111 112 112 ARG ARG A . n 
A 1 112 GLY 112 113 113 GLY GLY A . n 
A 1 113 ALA 113 114 114 ALA ALA A . n 
A 1 114 THR 114 115 115 THR THR A . n 
A 1 115 ILE 115 116 116 ILE ILE A . n 
A 1 116 VAL 116 117 117 VAL VAL A . n 
A 1 117 GLY 117 118 118 GLY GLY A . n 
A 1 118 HIS 118 119 119 HIS HIS A . n 
A 1 119 TRP 119 120 120 TRP TRP A . n 
A 1 120 PRO 120 121 121 PRO PRO A . n 
A 1 121 THR 121 122 122 THR THR A . n 
A 1 122 ALA 122 123 123 ALA ALA A . n 
A 1 123 GLY 123 124 124 GLY GLY A . n 
A 1 124 TYR 124 125 125 TYR TYR A . n 
A 1 125 HIS 125 126 126 HIS HIS A . n 
A 1 126 PHE 126 127 127 PHE PHE A . n 
A 1 127 GLU 127 128 128 GLU GLU A . n 
A 1 128 ALA 128 129 129 ALA ALA A . n 
A 1 129 SER 129 130 130 SER SER A . n 
A 1 130 LYS 130 131 131 LYS LYS A . n 
A 1 131 GLY 131 132 132 GLY GLY A . n 
A 1 132 LEU 132 133 133 LEU LEU A . n 
A 1 133 ALA 133 134 134 ALA ALA A . n 
A 1 134 ASP 134 135 135 ASP ASP A . n 
A 1 135 ASP 135 136 136 ASP ASP A . n 
A 1 136 ASP 136 137 137 ASP ASP A . n 
A 1 137 HIS 137 138 138 HIS HIS A . n 
A 1 138 PHE 138 139 139 PHE PHE A . n 
A 1 139 VAL 139 140 140 VAL VAL A . n 
A 1 140 GLY 140 141 141 GLY GLY A . n 
A 1 141 LEU 141 142 142 LEU LEU A . n 
A 1 142 ALA 142 143 143 ALA ALA A . n 
A 1 143 ILE 143 144 144 ILE ILE A . n 
A 1 144 ASP 144 145 145 ASP ASP A . n 
A 1 145 GLU 145 146 146 GLU GLU A . n 
A 1 146 ASP 146 147 147 ASP ASP A . n 
A 1 147 ARG 147 148 148 ARG ARG A . n 
A 1 148 GLN 148 149 149 GLN GLN A . n 
A 1 149 PRO 149 150 150 PRO PRO A . n 
A 1 150 GLU 150 151 151 GLU GLU A . n 
A 1 151 LEU 151 152 152 LEU LEU A . n 
A 1 152 THR 152 153 153 THR THR A . n 
A 1 153 ALA 153 154 154 ALA ALA A . n 
A 1 154 GLU 154 155 155 GLU GLU A . n 
A 1 155 ARG 155 156 156 ARG ARG A . n 
A 1 156 VAL 156 157 157 VAL VAL A . n 
A 1 157 GLU 157 158 158 GLU GLU A . n 
A 1 158 LYS 158 159 159 LYS LYS A . n 
A 1 159 TRP 159 160 160 TRP TRP A . n 
A 1 160 VAL 160 161 161 VAL VAL A . n 
A 1 161 LYS 161 162 162 LYS LYS A . n 
A 1 162 GLN 162 163 163 GLN GLN A . n 
A 1 163 ILE 163 164 164 ILE ILE A . n 
A 1 164 SER 164 165 165 SER SER A . n 
A 1 165 GLU 165 166 166 GLU GLU A . n 
A 1 166 GLU 166 167 167 GLU GLU A . n 
A 1 167 LEU 167 168 168 LEU LEU A . n 
A 1 168 HIS 168 169 169 HIS HIS A . n 
A 1 169 LEU 169 170 170 LEU LEU A . n 
A 1 170 ASP 170 171 ?   ?   ?   A . n 
A 1 171 GLU 171 172 ?   ?   ?   A . n 
A 1 172 ILE 172 173 ?   ?   ?   A . n 
A 1 173 LEU 173 174 ?   ?   ?   A . n 
A 1 174 ASN 174 175 ?   ?   ?   A . n 
A 1 175 ALA 175 176 ?   ?   ?   A . n 
# 
loop_
_pdbx_nonpoly_scheme.asym_id 
_pdbx_nonpoly_scheme.entity_id 
_pdbx_nonpoly_scheme.mon_id 
_pdbx_nonpoly_scheme.ndb_seq_num 
_pdbx_nonpoly_scheme.pdb_seq_num 
_pdbx_nonpoly_scheme.auth_seq_num 
_pdbx_nonpoly_scheme.pdb_mon_id 
_pdbx_nonpoly_scheme.auth_mon_id 
_pdbx_nonpoly_scheme.pdb_strand_id 
_pdbx_nonpoly_scheme.pdb_ins_code 
B 2 CA  1  178 178 CA  CA  A . 
C 3 FMN 1  177 177 FMN FMN A . 
D 4 HOH 1  179 179 HOH HOH A . 
D 4 HOH 2  180 180 HOH HOH A . 
D 4 HOH 3  181 181 HOH HOH A . 
D 4 HOH 4  182 182 HOH HOH A . 
D 4 HOH 5  185 185 HOH HOH A . 
D 4 HOH 6  186 186 HOH HOH A . 
D 4 HOH 7  187 187 HOH HOH A . 
D 4 HOH 8  188 188 HOH HOH A . 
D 4 HOH 9  189 189 HOH HOH A . 
D 4 HOH 10 190 190 HOH HOH A . 
D 4 HOH 11 191 191 HOH HOH A . 
D 4 HOH 12 192 192 HOH HOH A . 
D 4 HOH 13 193 193 HOH HOH A . 
D 4 HOH 14 194 194 HOH HOH A . 
D 4 HOH 15 195 195 HOH HOH A . 
D 4 HOH 16 196 196 HOH HOH A . 
D 4 HOH 17 197 197 HOH HOH A . 
D 4 HOH 18 198 198 HOH HOH A . 
D 4 HOH 19 200 200 HOH HOH A . 
D 4 HOH 20 201 201 HOH HOH A . 
D 4 HOH 21 202 202 HOH HOH A . 
D 4 HOH 22 203 203 HOH HOH A . 
D 4 HOH 23 204 204 HOH HOH A . 
D 4 HOH 24 205 205 HOH HOH A . 
D 4 HOH 25 206 206 HOH HOH A . 
D 4 HOH 26 207 207 HOH HOH A . 
D 4 HOH 27 208 208 HOH HOH A . 
D 4 HOH 28 209 209 HOH HOH A . 
D 4 HOH 29 210 210 HOH HOH A . 
D 4 HOH 30 211 211 HOH HOH A . 
D 4 HOH 31 212 212 HOH HOH A . 
D 4 HOH 32 214 214 HOH HOH A . 
D 4 HOH 33 215 215 HOH HOH A . 
D 4 HOH 34 216 216 HOH HOH A . 
D 4 HOH 35 218 218 HOH HOH A . 
D 4 HOH 36 219 219 HOH HOH A . 
D 4 HOH 37 220 220 HOH HOH A . 
D 4 HOH 38 221 221 HOH HOH A . 
D 4 HOH 39 222 222 HOH HOH A . 
D 4 HOH 40 223 223 HOH HOH A . 
D 4 HOH 41 224 224 HOH HOH A . 
D 4 HOH 42 225 225 HOH HOH A . 
D 4 HOH 43 226 226 HOH HOH A . 
D 4 HOH 44 227 227 HOH HOH A . 
D 4 HOH 45 228 228 HOH HOH A . 
D 4 HOH 46 229 229 HOH HOH A . 
D 4 HOH 47 230 230 HOH HOH A . 
D 4 HOH 48 231 231 HOH HOH A . 
D 4 HOH 49 232 232 HOH HOH A . 
D 4 HOH 50 233 233 HOH HOH A . 
D 4 HOH 51 234 234 HOH HOH A . 
D 4 HOH 52 235 235 HOH HOH A . 
D 4 HOH 53 236 236 HOH HOH A . 
# 
loop_
_pdbx_unobs_or_zero_occ_atoms.id 
_pdbx_unobs_or_zero_occ_atoms.PDB_model_num 
_pdbx_unobs_or_zero_occ_atoms.polymer_flag 
_pdbx_unobs_or_zero_occ_atoms.occupancy_flag 
_pdbx_unobs_or_zero_occ_atoms.auth_asym_id 
_pdbx_unobs_or_zero_occ_atoms.auth_comp_id 
_pdbx_unobs_or_zero_occ_atoms.auth_seq_id 
_pdbx_unobs_or_zero_occ_atoms.PDB_ins_code 
_pdbx_unobs_or_zero_occ_atoms.auth_atom_id 
_pdbx_unobs_or_zero_occ_atoms.label_alt_id 
_pdbx_unobs_or_zero_occ_atoms.label_asym_id 
_pdbx_unobs_or_zero_occ_atoms.label_comp_id 
_pdbx_unobs_or_zero_occ_atoms.label_seq_id 
_pdbx_unobs_or_zero_occ_atoms.label_atom_id 
1 1 Y 1 A LEU 170 ? CG  ? A LEU 169 CG  
2 1 Y 1 A LEU 170 ? CD1 ? A LEU 169 CD1 
3 1 Y 1 A LEU 170 ? CD2 ? A LEU 169 CD2 
# 
loop_
_software.name 
_software.classification 
_software.version 
_software.citation_id 
_software.pdbx_ordinal 
X-PLOR 'model building' 3.1 ? 1 
X-PLOR refinement       3.1 ? 2 
SDMS   'data reduction' .   ? 3 
SDMS   'data scaling'   .   ? 4 
X-PLOR phasing          3.1 ? 5 
# 
_cell.entry_id           1AHN 
_cell.length_a           78.830 
_cell.length_b           78.830 
_cell.length_c           52.070 
_cell.angle_alpha        90.00 
_cell.angle_beta         90.00 
_cell.angle_gamma        120.00 
_cell.Z_PDB              6 
_cell.pdbx_unique_axis   ? 
# 
_symmetry.entry_id                         1AHN 
_symmetry.space_group_name_H-M             'P 3 1 2' 
_symmetry.pdbx_full_space_group_name_H-M   ? 
_symmetry.cell_setting                     ? 
_symmetry.Int_Tables_number                149 
# 
_exptl.entry_id          1AHN 
_exptl.method            'X-RAY DIFFRACTION' 
_exptl.crystals_number   1 
# 
_exptl_crystal.id                    1 
_exptl_crystal.density_meas          ? 
_exptl_crystal.density_Matthews      2.3 
_exptl_crystal.density_percent_sol   46.5 
_exptl_crystal.description           ? 
# 
_exptl_crystal_grow.crystal_id      1 
_exptl_crystal_grow.method          ? 
_exptl_crystal_grow.temp            ? 
_exptl_crystal_grow.temp_details    ? 
_exptl_crystal_grow.pH              7.0 
_exptl_crystal_grow.pdbx_pH_range   ? 
_exptl_crystal_grow.pdbx_details    'PROTEIN WAS CRYSTALLIZED IN 30% MPD, 100 MM CACL2, 200 MM PIPES BUFFER, PH 7.0, 295 K.' 
# 
_diffrn.id                     1 
_diffrn.ambient_temp           140 
_diffrn.ambient_temp_details   ? 
_diffrn.crystal_id             1 
# 
_diffrn_detector.diffrn_id              1 
_diffrn_detector.detector               'AREA DETECTOR' 
_diffrn_detector.type                   'XUONG-HAMLIN MULTIWIRE' 
_diffrn_detector.pdbx_collection_date   1995-10 
_diffrn_detector.details                COLLIMATOR 
# 
_diffrn_radiation.diffrn_id                        1 
_diffrn_radiation.wavelength_id                    1 
_diffrn_radiation.pdbx_monochromatic_or_laue_m_l   M 
_diffrn_radiation.monochromator                    'GRAPHITE(002)' 
_diffrn_radiation.pdbx_diffrn_protocol             ? 
_diffrn_radiation.pdbx_scattering_type             x-ray 
# 
_diffrn_radiation_wavelength.id           1 
_diffrn_radiation_wavelength.wavelength   1.5418 
_diffrn_radiation_wavelength.wt           1.0 
# 
_diffrn_source.diffrn_id                   1 
_diffrn_source.source                      'ROTATING ANODE' 
_diffrn_source.type                        'RIGAKU RUH2R' 
_diffrn_source.pdbx_synchrotron_site       ? 
_diffrn_source.pdbx_synchrotron_beamline   ? 
_diffrn_source.pdbx_wavelength             1.5418 
_diffrn_source.pdbx_wavelength_list        ? 
# 
_reflns.entry_id                     1AHN 
_reflns.observed_criterion_sigma_I   2.0 
_reflns.observed_criterion_sigma_F   ? 
_reflns.d_resolution_low             40.0 
_reflns.d_resolution_high            2.6 
_reflns.number_obs                   5995 
_reflns.number_all                   ? 
_reflns.percent_possible_obs         99.5 
_reflns.pdbx_Rmerge_I_obs            ? 
_reflns.pdbx_Rsym_value              0.0640000 
_reflns.pdbx_netI_over_sigmaI        17.4 
_reflns.B_iso_Wilson_estimate        24.4 
_reflns.pdbx_redundancy              9.4 
_reflns.pdbx_diffrn_id               1 
_reflns.pdbx_ordinal                 1 
# 
_reflns_shell.d_res_high             2.60 
_reflns_shell.d_res_low              2.76 
_reflns_shell.percent_possible_all   98.5 
_reflns_shell.Rmerge_I_obs           ? 
_reflns_shell.pdbx_Rsym_value        0.1900000 
_reflns_shell.meanI_over_sigI_obs    3.8 
_reflns_shell.pdbx_redundancy        4.8 
_reflns_shell.pdbx_diffrn_id         ? 
_reflns_shell.pdbx_ordinal           1 
# 
_refine.entry_id                                 1AHN 
_refine.ls_number_reflns_obs                     5702 
_refine.ls_number_reflns_all                     ? 
_refine.pdbx_ls_sigma_I                          ? 
_refine.pdbx_ls_sigma_F                          0.0 
_refine.pdbx_data_cutoff_high_absF               10000000.00 
_refine.pdbx_data_cutoff_low_absF                0.001 
_refine.pdbx_data_cutoff_high_rms_absF           ? 
_refine.ls_d_res_low                             10.0 
_refine.ls_d_res_high                            2.6 
_refine.ls_percent_reflns_obs                    99.5 
_refine.ls_R_factor_obs                          0.1900000 
_refine.ls_R_factor_all                          ? 
_refine.ls_R_factor_R_work                       0.1900000 
_refine.ls_R_factor_R_free                       ? 
_refine.ls_R_factor_R_free_error                 ? 
_refine.ls_R_factor_R_free_error_details         ? 
_refine.ls_percent_reflns_R_free                 ? 
_refine.ls_number_reflns_R_free                  ? 
_refine.ls_number_parameters                     ? 
_refine.ls_number_restraints                     ? 
_refine.occupancy_min                            ? 
_refine.occupancy_max                            ? 
_refine.B_iso_mean                               24.8 
_refine.aniso_B[1][1]                            -0.15 
_refine.aniso_B[2][2]                            -0.15 
_refine.aniso_B[3][3]                            0.30 
_refine.aniso_B[1][2]                            0.22 
_refine.aniso_B[1][3]                            0.00 
_refine.aniso_B[2][3]                            0.00 
_refine.solvent_model_details                    ? 
_refine.solvent_model_param_ksol                 ? 
_refine.solvent_model_param_bsol                 ? 
_refine.pdbx_ls_cross_valid_method               'A POSTERIORI' 
_refine.details                                  'BULK SOLVENT MODEL USED. REFINEMENT IS CONTINUING.' 
_refine.pdbx_starting_model                      ? 
_refine.pdbx_method_to_determine_struct          'MOLECULAR REPLACEMENT' 
_refine.pdbx_isotropic_thermal_model             RESTRAINED 
_refine.pdbx_stereochemistry_target_values       ? 
_refine.pdbx_stereochem_target_val_spec_case     ? 
_refine.pdbx_R_Free_selection_details            RANDOM 
_refine.pdbx_overall_ESU_R                       ? 
_refine.pdbx_overall_ESU_R_Free                  ? 
_refine.overall_SU_ML                            ? 
_refine.overall_SU_B                             ? 
_refine.pdbx_refine_id                           'X-RAY DIFFRACTION' 
_refine.pdbx_diffrn_id                           1 
_refine.pdbx_TLS_residual_ADP_flag               ? 
_refine.correlation_coeff_Fo_to_Fc               ? 
_refine.correlation_coeff_Fo_to_Fc_free          ? 
_refine.pdbx_solvent_vdw_probe_radii             ? 
_refine.pdbx_solvent_ion_probe_radii             ? 
_refine.pdbx_solvent_shrinkage_radii             ? 
_refine.pdbx_overall_phase_error                 ? 
_refine.overall_SU_R_Cruickshank_DPI             ? 
_refine.pdbx_overall_SU_R_free_Cruickshank_DPI   ? 
_refine.pdbx_overall_SU_R_Blow_DPI               ? 
_refine.pdbx_overall_SU_R_free_Blow_DPI          ? 
# 
_refine_analyze.entry_id                        1AHN 
_refine_analyze.Luzzati_coordinate_error_obs    0.24 
_refine_analyze.Luzzati_sigma_a_obs             0.24 
_refine_analyze.Luzzati_d_res_low_obs           10.0 
_refine_analyze.Luzzati_coordinate_error_free   ? 
_refine_analyze.Luzzati_sigma_a_free            ? 
_refine_analyze.Luzzati_d_res_low_free          ? 
_refine_analyze.number_disordered_residues      ? 
_refine_analyze.occupancy_sum_hydrogen          ? 
_refine_analyze.occupancy_sum_non_hydrogen      ? 
_refine_analyze.pdbx_refine_id                  'X-RAY DIFFRACTION' 
# 
_refine_hist.pdbx_refine_id                   'X-RAY DIFFRACTION' 
_refine_hist.cycle_id                         LAST 
_refine_hist.pdbx_number_atoms_protein        1336 
_refine_hist.pdbx_number_atoms_nucleic_acid   0 
_refine_hist.pdbx_number_atoms_ligand         34 
_refine_hist.number_atoms_solvent             56 
_refine_hist.number_atoms_total               1426 
_refine_hist.d_res_high                       2.6 
_refine_hist.d_res_low                        10.0 
# 
loop_
_refine_ls_restr.type 
_refine_ls_restr.dev_ideal 
_refine_ls_restr.dev_ideal_target 
_refine_ls_restr.weight 
_refine_ls_restr.number 
_refine_ls_restr.pdbx_refine_id 
_refine_ls_restr.pdbx_restraint_function 
x_bond_d                0.010 ?    ? ? 'X-RAY DIFFRACTION' ? 
x_bond_d_na             ?     ?    ? ? 'X-RAY DIFFRACTION' ? 
x_bond_d_prot           ?     ?    ? ? 'X-RAY DIFFRACTION' ? 
x_angle_d               ?     ?    ? ? 'X-RAY DIFFRACTION' ? 
x_angle_d_na            ?     ?    ? ? 'X-RAY DIFFRACTION' ? 
x_angle_d_prot          ?     ?    ? ? 'X-RAY DIFFRACTION' ? 
x_angle_deg             1.70  ?    ? ? 'X-RAY DIFFRACTION' ? 
x_angle_deg_na          ?     ?    ? ? 'X-RAY DIFFRACTION' ? 
x_angle_deg_prot        ?     ?    ? ? 'X-RAY DIFFRACTION' ? 
x_dihedral_angle_d      25.0  ?    ? ? 'X-RAY DIFFRACTION' ? 
x_dihedral_angle_d_na   ?     ?    ? ? 'X-RAY DIFFRACTION' ? 
x_dihedral_angle_d_prot ?     ?    ? ? 'X-RAY DIFFRACTION' ? 
x_improper_angle_d      1.60  ?    ? ? 'X-RAY DIFFRACTION' ? 
x_improper_angle_d_na   ?     ?    ? ? 'X-RAY DIFFRACTION' ? 
x_improper_angle_d_prot ?     ?    ? ? 'X-RAY DIFFRACTION' ? 
x_mcbond_it             3.19  1.50 ? ? 'X-RAY DIFFRACTION' ? 
x_mcangle_it            4.84  2.00 ? ? 'X-RAY DIFFRACTION' ? 
x_scbond_it             4.88  2.00 ? ? 'X-RAY DIFFRACTION' ? 
x_scangle_it            7.17  2.50 ? ? 'X-RAY DIFFRACTION' ? 
# 
_refine_ls_shell.pdbx_total_number_of_bins_used   6 
_refine_ls_shell.d_res_high                       2.60 
_refine_ls_shell.d_res_low                        2.76 
_refine_ls_shell.number_reflns_R_work             935 
_refine_ls_shell.R_factor_R_work                  0.2280000 
_refine_ls_shell.percent_reflns_obs               98.5 
_refine_ls_shell.R_factor_R_free                  ? 
_refine_ls_shell.R_factor_R_free_error            ? 
_refine_ls_shell.percent_reflns_R_free            ? 
_refine_ls_shell.number_reflns_R_free             ? 
_refine_ls_shell.pdbx_refine_id                   'X-RAY DIFFRACTION' 
_refine_ls_shell.number_reflns_all                ? 
_refine_ls_shell.R_factor_all                     ? 
# 
loop_
_pdbx_xplor_file.serial_no 
_pdbx_xplor_file.param_file 
_pdbx_xplor_file.topol_file 
_pdbx_xplor_file.pdbx_refine_id 
1 ECFL30.PARAM ECFL30.TOPOL 'X-RAY DIFFRACTION' 
2 PARHCSDX.PRO TOPH19X.PRO  'X-RAY DIFFRACTION' 
# 
_struct.entry_id                  1AHN 
_struct.title                     'E. COLI FLAVODOXIN AT 2.6 ANGSTROMS RESOLUTION' 
_struct.pdbx_model_details        ? 
_struct.pdbx_CASP_flag            ? 
_struct.pdbx_model_type_details   ? 
# 
_struct_keywords.entry_id        1AHN 
_struct_keywords.pdbx_keywords   'ELECTRON TRANSPORT' 
_struct_keywords.text            'ELECTRON TRANSPORT, REDUCTIVE ACTIVATION, FLAVODOXIN, FLAVOPROTEIN' 
# 
loop_
_struct_asym.id 
_struct_asym.pdbx_blank_PDB_chainid_flag 
_struct_asym.pdbx_modified 
_struct_asym.entity_id 
_struct_asym.details 
A N N 1 ? 
B N N 2 ? 
C N N 3 ? 
D N N 4 ? 
# 
_struct_ref.id                         1 
_struct_ref.db_name                    UNP 
_struct_ref.db_code                    FLAV_ECOLI 
_struct_ref.entity_id                  1 
_struct_ref.pdbx_db_accession          P61949 
_struct_ref.pdbx_align_begin           1 
_struct_ref.pdbx_seq_one_letter_code   
;AITGIFFGSDTGNTENIAKMIQKQLGKDVADVHDIAKSSKEDLEAYDILLLGIPTWYYGEAQCDWDDFFPTLEEIDFNGK
LVALFGCGDQEDYAEYFCDALGTIRDIIEPRGATIVGHWPTAGYHFEASKGLADDDHFVGLAIDEDRQPELTAERVEKWV
KQISEELHLDEILNA
;
_struct_ref.pdbx_db_isoform            ? 
# 
_struct_ref_seq.align_id                      1 
_struct_ref_seq.ref_id                        1 
_struct_ref_seq.pdbx_PDB_id_code              1AHN 
_struct_ref_seq.pdbx_strand_id                A 
_struct_ref_seq.seq_align_beg                 1 
_struct_ref_seq.pdbx_seq_align_beg_ins_code   ? 
_struct_ref_seq.seq_align_end                 175 
_struct_ref_seq.pdbx_seq_align_end_ins_code   ? 
_struct_ref_seq.pdbx_db_accession             P61949 
_struct_ref_seq.db_align_beg                  1 
_struct_ref_seq.pdbx_db_align_beg_ins_code    ? 
_struct_ref_seq.db_align_end                  175 
_struct_ref_seq.pdbx_db_align_end_ins_code    ? 
_struct_ref_seq.pdbx_auth_seq_align_beg       2 
_struct_ref_seq.pdbx_auth_seq_align_end       176 
# 
_pdbx_struct_assembly.id                   1 
_pdbx_struct_assembly.details              author_defined_assembly 
_pdbx_struct_assembly.method_details       ? 
_pdbx_struct_assembly.oligomeric_details   monomeric 
_pdbx_struct_assembly.oligomeric_count     1 
# 
_pdbx_struct_assembly_gen.assembly_id       1 
_pdbx_struct_assembly_gen.oper_expression   1 
_pdbx_struct_assembly_gen.asym_id_list      A,B,C,D 
# 
_pdbx_struct_oper_list.id                   1 
_pdbx_struct_oper_list.type                 'identity operation' 
_pdbx_struct_oper_list.name                 1_555 
_pdbx_struct_oper_list.symmetry_operation   x,y,z 
_pdbx_struct_oper_list.matrix[1][1]         1.0000000000 
_pdbx_struct_oper_list.matrix[1][2]         0.0000000000 
_pdbx_struct_oper_list.matrix[1][3]         0.0000000000 
_pdbx_struct_oper_list.vector[1]            0.0000000000 
_pdbx_struct_oper_list.matrix[2][1]         0.0000000000 
_pdbx_struct_oper_list.matrix[2][2]         1.0000000000 
_pdbx_struct_oper_list.matrix[2][3]         0.0000000000 
_pdbx_struct_oper_list.vector[2]            0.0000000000 
_pdbx_struct_oper_list.matrix[3][1]         0.0000000000 
_pdbx_struct_oper_list.matrix[3][2]         0.0000000000 
_pdbx_struct_oper_list.matrix[3][3]         1.0000000000 
_pdbx_struct_oper_list.vector[3]            0.0000000000 
# 
_struct_biol.id   1 
# 
loop_
_struct_conf.conf_type_id 
_struct_conf.id 
_struct_conf.pdbx_PDB_helix_id 
_struct_conf.beg_label_comp_id 
_struct_conf.beg_label_asym_id 
_struct_conf.beg_label_seq_id 
_struct_conf.pdbx_beg_PDB_ins_code 
_struct_conf.end_label_comp_id 
_struct_conf.end_label_asym_id 
_struct_conf.end_label_seq_id 
_struct_conf.pdbx_end_PDB_ins_code 
_struct_conf.beg_auth_comp_id 
_struct_conf.beg_auth_asym_id 
_struct_conf.beg_auth_seq_id 
_struct_conf.end_auth_comp_id 
_struct_conf.end_auth_asym_id 
_struct_conf.end_auth_seq_id 
_struct_conf.pdbx_PDB_helix_class 
_struct_conf.details 
_struct_conf.pdbx_PDB_helix_length 
HELX_P HELX_P1 1 ASN A 13  ? LEU A 25  ? ASN A 14  LEU A 26  1 ? 13 
HELX_P HELX_P2 2 ILE A 35  ? LYS A 37  ? ILE A 36  LYS A 38  5 ? 3  
HELX_P HELX_P3 3 LYS A 40  ? GLU A 44  ? LYS A 41  GLU A 45  1 ? 5  
HELX_P HELX_P4 4 CYS A 63  ? GLU A 74  ? CYS A 64  GLU A 75  1 ? 12 
HELX_P HELX_P5 5 ALA A 94  ? TYR A 96  ? ALA A 95  TYR A 97  5 ? 3  
HELX_P HELX_P6 6 ASP A 99  ? GLU A 109 ? ASP A 100 GLU A 110 1 ? 11 
HELX_P HELX_P7 7 PRO A 149 ? LEU A 167 ? PRO A 150 LEU A 168 5 ? 19 
# 
_struct_conf_type.id          HELX_P 
_struct_conf_type.criteria    ? 
_struct_conf_type.reference   ? 
# 
loop_
_struct_conn.id 
_struct_conn.conn_type_id 
_struct_conn.pdbx_leaving_atom_flag 
_struct_conn.pdbx_PDB_id 
_struct_conn.ptnr1_label_asym_id 
_struct_conn.ptnr1_label_comp_id 
_struct_conn.ptnr1_label_seq_id 
_struct_conn.ptnr1_label_atom_id 
_struct_conn.pdbx_ptnr1_label_alt_id 
_struct_conn.pdbx_ptnr1_PDB_ins_code 
_struct_conn.pdbx_ptnr1_standard_comp_id 
_struct_conn.ptnr1_symmetry 
_struct_conn.ptnr2_label_asym_id 
_struct_conn.ptnr2_label_comp_id 
_struct_conn.ptnr2_label_seq_id 
_struct_conn.ptnr2_label_atom_id 
_struct_conn.pdbx_ptnr2_label_alt_id 
_struct_conn.pdbx_ptnr2_PDB_ins_code 
_struct_conn.ptnr1_auth_asym_id 
_struct_conn.ptnr1_auth_comp_id 
_struct_conn.ptnr1_auth_seq_id 
_struct_conn.ptnr2_auth_asym_id 
_struct_conn.ptnr2_auth_comp_id 
_struct_conn.ptnr2_auth_seq_id 
_struct_conn.ptnr2_symmetry 
_struct_conn.pdbx_ptnr3_label_atom_id 
_struct_conn.pdbx_ptnr3_label_seq_id 
_struct_conn.pdbx_ptnr3_label_comp_id 
_struct_conn.pdbx_ptnr3_label_asym_id 
_struct_conn.pdbx_ptnr3_label_alt_id 
_struct_conn.pdbx_ptnr3_PDB_ins_code 
_struct_conn.details 
_struct_conn.pdbx_dist_value 
_struct_conn.pdbx_value_order 
_struct_conn.pdbx_role 
metalc1 metalc ? ? A ASP 92  O  ? ? ? 3_655 B CA  . CA ? ? A ASP 93  A CA  178 1_555 ? ? ? ? ? ? ? 2.073 ? ? 
metalc2 metalc ? ? A ARG 147 O  ? ? ? 1_555 B CA  . CA ? ? A ARG 148 A CA  178 1_555 ? ? ? ? ? ? ? 2.409 ? ? 
metalc3 metalc ? ? B CA  .   CA ? ? ? 1_555 D HOH . O  ? ? A CA  178 A HOH 185 3_655 ? ? ? ? ? ? ? 2.317 ? ? 
metalc4 metalc ? ? B CA  .   CA ? ? ? 1_555 D HOH . O  ? ? A CA  178 A HOH 219 3_655 ? ? ? ? ? ? ? 2.349 ? ? 
metalc5 metalc ? ? B CA  .   CA ? ? ? 1_555 D HOH . O  ? ? A CA  178 A HOH 231 1_555 ? ? ? ? ? ? ? 2.353 ? ? 
# 
_struct_conn_type.id          metalc 
_struct_conn_type.criteria    ? 
_struct_conn_type.reference   ? 
# 
loop_
_pdbx_struct_conn_angle.id 
_pdbx_struct_conn_angle.ptnr1_label_atom_id 
_pdbx_struct_conn_angle.ptnr1_label_alt_id 
_pdbx_struct_conn_angle.ptnr1_label_asym_id 
_pdbx_struct_conn_angle.ptnr1_label_comp_id 
_pdbx_struct_conn_angle.ptnr1_label_seq_id 
_pdbx_struct_conn_angle.ptnr1_auth_atom_id 
_pdbx_struct_conn_angle.ptnr1_auth_asym_id 
_pdbx_struct_conn_angle.ptnr1_auth_comp_id 
_pdbx_struct_conn_angle.ptnr1_auth_seq_id 
_pdbx_struct_conn_angle.ptnr1_PDB_ins_code 
_pdbx_struct_conn_angle.ptnr1_symmetry 
_pdbx_struct_conn_angle.ptnr2_label_atom_id 
_pdbx_struct_conn_angle.ptnr2_label_alt_id 
_pdbx_struct_conn_angle.ptnr2_label_asym_id 
_pdbx_struct_conn_angle.ptnr2_label_comp_id 
_pdbx_struct_conn_angle.ptnr2_label_seq_id 
_pdbx_struct_conn_angle.ptnr2_auth_atom_id 
_pdbx_struct_conn_angle.ptnr2_auth_asym_id 
_pdbx_struct_conn_angle.ptnr2_auth_comp_id 
_pdbx_struct_conn_angle.ptnr2_auth_seq_id 
_pdbx_struct_conn_angle.ptnr2_PDB_ins_code 
_pdbx_struct_conn_angle.ptnr2_symmetry 
_pdbx_struct_conn_angle.ptnr3_label_atom_id 
_pdbx_struct_conn_angle.ptnr3_label_alt_id 
_pdbx_struct_conn_angle.ptnr3_label_asym_id 
_pdbx_struct_conn_angle.ptnr3_label_comp_id 
_pdbx_struct_conn_angle.ptnr3_label_seq_id 
_pdbx_struct_conn_angle.ptnr3_auth_atom_id 
_pdbx_struct_conn_angle.ptnr3_auth_asym_id 
_pdbx_struct_conn_angle.ptnr3_auth_comp_id 
_pdbx_struct_conn_angle.ptnr3_auth_seq_id 
_pdbx_struct_conn_angle.ptnr3_PDB_ins_code 
_pdbx_struct_conn_angle.ptnr3_symmetry 
_pdbx_struct_conn_angle.value 
_pdbx_struct_conn_angle.value_esd 
1  O ? A ASP 92  ? A ASP 93  ? 3_655 CA ? B CA . ? A CA 178 ? 1_555 O ? A ARG 147 ? A ARG 148 ? 1_555 159.3 ? 
2  O ? A ASP 92  ? A ASP 93  ? 3_655 CA ? B CA . ? A CA 178 ? 1_555 O ? D HOH .   ? A HOH 185 ? 3_655 84.4  ? 
3  O ? A ARG 147 ? A ARG 148 ? 1_555 CA ? B CA . ? A CA 178 ? 1_555 O ? D HOH .   ? A HOH 185 ? 3_655 95.9  ? 
4  O ? A ASP 92  ? A ASP 93  ? 3_655 CA ? B CA . ? A CA 178 ? 1_555 O ? D HOH .   ? A HOH 219 ? 3_655 76.6  ? 
5  O ? A ARG 147 ? A ARG 148 ? 1_555 CA ? B CA . ? A CA 178 ? 1_555 O ? D HOH .   ? A HOH 219 ? 3_655 83.9  ? 
6  O ? D HOH .   ? A HOH 185 ? 3_655 CA ? B CA . ? A CA 178 ? 1_555 O ? D HOH .   ? A HOH 219 ? 3_655 71.6  ? 
7  O ? A ASP 92  ? A ASP 93  ? 3_655 CA ? B CA . ? A CA 178 ? 1_555 O ? D HOH .   ? A HOH 231 ? 1_555 86.5  ? 
8  O ? A ARG 147 ? A ARG 148 ? 1_555 CA ? B CA . ? A CA 178 ? 1_555 O ? D HOH .   ? A HOH 231 ? 1_555 83.4  ? 
9  O ? D HOH .   ? A HOH 185 ? 3_655 CA ? B CA . ? A CA 178 ? 1_555 O ? D HOH .   ? A HOH 231 ? 1_555 151.2 ? 
10 O ? D HOH .   ? A HOH 219 ? 3_655 CA ? B CA . ? A CA 178 ? 1_555 O ? D HOH .   ? A HOH 231 ? 1_555 79.8  ? 
# 
loop_
_struct_sheet.id 
_struct_sheet.type 
_struct_sheet.number_strands 
_struct_sheet.details 
A ? 5 ? 
B ? 2 ? 
# 
loop_
_struct_sheet_order.sheet_id 
_struct_sheet_order.range_id_1 
_struct_sheet_order.range_id_2 
_struct_sheet_order.offset 
_struct_sheet_order.sense 
A 1 2 ? parallel 
A 2 3 ? parallel 
A 3 4 ? parallel 
A 4 5 ? parallel 
B 1 2 ? parallel 
# 
loop_
_struct_sheet_range.sheet_id 
_struct_sheet_range.id 
_struct_sheet_range.beg_label_comp_id 
_struct_sheet_range.beg_label_asym_id 
_struct_sheet_range.beg_label_seq_id 
_struct_sheet_range.pdbx_beg_PDB_ins_code 
_struct_sheet_range.end_label_comp_id 
_struct_sheet_range.end_label_asym_id 
_struct_sheet_range.end_label_seq_id 
_struct_sheet_range.pdbx_end_PDB_ins_code 
_struct_sheet_range.beg_auth_comp_id 
_struct_sheet_range.beg_auth_asym_id 
_struct_sheet_range.beg_auth_seq_id 
_struct_sheet_range.end_auth_comp_id 
_struct_sheet_range.end_auth_asym_id 
_struct_sheet_range.end_auth_seq_id 
A 1 ALA A 30  ? ASP A 34  ? ALA A 31  ASP A 35  
A 2 THR A 3   ? GLY A 8   ? THR A 4   GLY A 9   
A 3 ILE A 48  ? ILE A 53  ? ILE A 49  ILE A 54  
A 4 LYS A 80  ? PHE A 85  ? LYS A 81  PHE A 86  
A 5 ALA A 113 ? ILE A 115 ? ALA A 114 ILE A 116 
B 1 PHE A 85  ? CYS A 87  ? PHE A 86  CYS A 88  
B 2 LEU A 141 ? ILE A 143 ? LEU A 142 ILE A 144 
# 
loop_
_pdbx_struct_sheet_hbond.sheet_id 
_pdbx_struct_sheet_hbond.range_id_1 
_pdbx_struct_sheet_hbond.range_id_2 
_pdbx_struct_sheet_hbond.range_1_label_atom_id 
_pdbx_struct_sheet_hbond.range_1_label_comp_id 
_pdbx_struct_sheet_hbond.range_1_label_asym_id 
_pdbx_struct_sheet_hbond.range_1_label_seq_id 
_pdbx_struct_sheet_hbond.range_1_PDB_ins_code 
_pdbx_struct_sheet_hbond.range_1_auth_atom_id 
_pdbx_struct_sheet_hbond.range_1_auth_comp_id 
_pdbx_struct_sheet_hbond.range_1_auth_asym_id 
_pdbx_struct_sheet_hbond.range_1_auth_seq_id 
_pdbx_struct_sheet_hbond.range_2_label_atom_id 
_pdbx_struct_sheet_hbond.range_2_label_comp_id 
_pdbx_struct_sheet_hbond.range_2_label_asym_id 
_pdbx_struct_sheet_hbond.range_2_label_seq_id 
_pdbx_struct_sheet_hbond.range_2_PDB_ins_code 
_pdbx_struct_sheet_hbond.range_2_auth_atom_id 
_pdbx_struct_sheet_hbond.range_2_auth_comp_id 
_pdbx_struct_sheet_hbond.range_2_auth_asym_id 
_pdbx_struct_sheet_hbond.range_2_auth_seq_id 
A 1 2 O ASP A 31 ? O ASP A 32 N THR A 3   ? N THR A 4   
A 2 3 O GLY A 4  ? O GLY A 5  N ILE A 48  ? N ILE A 49  
A 3 4 O LEU A 49 ? O LEU A 50 N LEU A 81  ? N LEU A 82  
A 4 5 O LYS A 80 ? O LYS A 81 N THR A 114 ? N THR A 115 
B 1 2 O GLY A 86 ? O GLY A 87 N LEU A 141 ? N LEU A 142 
# 
loop_
_struct_site.id 
_struct_site.pdbx_evidence_code 
_struct_site.pdbx_auth_asym_id 
_struct_site.pdbx_auth_comp_id 
_struct_site.pdbx_auth_seq_id 
_struct_site.pdbx_auth_ins_code 
_struct_site.pdbx_num_residues 
_struct_site.details 
FMN Unknown  ? ?   ?   ? 1  'FMN BINDING SITE.'                  
AC1 Software A CA  178 ? 5  'BINDING SITE FOR RESIDUE CA A 178'  
AC2 Software A FMN 177 ? 23 'BINDING SITE FOR RESIDUE FMN A 177' 
# 
loop_
_struct_site_gen.id 
_struct_site_gen.site_id 
_struct_site_gen.pdbx_num_res 
_struct_site_gen.label_comp_id 
_struct_site_gen.label_asym_id 
_struct_site_gen.label_seq_id 
_struct_site_gen.pdbx_auth_ins_code 
_struct_site_gen.auth_comp_id 
_struct_site_gen.auth_asym_id 
_struct_site_gen.auth_seq_id 
_struct_site_gen.label_atom_id 
_struct_site_gen.label_alt_id 
_struct_site_gen.symmetry 
_struct_site_gen.details 
1  FMN 1  FMN C .   ? FMN A 177 . ? 1_555 ? 
2  AC1 5  ASP A 92  ? ASP A 93  . ? 3_655 ? 
3  AC1 5  ARG A 147 ? ARG A 148 . ? 1_555 ? 
4  AC1 5  HOH D .   ? HOH A 185 . ? 3_655 ? 
5  AC1 5  HOH D .   ? HOH A 219 . ? 3_655 ? 
6  AC1 5  HOH D .   ? HOH A 231 . ? 1_555 ? 
7  AC2 23 SER A 9   ? SER A 10  . ? 1_555 ? 
8  AC2 23 ASP A 10  ? ASP A 11  . ? 1_555 ? 
9  AC2 23 THR A 11  ? THR A 12  . ? 4_555 ? 
10 AC2 23 THR A 11  ? THR A 12  . ? 1_555 ? 
11 AC2 23 GLY A 12  ? GLY A 13  . ? 1_555 ? 
12 AC2 23 ASN A 13  ? ASN A 14  . ? 1_555 ? 
13 AC2 23 THR A 14  ? THR A 15  . ? 1_555 ? 
14 AC2 23 PRO A 54  ? PRO A 55  . ? 1_555 ? 
15 AC2 23 THR A 55  ? THR A 56  . ? 1_555 ? 
16 AC2 23 TRP A 56  ? TRP A 57  . ? 1_555 ? 
17 AC2 23 TYR A 57  ? TYR A 58  . ? 1_555 ? 
18 AC2 23 TYR A 58  ? TYR A 59  . ? 1_555 ? 
19 AC2 23 GLY A 59  ? GLY A 60  . ? 1_555 ? 
20 AC2 23 CYS A 87  ? CYS A 88  . ? 1_555 ? 
21 AC2 23 GLY A 88  ? GLY A 89  . ? 1_555 ? 
22 AC2 23 ASP A 89  ? ASP A 90  . ? 1_555 ? 
23 AC2 23 TYR A 93  ? TYR A 94  . ? 1_555 ? 
24 AC2 23 TYR A 96  ? TYR A 97  . ? 1_555 ? 
25 AC2 23 PHE A 97  ? PHE A 98  . ? 1_555 ? 
26 AC2 23 CYS A 98  ? CYS A 99  . ? 1_555 ? 
27 AC2 23 ASP A 146 ? ASP A 147 . ? 1_555 ? 
28 AC2 23 HOH D .   ? HOH A 186 . ? 1_555 ? 
29 AC2 23 HOH D .   ? HOH A 236 . ? 1_555 ? 
# 
loop_
_pdbx_validate_torsion.id 
_pdbx_validate_torsion.PDB_model_num 
_pdbx_validate_torsion.auth_comp_id 
_pdbx_validate_torsion.auth_asym_id 
_pdbx_validate_torsion.auth_seq_id 
_pdbx_validate_torsion.PDB_ins_code 
_pdbx_validate_torsion.label_alt_id 
_pdbx_validate_torsion.phi 
_pdbx_validate_torsion.psi 
1 1 TYR A 58  ? ? 33.47   65.25  
2 1 TYR A 59  ? ? 71.35   57.59  
3 1 TYR A 97  ? ? -146.29 16.72  
4 1 PHE A 98  ? ? -46.38  100.26 
5 1 ILE A 109 ? ? -160.03 -31.56 
6 1 HIS A 126 ? ? -147.75 50.51  
7 1 ASP A 136 ? ? -78.51  32.56  
8 1 HIS A 169 ? ? 85.34   145.07 
# 
loop_
_pdbx_struct_special_symmetry.id 
_pdbx_struct_special_symmetry.PDB_model_num 
_pdbx_struct_special_symmetry.auth_asym_id 
_pdbx_struct_special_symmetry.auth_comp_id 
_pdbx_struct_special_symmetry.auth_seq_id 
_pdbx_struct_special_symmetry.PDB_ins_code 
_pdbx_struct_special_symmetry.label_asym_id 
_pdbx_struct_special_symmetry.label_comp_id 
_pdbx_struct_special_symmetry.label_seq_id 
1 1 A HOH 179 ? D HOH . 
2 1 A HOH 180 ? D HOH . 
3 1 A HOH 181 ? D HOH . 
4 1 A HOH 182 ? D HOH . 
# 
loop_
_pdbx_unobs_or_zero_occ_residues.id 
_pdbx_unobs_or_zero_occ_residues.PDB_model_num 
_pdbx_unobs_or_zero_occ_residues.polymer_flag 
_pdbx_unobs_or_zero_occ_residues.occupancy_flag 
_pdbx_unobs_or_zero_occ_residues.auth_asym_id 
_pdbx_unobs_or_zero_occ_residues.auth_comp_id 
_pdbx_unobs_or_zero_occ_residues.auth_seq_id 
_pdbx_unobs_or_zero_occ_residues.PDB_ins_code 
_pdbx_unobs_or_zero_occ_residues.label_asym_id 
_pdbx_unobs_or_zero_occ_residues.label_comp_id 
_pdbx_unobs_or_zero_occ_residues.label_seq_id 
1 1 Y 1 A ASP 171 ? A ASP 170 
2 1 Y 1 A GLU 172 ? A GLU 171 
3 1 Y 1 A ILE 173 ? A ILE 172 
4 1 Y 1 A LEU 174 ? A LEU 173 
5 1 Y 1 A ASN 175 ? A ASN 174 
6 1 Y 1 A ALA 176 ? A ALA 175 
# 
loop_
_chem_comp_atom.comp_id 
_chem_comp_atom.atom_id 
_chem_comp_atom.type_symbol 
_chem_comp_atom.pdbx_aromatic_flag 
_chem_comp_atom.pdbx_stereo_config 
_chem_comp_atom.pdbx_ordinal 
ALA N      N  N N 1   
ALA CA     C  N S 2   
ALA C      C  N N 3   
ALA O      O  N N 4   
ALA CB     C  N N 5   
ALA OXT    O  N N 6   
ALA H      H  N N 7   
ALA H2     H  N N 8   
ALA HA     H  N N 9   
ALA HB1    H  N N 10  
ALA HB2    H  N N 11  
ALA HB3    H  N N 12  
ALA HXT    H  N N 13  
ARG N      N  N N 14  
ARG CA     C  N S 15  
ARG C      C  N N 16  
ARG O      O  N N 17  
ARG CB     C  N N 18  
ARG CG     C  N N 19  
ARG CD     C  N N 20  
ARG NE     N  N N 21  
ARG CZ     C  N N 22  
ARG NH1    N  N N 23  
ARG NH2    N  N N 24  
ARG OXT    O  N N 25  
ARG H      H  N N 26  
ARG H2     H  N N 27  
ARG HA     H  N N 28  
ARG HB2    H  N N 29  
ARG HB3    H  N N 30  
ARG HG2    H  N N 31  
ARG HG3    H  N N 32  
ARG HD2    H  N N 33  
ARG HD3    H  N N 34  
ARG HE     H  N N 35  
ARG HH11   H  N N 36  
ARG HH12   H  N N 37  
ARG HH21   H  N N 38  
ARG HH22   H  N N 39  
ARG HXT    H  N N 40  
ASN N      N  N N 41  
ASN CA     C  N S 42  
ASN C      C  N N 43  
ASN O      O  N N 44  
ASN CB     C  N N 45  
ASN CG     C  N N 46  
ASN OD1    O  N N 47  
ASN ND2    N  N N 48  
ASN OXT    O  N N 49  
ASN H      H  N N 50  
ASN H2     H  N N 51  
ASN HA     H  N N 52  
ASN HB2    H  N N 53  
ASN HB3    H  N N 54  
ASN HD21   H  N N 55  
ASN HD22   H  N N 56  
ASN HXT    H  N N 57  
ASP N      N  N N 58  
ASP CA     C  N S 59  
ASP C      C  N N 60  
ASP O      O  N N 61  
ASP CB     C  N N 62  
ASP CG     C  N N 63  
ASP OD1    O  N N 64  
ASP OD2    O  N N 65  
ASP OXT    O  N N 66  
ASP H      H  N N 67  
ASP H2     H  N N 68  
ASP HA     H  N N 69  
ASP HB2    H  N N 70  
ASP HB3    H  N N 71  
ASP HD2    H  N N 72  
ASP HXT    H  N N 73  
CA  CA     CA N N 74  
CYS N      N  N N 75  
CYS CA     C  N R 76  
CYS C      C  N N 77  
CYS O      O  N N 78  
CYS CB     C  N N 79  
CYS SG     S  N N 80  
CYS OXT    O  N N 81  
CYS H      H  N N 82  
CYS H2     H  N N 83  
CYS HA     H  N N 84  
CYS HB2    H  N N 85  
CYS HB3    H  N N 86  
CYS HG     H  N N 87  
CYS HXT    H  N N 88  
FMN N1     N  N N 89  
FMN C2     C  N N 90  
FMN O2     O  N N 91  
FMN N3     N  N N 92  
FMN C4     C  N N 93  
FMN O4     O  N N 94  
FMN C4A    C  N N 95  
FMN N5     N  N N 96  
FMN C5A    C  Y N 97  
FMN C6     C  Y N 98  
FMN C7     C  Y N 99  
FMN C7M    C  N N 100 
FMN C8     C  Y N 101 
FMN C8M    C  N N 102 
FMN C9     C  Y N 103 
FMN C9A    C  Y N 104 
FMN N10    N  N N 105 
FMN C10    C  N N 106 
FMN "C1'"  C  N N 107 
FMN "C2'"  C  N S 108 
FMN "O2'"  O  N N 109 
FMN "C3'"  C  N S 110 
FMN "O3'"  O  N N 111 
FMN "C4'"  C  N R 112 
FMN "O4'"  O  N N 113 
FMN "C5'"  C  N N 114 
FMN "O5'"  O  N N 115 
FMN P      P  N N 116 
FMN O1P    O  N N 117 
FMN O2P    O  N N 118 
FMN O3P    O  N N 119 
FMN HN3    H  N N 120 
FMN H6     H  N N 121 
FMN HM71   H  N N 122 
FMN HM72   H  N N 123 
FMN HM73   H  N N 124 
FMN HM81   H  N N 125 
FMN HM82   H  N N 126 
FMN HM83   H  N N 127 
FMN H9     H  N N 128 
FMN "H1'1" H  N N 129 
FMN "H1'2" H  N N 130 
FMN "H2'"  H  N N 131 
FMN "HO2'" H  N N 132 
FMN "H3'"  H  N N 133 
FMN "HO3'" H  N N 134 
FMN "H4'"  H  N N 135 
FMN "HO4'" H  N N 136 
FMN "H5'1" H  N N 137 
FMN "H5'2" H  N N 138 
FMN HOP2   H  N N 139 
FMN HOP3   H  N N 140 
GLN N      N  N N 141 
GLN CA     C  N S 142 
GLN C      C  N N 143 
GLN O      O  N N 144 
GLN CB     C  N N 145 
GLN CG     C  N N 146 
GLN CD     C  N N 147 
GLN OE1    O  N N 148 
GLN NE2    N  N N 149 
GLN OXT    O  N N 150 
GLN H      H  N N 151 
GLN H2     H  N N 152 
GLN HA     H  N N 153 
GLN HB2    H  N N 154 
GLN HB3    H  N N 155 
GLN HG2    H  N N 156 
GLN HG3    H  N N 157 
GLN HE21   H  N N 158 
GLN HE22   H  N N 159 
GLN HXT    H  N N 160 
GLU N      N  N N 161 
GLU CA     C  N S 162 
GLU C      C  N N 163 
GLU O      O  N N 164 
GLU CB     C  N N 165 
GLU CG     C  N N 166 
GLU CD     C  N N 167 
GLU OE1    O  N N 168 
GLU OE2    O  N N 169 
GLU OXT    O  N N 170 
GLU H      H  N N 171 
GLU H2     H  N N 172 
GLU HA     H  N N 173 
GLU HB2    H  N N 174 
GLU HB3    H  N N 175 
GLU HG2    H  N N 176 
GLU HG3    H  N N 177 
GLU HE2    H  N N 178 
GLU HXT    H  N N 179 
GLY N      N  N N 180 
GLY CA     C  N N 181 
GLY C      C  N N 182 
GLY O      O  N N 183 
GLY OXT    O  N N 184 
GLY H      H  N N 185 
GLY H2     H  N N 186 
GLY HA2    H  N N 187 
GLY HA3    H  N N 188 
GLY HXT    H  N N 189 
HIS N      N  N N 190 
HIS CA     C  N S 191 
HIS C      C  N N 192 
HIS O      O  N N 193 
HIS CB     C  N N 194 
HIS CG     C  Y N 195 
HIS ND1    N  Y N 196 
HIS CD2    C  Y N 197 
HIS CE1    C  Y N 198 
HIS NE2    N  Y N 199 
HIS OXT    O  N N 200 
HIS H      H  N N 201 
HIS H2     H  N N 202 
HIS HA     H  N N 203 
HIS HB2    H  N N 204 
HIS HB3    H  N N 205 
HIS HD1    H  N N 206 
HIS HD2    H  N N 207 
HIS HE1    H  N N 208 
HIS HE2    H  N N 209 
HIS HXT    H  N N 210 
HOH O      O  N N 211 
HOH H1     H  N N 212 
HOH H2     H  N N 213 
ILE N      N  N N 214 
ILE CA     C  N S 215 
ILE C      C  N N 216 
ILE O      O  N N 217 
ILE CB     C  N S 218 
ILE CG1    C  N N 219 
ILE CG2    C  N N 220 
ILE CD1    C  N N 221 
ILE OXT    O  N N 222 
ILE H      H  N N 223 
ILE H2     H  N N 224 
ILE HA     H  N N 225 
ILE HB     H  N N 226 
ILE HG12   H  N N 227 
ILE HG13   H  N N 228 
ILE HG21   H  N N 229 
ILE HG22   H  N N 230 
ILE HG23   H  N N 231 
ILE HD11   H  N N 232 
ILE HD12   H  N N 233 
ILE HD13   H  N N 234 
ILE HXT    H  N N 235 
LEU N      N  N N 236 
LEU CA     C  N S 237 
LEU C      C  N N 238 
LEU O      O  N N 239 
LEU CB     C  N N 240 
LEU CG     C  N N 241 
LEU CD1    C  N N 242 
LEU CD2    C  N N 243 
LEU OXT    O  N N 244 
LEU H      H  N N 245 
LEU H2     H  N N 246 
LEU HA     H  N N 247 
LEU HB2    H  N N 248 
LEU HB3    H  N N 249 
LEU HG     H  N N 250 
LEU HD11   H  N N 251 
LEU HD12   H  N N 252 
LEU HD13   H  N N 253 
LEU HD21   H  N N 254 
LEU HD22   H  N N 255 
LEU HD23   H  N N 256 
LEU HXT    H  N N 257 
LYS N      N  N N 258 
LYS CA     C  N S 259 
LYS C      C  N N 260 
LYS O      O  N N 261 
LYS CB     C  N N 262 
LYS CG     C  N N 263 
LYS CD     C  N N 264 
LYS CE     C  N N 265 
LYS NZ     N  N N 266 
LYS OXT    O  N N 267 
LYS H      H  N N 268 
LYS H2     H  N N 269 
LYS HA     H  N N 270 
LYS HB2    H  N N 271 
LYS HB3    H  N N 272 
LYS HG2    H  N N 273 
LYS HG3    H  N N 274 
LYS HD2    H  N N 275 
LYS HD3    H  N N 276 
LYS HE2    H  N N 277 
LYS HE3    H  N N 278 
LYS HZ1    H  N N 279 
LYS HZ2    H  N N 280 
LYS HZ3    H  N N 281 
LYS HXT    H  N N 282 
MET N      N  N N 283 
MET CA     C  N S 284 
MET C      C  N N 285 
MET O      O  N N 286 
MET CB     C  N N 287 
MET CG     C  N N 288 
MET SD     S  N N 289 
MET CE     C  N N 290 
MET OXT    O  N N 291 
MET H      H  N N 292 
MET H2     H  N N 293 
MET HA     H  N N 294 
MET HB2    H  N N 295 
MET HB3    H  N N 296 
MET HG2    H  N N 297 
MET HG3    H  N N 298 
MET HE1    H  N N 299 
MET HE2    H  N N 300 
MET HE3    H  N N 301 
MET HXT    H  N N 302 
PHE N      N  N N 303 
PHE CA     C  N S 304 
PHE C      C  N N 305 
PHE O      O  N N 306 
PHE CB     C  N N 307 
PHE CG     C  Y N 308 
PHE CD1    C  Y N 309 
PHE CD2    C  Y N 310 
PHE CE1    C  Y N 311 
PHE CE2    C  Y N 312 
PHE CZ     C  Y N 313 
PHE OXT    O  N N 314 
PHE H      H  N N 315 
PHE H2     H  N N 316 
PHE HA     H  N N 317 
PHE HB2    H  N N 318 
PHE HB3    H  N N 319 
PHE HD1    H  N N 320 
PHE HD2    H  N N 321 
PHE HE1    H  N N 322 
PHE HE2    H  N N 323 
PHE HZ     H  N N 324 
PHE HXT    H  N N 325 
PRO N      N  N N 326 
PRO CA     C  N S 327 
PRO C      C  N N 328 
PRO O      O  N N 329 
PRO CB     C  N N 330 
PRO CG     C  N N 331 
PRO CD     C  N N 332 
PRO OXT    O  N N 333 
PRO H      H  N N 334 
PRO HA     H  N N 335 
PRO HB2    H  N N 336 
PRO HB3    H  N N 337 
PRO HG2    H  N N 338 
PRO HG3    H  N N 339 
PRO HD2    H  N N 340 
PRO HD3    H  N N 341 
PRO HXT    H  N N 342 
SER N      N  N N 343 
SER CA     C  N S 344 
SER C      C  N N 345 
SER O      O  N N 346 
SER CB     C  N N 347 
SER OG     O  N N 348 
SER OXT    O  N N 349 
SER H      H  N N 350 
SER H2     H  N N 351 
SER HA     H  N N 352 
SER HB2    H  N N 353 
SER HB3    H  N N 354 
SER HG     H  N N 355 
SER HXT    H  N N 356 
THR N      N  N N 357 
THR CA     C  N S 358 
THR C      C  N N 359 
THR O      O  N N 360 
THR CB     C  N R 361 
THR OG1    O  N N 362 
THR CG2    C  N N 363 
THR OXT    O  N N 364 
THR H      H  N N 365 
THR H2     H  N N 366 
THR HA     H  N N 367 
THR HB     H  N N 368 
THR HG1    H  N N 369 
THR HG21   H  N N 370 
THR HG22   H  N N 371 
THR HG23   H  N N 372 
THR HXT    H  N N 373 
TRP N      N  N N 374 
TRP CA     C  N S 375 
TRP C      C  N N 376 
TRP O      O  N N 377 
TRP CB     C  N N 378 
TRP CG     C  Y N 379 
TRP CD1    C  Y N 380 
TRP CD2    C  Y N 381 
TRP NE1    N  Y N 382 
TRP CE2    C  Y N 383 
TRP CE3    C  Y N 384 
TRP CZ2    C  Y N 385 
TRP CZ3    C  Y N 386 
TRP CH2    C  Y N 387 
TRP OXT    O  N N 388 
TRP H      H  N N 389 
TRP H2     H  N N 390 
TRP HA     H  N N 391 
TRP HB2    H  N N 392 
TRP HB3    H  N N 393 
TRP HD1    H  N N 394 
TRP HE1    H  N N 395 
TRP HE3    H  N N 396 
TRP HZ2    H  N N 397 
TRP HZ3    H  N N 398 
TRP HH2    H  N N 399 
TRP HXT    H  N N 400 
TYR N      N  N N 401 
TYR CA     C  N S 402 
TYR C      C  N N 403 
TYR O      O  N N 404 
TYR CB     C  N N 405 
TYR CG     C  Y N 406 
TYR CD1    C  Y N 407 
TYR CD2    C  Y N 408 
TYR CE1    C  Y N 409 
TYR CE2    C  Y N 410 
TYR CZ     C  Y N 411 
TYR OH     O  N N 412 
TYR OXT    O  N N 413 
TYR H      H  N N 414 
TYR H2     H  N N 415 
TYR HA     H  N N 416 
TYR HB2    H  N N 417 
TYR HB3    H  N N 418 
TYR HD1    H  N N 419 
TYR HD2    H  N N 420 
TYR HE1    H  N N 421 
TYR HE2    H  N N 422 
TYR HH     H  N N 423 
TYR HXT    H  N N 424 
VAL N      N  N N 425 
VAL CA     C  N S 426 
VAL C      C  N N 427 
VAL O      O  N N 428 
VAL CB     C  N N 429 
VAL CG1    C  N N 430 
VAL CG2    C  N N 431 
VAL OXT    O  N N 432 
VAL H      H  N N 433 
VAL H2     H  N N 434 
VAL HA     H  N N 435 
VAL HB     H  N N 436 
VAL HG11   H  N N 437 
VAL HG12   H  N N 438 
VAL HG13   H  N N 439 
VAL HG21   H  N N 440 
VAL HG22   H  N N 441 
VAL HG23   H  N N 442 
VAL HXT    H  N N 443 
# 
loop_
_chem_comp_bond.comp_id 
_chem_comp_bond.atom_id_1 
_chem_comp_bond.atom_id_2 
_chem_comp_bond.value_order 
_chem_comp_bond.pdbx_aromatic_flag 
_chem_comp_bond.pdbx_stereo_config 
_chem_comp_bond.pdbx_ordinal 
ALA N     CA     sing N N 1   
ALA N     H      sing N N 2   
ALA N     H2     sing N N 3   
ALA CA    C      sing N N 4   
ALA CA    CB     sing N N 5   
ALA CA    HA     sing N N 6   
ALA C     O      doub N N 7   
ALA C     OXT    sing N N 8   
ALA CB    HB1    sing N N 9   
ALA CB    HB2    sing N N 10  
ALA CB    HB3    sing N N 11  
ALA OXT   HXT    sing N N 12  
ARG N     CA     sing N N 13  
ARG N     H      sing N N 14  
ARG N     H2     sing N N 15  
ARG CA    C      sing N N 16  
ARG CA    CB     sing N N 17  
ARG CA    HA     sing N N 18  
ARG C     O      doub N N 19  
ARG C     OXT    sing N N 20  
ARG CB    CG     sing N N 21  
ARG CB    HB2    sing N N 22  
ARG CB    HB3    sing N N 23  
ARG CG    CD     sing N N 24  
ARG CG    HG2    sing N N 25  
ARG CG    HG3    sing N N 26  
ARG CD    NE     sing N N 27  
ARG CD    HD2    sing N N 28  
ARG CD    HD3    sing N N 29  
ARG NE    CZ     sing N N 30  
ARG NE    HE     sing N N 31  
ARG CZ    NH1    sing N N 32  
ARG CZ    NH2    doub N N 33  
ARG NH1   HH11   sing N N 34  
ARG NH1   HH12   sing N N 35  
ARG NH2   HH21   sing N N 36  
ARG NH2   HH22   sing N N 37  
ARG OXT   HXT    sing N N 38  
ASN N     CA     sing N N 39  
ASN N     H      sing N N 40  
ASN N     H2     sing N N 41  
ASN CA    C      sing N N 42  
ASN CA    CB     sing N N 43  
ASN CA    HA     sing N N 44  
ASN C     O      doub N N 45  
ASN C     OXT    sing N N 46  
ASN CB    CG     sing N N 47  
ASN CB    HB2    sing N N 48  
ASN CB    HB3    sing N N 49  
ASN CG    OD1    doub N N 50  
ASN CG    ND2    sing N N 51  
ASN ND2   HD21   sing N N 52  
ASN ND2   HD22   sing N N 53  
ASN OXT   HXT    sing N N 54  
ASP N     CA     sing N N 55  
ASP N     H      sing N N 56  
ASP N     H2     sing N N 57  
ASP CA    C      sing N N 58  
ASP CA    CB     sing N N 59  
ASP CA    HA     sing N N 60  
ASP C     O      doub N N 61  
ASP C     OXT    sing N N 62  
ASP CB    CG     sing N N 63  
ASP CB    HB2    sing N N 64  
ASP CB    HB3    sing N N 65  
ASP CG    OD1    doub N N 66  
ASP CG    OD2    sing N N 67  
ASP OD2   HD2    sing N N 68  
ASP OXT   HXT    sing N N 69  
CYS N     CA     sing N N 70  
CYS N     H      sing N N 71  
CYS N     H2     sing N N 72  
CYS CA    C      sing N N 73  
CYS CA    CB     sing N N 74  
CYS CA    HA     sing N N 75  
CYS C     O      doub N N 76  
CYS C     OXT    sing N N 77  
CYS CB    SG     sing N N 78  
CYS CB    HB2    sing N N 79  
CYS CB    HB3    sing N N 80  
CYS SG    HG     sing N N 81  
CYS OXT   HXT    sing N N 82  
FMN N1    C2     sing N N 83  
FMN N1    C10    doub N N 84  
FMN C2    O2     doub N N 85  
FMN C2    N3     sing N N 86  
FMN N3    C4     sing N N 87  
FMN N3    HN3    sing N N 88  
FMN C4    O4     doub N N 89  
FMN C4    C4A    sing N N 90  
FMN C4A   N5     doub N N 91  
FMN C4A   C10    sing N N 92  
FMN N5    C5A    sing N N 93  
FMN C5A   C6     doub Y N 94  
FMN C5A   C9A    sing Y N 95  
FMN C6    C7     sing Y N 96  
FMN C6    H6     sing N N 97  
FMN C7    C7M    sing N N 98  
FMN C7    C8     doub Y N 99  
FMN C7M   HM71   sing N N 100 
FMN C7M   HM72   sing N N 101 
FMN C7M   HM73   sing N N 102 
FMN C8    C8M    sing N N 103 
FMN C8    C9     sing Y N 104 
FMN C8M   HM81   sing N N 105 
FMN C8M   HM82   sing N N 106 
FMN C8M   HM83   sing N N 107 
FMN C9    C9A    doub Y N 108 
FMN C9    H9     sing N N 109 
FMN C9A   N10    sing N N 110 
FMN N10   C10    sing N N 111 
FMN N10   "C1'"  sing N N 112 
FMN "C1'" "C2'"  sing N N 113 
FMN "C1'" "H1'1" sing N N 114 
FMN "C1'" "H1'2" sing N N 115 
FMN "C2'" "O2'"  sing N N 116 
FMN "C2'" "C3'"  sing N N 117 
FMN "C2'" "H2'"  sing N N 118 
FMN "O2'" "HO2'" sing N N 119 
FMN "C3'" "O3'"  sing N N 120 
FMN "C3'" "C4'"  sing N N 121 
FMN "C3'" "H3'"  sing N N 122 
FMN "O3'" "HO3'" sing N N 123 
FMN "C4'" "O4'"  sing N N 124 
FMN "C4'" "C5'"  sing N N 125 
FMN "C4'" "H4'"  sing N N 126 
FMN "O4'" "HO4'" sing N N 127 
FMN "C5'" "O5'"  sing N N 128 
FMN "C5'" "H5'1" sing N N 129 
FMN "C5'" "H5'2" sing N N 130 
FMN "O5'" P      sing N N 131 
FMN P     O1P    doub N N 132 
FMN P     O2P    sing N N 133 
FMN P     O3P    sing N N 134 
FMN O2P   HOP2   sing N N 135 
FMN O3P   HOP3   sing N N 136 
GLN N     CA     sing N N 137 
GLN N     H      sing N N 138 
GLN N     H2     sing N N 139 
GLN CA    C      sing N N 140 
GLN CA    CB     sing N N 141 
GLN CA    HA     sing N N 142 
GLN C     O      doub N N 143 
GLN C     OXT    sing N N 144 
GLN CB    CG     sing N N 145 
GLN CB    HB2    sing N N 146 
GLN CB    HB3    sing N N 147 
GLN CG    CD     sing N N 148 
GLN CG    HG2    sing N N 149 
GLN CG    HG3    sing N N 150 
GLN CD    OE1    doub N N 151 
GLN CD    NE2    sing N N 152 
GLN NE2   HE21   sing N N 153 
GLN NE2   HE22   sing N N 154 
GLN OXT   HXT    sing N N 155 
GLU N     CA     sing N N 156 
GLU N     H      sing N N 157 
GLU N     H2     sing N N 158 
GLU CA    C      sing N N 159 
GLU CA    CB     sing N N 160 
GLU CA    HA     sing N N 161 
GLU C     O      doub N N 162 
GLU C     OXT    sing N N 163 
GLU CB    CG     sing N N 164 
GLU CB    HB2    sing N N 165 
GLU CB    HB3    sing N N 166 
GLU CG    CD     sing N N 167 
GLU CG    HG2    sing N N 168 
GLU CG    HG3    sing N N 169 
GLU CD    OE1    doub N N 170 
GLU CD    OE2    sing N N 171 
GLU OE2   HE2    sing N N 172 
GLU OXT   HXT    sing N N 173 
GLY N     CA     sing N N 174 
GLY N     H      sing N N 175 
GLY N     H2     sing N N 176 
GLY CA    C      sing N N 177 
GLY CA    HA2    sing N N 178 
GLY CA    HA3    sing N N 179 
GLY C     O      doub N N 180 
GLY C     OXT    sing N N 181 
GLY OXT   HXT    sing N N 182 
HIS N     CA     sing N N 183 
HIS N     H      sing N N 184 
HIS N     H2     sing N N 185 
HIS CA    C      sing N N 186 
HIS CA    CB     sing N N 187 
HIS CA    HA     sing N N 188 
HIS C     O      doub N N 189 
HIS C     OXT    sing N N 190 
HIS CB    CG     sing N N 191 
HIS CB    HB2    sing N N 192 
HIS CB    HB3    sing N N 193 
HIS CG    ND1    sing Y N 194 
HIS CG    CD2    doub Y N 195 
HIS ND1   CE1    doub Y N 196 
HIS ND1   HD1    sing N N 197 
HIS CD2   NE2    sing Y N 198 
HIS CD2   HD2    sing N N 199 
HIS CE1   NE2    sing Y N 200 
HIS CE1   HE1    sing N N 201 
HIS NE2   HE2    sing N N 202 
HIS OXT   HXT    sing N N 203 
HOH O     H1     sing N N 204 
HOH O     H2     sing N N 205 
ILE N     CA     sing N N 206 
ILE N     H      sing N N 207 
ILE N     H2     sing N N 208 
ILE CA    C      sing N N 209 
ILE CA    CB     sing N N 210 
ILE CA    HA     sing N N 211 
ILE C     O      doub N N 212 
ILE C     OXT    sing N N 213 
ILE CB    CG1    sing N N 214 
ILE CB    CG2    sing N N 215 
ILE CB    HB     sing N N 216 
ILE CG1   CD1    sing N N 217 
ILE CG1   HG12   sing N N 218 
ILE CG1   HG13   sing N N 219 
ILE CG2   HG21   sing N N 220 
ILE CG2   HG22   sing N N 221 
ILE CG2   HG23   sing N N 222 
ILE CD1   HD11   sing N N 223 
ILE CD1   HD12   sing N N 224 
ILE CD1   HD13   sing N N 225 
ILE OXT   HXT    sing N N 226 
LEU N     CA     sing N N 227 
LEU N     H      sing N N 228 
LEU N     H2     sing N N 229 
LEU CA    C      sing N N 230 
LEU CA    CB     sing N N 231 
LEU CA    HA     sing N N 232 
LEU C     O      doub N N 233 
LEU C     OXT    sing N N 234 
LEU CB    CG     sing N N 235 
LEU CB    HB2    sing N N 236 
LEU CB    HB3    sing N N 237 
LEU CG    CD1    sing N N 238 
LEU CG    CD2    sing N N 239 
LEU CG    HG     sing N N 240 
LEU CD1   HD11   sing N N 241 
LEU CD1   HD12   sing N N 242 
LEU CD1   HD13   sing N N 243 
LEU CD2   HD21   sing N N 244 
LEU CD2   HD22   sing N N 245 
LEU CD2   HD23   sing N N 246 
LEU OXT   HXT    sing N N 247 
LYS N     CA     sing N N 248 
LYS N     H      sing N N 249 
LYS N     H2     sing N N 250 
LYS CA    C      sing N N 251 
LYS CA    CB     sing N N 252 
LYS CA    HA     sing N N 253 
LYS C     O      doub N N 254 
LYS C     OXT    sing N N 255 
LYS CB    CG     sing N N 256 
LYS CB    HB2    sing N N 257 
LYS CB    HB3    sing N N 258 
LYS CG    CD     sing N N 259 
LYS CG    HG2    sing N N 260 
LYS CG    HG3    sing N N 261 
LYS CD    CE     sing N N 262 
LYS CD    HD2    sing N N 263 
LYS CD    HD3    sing N N 264 
LYS CE    NZ     sing N N 265 
LYS CE    HE2    sing N N 266 
LYS CE    HE3    sing N N 267 
LYS NZ    HZ1    sing N N 268 
LYS NZ    HZ2    sing N N 269 
LYS NZ    HZ3    sing N N 270 
LYS OXT   HXT    sing N N 271 
MET N     CA     sing N N 272 
MET N     H      sing N N 273 
MET N     H2     sing N N 274 
MET CA    C      sing N N 275 
MET CA    CB     sing N N 276 
MET CA    HA     sing N N 277 
MET C     O      doub N N 278 
MET C     OXT    sing N N 279 
MET CB    CG     sing N N 280 
MET CB    HB2    sing N N 281 
MET CB    HB3    sing N N 282 
MET CG    SD     sing N N 283 
MET CG    HG2    sing N N 284 
MET CG    HG3    sing N N 285 
MET SD    CE     sing N N 286 
MET CE    HE1    sing N N 287 
MET CE    HE2    sing N N 288 
MET CE    HE3    sing N N 289 
MET OXT   HXT    sing N N 290 
PHE N     CA     sing N N 291 
PHE N     H      sing N N 292 
PHE N     H2     sing N N 293 
PHE CA    C      sing N N 294 
PHE CA    CB     sing N N 295 
PHE CA    HA     sing N N 296 
PHE C     O      doub N N 297 
PHE C     OXT    sing N N 298 
PHE CB    CG     sing N N 299 
PHE CB    HB2    sing N N 300 
PHE CB    HB3    sing N N 301 
PHE CG    CD1    doub Y N 302 
PHE CG    CD2    sing Y N 303 
PHE CD1   CE1    sing Y N 304 
PHE CD1   HD1    sing N N 305 
PHE CD2   CE2    doub Y N 306 
PHE CD2   HD2    sing N N 307 
PHE CE1   CZ     doub Y N 308 
PHE CE1   HE1    sing N N 309 
PHE CE2   CZ     sing Y N 310 
PHE CE2   HE2    sing N N 311 
PHE CZ    HZ     sing N N 312 
PHE OXT   HXT    sing N N 313 
PRO N     CA     sing N N 314 
PRO N     CD     sing N N 315 
PRO N     H      sing N N 316 
PRO CA    C      sing N N 317 
PRO CA    CB     sing N N 318 
PRO CA    HA     sing N N 319 
PRO C     O      doub N N 320 
PRO C     OXT    sing N N 321 
PRO CB    CG     sing N N 322 
PRO CB    HB2    sing N N 323 
PRO CB    HB3    sing N N 324 
PRO CG    CD     sing N N 325 
PRO CG    HG2    sing N N 326 
PRO CG    HG3    sing N N 327 
PRO CD    HD2    sing N N 328 
PRO CD    HD3    sing N N 329 
PRO OXT   HXT    sing N N 330 
SER N     CA     sing N N 331 
SER N     H      sing N N 332 
SER N     H2     sing N N 333 
SER CA    C      sing N N 334 
SER CA    CB     sing N N 335 
SER CA    HA     sing N N 336 
SER C     O      doub N N 337 
SER C     OXT    sing N N 338 
SER CB    OG     sing N N 339 
SER CB    HB2    sing N N 340 
SER CB    HB3    sing N N 341 
SER OG    HG     sing N N 342 
SER OXT   HXT    sing N N 343 
THR N     CA     sing N N 344 
THR N     H      sing N N 345 
THR N     H2     sing N N 346 
THR CA    C      sing N N 347 
THR CA    CB     sing N N 348 
THR CA    HA     sing N N 349 
THR C     O      doub N N 350 
THR C     OXT    sing N N 351 
THR CB    OG1    sing N N 352 
THR CB    CG2    sing N N 353 
THR CB    HB     sing N N 354 
THR OG1   HG1    sing N N 355 
THR CG2   HG21   sing N N 356 
THR CG2   HG22   sing N N 357 
THR CG2   HG23   sing N N 358 
THR OXT   HXT    sing N N 359 
TRP N     CA     sing N N 360 
TRP N     H      sing N N 361 
TRP N     H2     sing N N 362 
TRP CA    C      sing N N 363 
TRP CA    CB     sing N N 364 
TRP CA    HA     sing N N 365 
TRP C     O      doub N N 366 
TRP C     OXT    sing N N 367 
TRP CB    CG     sing N N 368 
TRP CB    HB2    sing N N 369 
TRP CB    HB3    sing N N 370 
TRP CG    CD1    doub Y N 371 
TRP CG    CD2    sing Y N 372 
TRP CD1   NE1    sing Y N 373 
TRP CD1   HD1    sing N N 374 
TRP CD2   CE2    doub Y N 375 
TRP CD2   CE3    sing Y N 376 
TRP NE1   CE2    sing Y N 377 
TRP NE1   HE1    sing N N 378 
TRP CE2   CZ2    sing Y N 379 
TRP CE3   CZ3    doub Y N 380 
TRP CE3   HE3    sing N N 381 
TRP CZ2   CH2    doub Y N 382 
TRP CZ2   HZ2    sing N N 383 
TRP CZ3   CH2    sing Y N 384 
TRP CZ3   HZ3    sing N N 385 
TRP CH2   HH2    sing N N 386 
TRP OXT   HXT    sing N N 387 
TYR N     CA     sing N N 388 
TYR N     H      sing N N 389 
TYR N     H2     sing N N 390 
TYR CA    C      sing N N 391 
TYR CA    CB     sing N N 392 
TYR CA    HA     sing N N 393 
TYR C     O      doub N N 394 
TYR C     OXT    sing N N 395 
TYR CB    CG     sing N N 396 
TYR CB    HB2    sing N N 397 
TYR CB    HB3    sing N N 398 
TYR CG    CD1    doub Y N 399 
TYR CG    CD2    sing Y N 400 
TYR CD1   CE1    sing Y N 401 
TYR CD1   HD1    sing N N 402 
TYR CD2   CE2    doub Y N 403 
TYR CD2   HD2    sing N N 404 
TYR CE1   CZ     doub Y N 405 
TYR CE1   HE1    sing N N 406 
TYR CE2   CZ     sing Y N 407 
TYR CE2   HE2    sing N N 408 
TYR CZ    OH     sing N N 409 
TYR OH    HH     sing N N 410 
TYR OXT   HXT    sing N N 411 
VAL N     CA     sing N N 412 
VAL N     H      sing N N 413 
VAL N     H2     sing N N 414 
VAL CA    C      sing N N 415 
VAL CA    CB     sing N N 416 
VAL CA    HA     sing N N 417 
VAL C     O      doub N N 418 
VAL C     OXT    sing N N 419 
VAL CB    CG1    sing N N 420 
VAL CB    CG2    sing N N 421 
VAL CB    HB     sing N N 422 
VAL CG1   HG11   sing N N 423 
VAL CG1   HG12   sing N N 424 
VAL CG1   HG13   sing N N 425 
VAL CG2   HG21   sing N N 426 
VAL CG2   HG22   sing N N 427 
VAL CG2   HG23   sing N N 428 
VAL OXT   HXT    sing N N 429 
# 
_atom_sites.entry_id                    1AHN 
_atom_sites.fract_transf_matrix[1][1]   0.01353054 
_atom_sites.fract_transf_matrix[1][2]   -0.00477370 
_atom_sites.fract_transf_matrix[1][3]   -0.00295158 
_atom_sites.fract_transf_matrix[2][1]   0.00466295 
_atom_sites.fract_transf_matrix[2][2]   -0.01271199 
_atom_sites.fract_transf_matrix[2][3]   0.00558804 
_atom_sites.fract_transf_matrix[3][1]   -0.00663468 
_atom_sites.fract_transf_matrix[3][2]   -0.00923664 
_atom_sites.fract_transf_matrix[3][3]   -0.01547571 
_atom_sites.fract_transf_vector[1]      0.333473 
_atom_sites.fract_transf_vector[2]      -0.019636 
_atom_sites.fract_transf_vector[3]      -0.237120 
# 
loop_
_atom_type.symbol 
C  
CA 
N  
O  
P  
S  
# 
loop_
_atom_site.group_PDB 
_atom_site.id 
_atom_site.type_symbol 
_atom_site.label_atom_id 
_atom_site.label_alt_id 
_atom_site.label_comp_id 
_atom_site.label_asym_id 
_atom_site.label_entity_id 
_atom_site.label_seq_id 
_atom_site.pdbx_PDB_ins_code 
_atom_site.Cartn_x 
_atom_site.Cartn_y 
_atom_site.Cartn_z 
_atom_site.occupancy 
_atom_site.B_iso_or_equiv 
_atom_site.pdbx_formal_charge 
_atom_site.auth_seq_id 
_atom_site.auth_comp_id 
_atom_site.auth_asym_id 
_atom_site.auth_atom_id 
_atom_site.pdbx_PDB_model_num 
ATOM   1    N  N     . ALA A 1 1   ? 4.466   -17.426 3.641   1.00 43.57 ? 2   ALA A N     1 
ATOM   2    C  CA    . ALA A 1 1   ? 3.004   -17.335 3.906   1.00 42.18 ? 2   ALA A CA    1 
ATOM   3    C  C     . ALA A 1 1   ? 2.805   -16.507 5.167   1.00 41.45 ? 2   ALA A C     1 
ATOM   4    O  O     . ALA A 1 1   ? 1.689   -16.367 5.675   1.00 43.08 ? 2   ALA A O     1 
ATOM   5    C  CB    . ALA A 1 1   ? 2.408   -18.727 4.076   1.00 41.02 ? 2   ALA A CB    1 
ATOM   6    N  N     . ILE A 1 2   ? 3.907   -15.940 5.646   1.00 39.55 ? 3   ILE A N     1 
ATOM   7    C  CA    . ILE A 1 2   ? 3.903   -15.112 6.840   1.00 36.67 ? 3   ILE A CA    1 
ATOM   8    C  C     . ILE A 1 2   ? 3.209   -13.791 6.471   1.00 33.73 ? 3   ILE A C     1 
ATOM   9    O  O     . ILE A 1 2   ? 2.419   -13.252 7.254   1.00 33.16 ? 3   ILE A O     1 
ATOM   10   C  CB    . ILE A 1 2   ? 5.378   -14.865 7.353   1.00 36.84 ? 3   ILE A CB    1 
ATOM   11   C  CG1   . ILE A 1 2   ? 6.136   -16.190 7.487   1.00 35.18 ? 3   ILE A CG1   1 
ATOM   12   C  CG2   . ILE A 1 2   ? 5.384   -14.219 8.735   1.00 37.43 ? 3   ILE A CG2   1 
ATOM   13   C  CD1   . ILE A 1 2   ? 6.768   -16.702 6.205   1.00 38.47 ? 3   ILE A CD1   1 
ATOM   14   N  N     . THR A 1 3   ? 3.429   -13.353 5.228   1.00 32.63 ? 4   THR A N     1 
ATOM   15   C  CA    . THR A 1 3   ? 2.873   -12.105 4.715   1.00 28.91 ? 4   THR A CA    1 
ATOM   16   C  C     . THR A 1 3   ? 1.818   -12.293 3.628   1.00 25.98 ? 4   THR A C     1 
ATOM   17   O  O     . THR A 1 3   ? 1.978   -13.150 2.749   1.00 26.83 ? 4   THR A O     1 
ATOM   18   C  CB    . THR A 1 3   ? 3.979   -11.257 4.120   1.00 29.71 ? 4   THR A CB    1 
ATOM   19   O  OG1   . THR A 1 3   ? 5.119   -11.310 4.974   1.00 30.00 ? 4   THR A OG1   1 
ATOM   20   C  CG2   . THR A 1 3   ? 3.525   -9.821  3.978   1.00 36.48 ? 4   THR A CG2   1 
ATOM   21   N  N     . GLY A 1 4   ? 0.758   -11.483 3.688   1.00 20.96 ? 5   GLY A N     1 
ATOM   22   C  CA    . GLY A 1 4   ? -0.311  -11.541 2.707   1.00 12.63 ? 5   GLY A CA    1 
ATOM   23   C  C     . GLY A 1 4   ? -0.439  -10.233 1.957   1.00 13.79 ? 5   GLY A C     1 
ATOM   24   O  O     . GLY A 1 4   ? -0.907  -9.249  2.508   1.00 12.84 ? 5   GLY A O     1 
ATOM   25   N  N     . ILE A 1 5   ? -0.010  -10.212 0.704   1.00 14.23 ? 6   ILE A N     1 
ATOM   26   C  CA    . ILE A 1 5   ? -0.084  -9.004  -0.114  1.00 18.87 ? 6   ILE A CA    1 
ATOM   27   C  C     . ILE A 1 5   ? -1.442  -8.879  -0.803  1.00 18.22 ? 6   ILE A C     1 
ATOM   28   O  O     . ILE A 1 5   ? -1.797  -9.697  -1.647  1.00 21.00 ? 6   ILE A O     1 
ATOM   29   C  CB    . ILE A 1 5   ? 1.029   -8.984  -1.197  1.00 16.37 ? 6   ILE A CB    1 
ATOM   30   C  CG1   . ILE A 1 5   ? 2.403   -9.060  -0.534  1.00 19.04 ? 6   ILE A CG1   1 
ATOM   31   C  CG2   . ILE A 1 5   ? 0.977   -7.691  -1.996  1.00 17.45 ? 6   ILE A CG2   1 
ATOM   32   C  CD1   . ILE A 1 5   ? 3.526   -9.262  -1.505  1.00 17.37 ? 6   ILE A CD1   1 
ATOM   33   N  N     . PHE A 1 6   ? -2.204  -7.861  -0.434  1.00 18.24 ? 7   PHE A N     1 
ATOM   34   C  CA    . PHE A 1 6   ? -3.510  -7.630  -1.033  1.00 21.72 ? 7   PHE A CA    1 
ATOM   35   C  C     . PHE A 1 6   ? -3.514  -6.321  -1.822  1.00 24.11 ? 7   PHE A C     1 
ATOM   36   O  O     . PHE A 1 6   ? -3.352  -5.232  -1.259  1.00 22.54 ? 7   PHE A O     1 
ATOM   37   C  CB    . PHE A 1 6   ? -4.588  -7.625  0.043   1.00 24.70 ? 7   PHE A CB    1 
ATOM   38   C  CG    . PHE A 1 6   ? -4.696  -8.925  0.783   1.00 29.95 ? 7   PHE A CG    1 
ATOM   39   C  CD1   . PHE A 1 6   ? -3.788  -9.248  1.783   1.00 28.62 ? 7   PHE A CD1   1 
ATOM   40   C  CD2   . PHE A 1 6   ? -5.703  -9.832  0.476   1.00 30.58 ? 7   PHE A CD2   1 
ATOM   41   C  CE1   . PHE A 1 6   ? -3.883  -10.447 2.466   1.00 30.50 ? 7   PHE A CE1   1 
ATOM   42   C  CE2   . PHE A 1 6   ? -5.804  -11.037 1.157   1.00 28.90 ? 7   PHE A CE2   1 
ATOM   43   C  CZ    . PHE A 1 6   ? -4.894  -11.343 2.152   1.00 30.98 ? 7   PHE A CZ    1 
ATOM   44   N  N     . PHE A 1 7   ? -3.694  -6.437  -3.132  1.00 24.81 ? 8   PHE A N     1 
ATOM   45   C  CA    . PHE A 1 7   ? -3.687  -5.276  -3.999  1.00 23.91 ? 8   PHE A CA    1 
ATOM   46   C  C     . PHE A 1 7   ? -4.982  -5.059  -4.716  1.00 19.18 ? 8   PHE A C     1 
ATOM   47   O  O     . PHE A 1 7   ? -5.761  -5.973  -4.916  1.00 15.27 ? 8   PHE A O     1 
ATOM   48   C  CB    . PHE A 1 7   ? -2.596  -5.413  -5.064  1.00 23.98 ? 8   PHE A CB    1 
ATOM   49   C  CG    . PHE A 1 7   ? -2.952  -6.362  -6.185  1.00 23.75 ? 8   PHE A CG    1 
ATOM   50   C  CD1   . PHE A 1 7   ? -3.712  -5.936  -7.264  1.00 21.56 ? 8   PHE A CD1   1 
ATOM   51   C  CD2   . PHE A 1 7   ? -2.507  -7.675  -6.171  1.00 24.27 ? 8   PHE A CD2   1 
ATOM   52   C  CE1   . PHE A 1 7   ? -4.011  -6.796  -8.292  1.00 22.93 ? 8   PHE A CE1   1 
ATOM   53   C  CE2   . PHE A 1 7   ? -2.809  -8.546  -7.206  1.00 19.51 ? 8   PHE A CE2   1 
ATOM   54   C  CZ    . PHE A 1 7   ? -3.558  -8.108  -8.260  1.00 16.32 ? 8   PHE A CZ    1 
ATOM   55   N  N     . GLY A 1 8   ? -5.125  -3.833  -5.182  1.00 26.60 ? 9   GLY A N     1 
ATOM   56   C  CA    . GLY A 1 8   ? -6.257  -3.398  -5.976  1.00 28.56 ? 9   GLY A CA    1 
ATOM   57   C  C     . GLY A 1 8   ? -5.514  -2.786  -7.153  1.00 32.80 ? 9   GLY A C     1 
ATOM   58   O  O     . GLY A 1 8   ? -4.430  -2.212  -6.981  1.00 36.24 ? 9   GLY A O     1 
ATOM   59   N  N     . SER A 1 9   ? -6.016  -2.963  -8.362  1.00 34.42 ? 10  SER A N     1 
ATOM   60   C  CA    . SER A 1 9   ? -5.329  -2.400  -9.510  1.00 30.19 ? 10  SER A CA    1 
ATOM   61   C  C     . SER A 1 9   ? -6.350  -2.246  -10.596 1.00 30.49 ? 10  SER A C     1 
ATOM   62   O  O     . SER A 1 9   ? -7.201  -3.116  -10.767 1.00 35.81 ? 10  SER A O     1 
ATOM   63   C  CB    . SER A 1 9   ? -4.223  -3.348  -9.960  1.00 25.13 ? 10  SER A CB    1 
ATOM   64   O  OG    . SER A 1 9   ? -3.356  -2.708  -10.871 1.00 20.61 ? 10  SER A OG    1 
ATOM   65   N  N     . ASP A 1 10  ? -6.327  -1.119  -11.290 1.00 33.11 ? 11  ASP A N     1 
ATOM   66   C  CA    . ASP A 1 10  ? -7.291  -0.925  -12.364 1.00 31.89 ? 11  ASP A CA    1 
ATOM   67   C  C     . ASP A 1 10  ? -6.678  -0.919  -13.761 1.00 28.95 ? 11  ASP A C     1 
ATOM   68   O  O     . ASP A 1 10  ? -7.277  -1.455  -14.689 1.00 30.42 ? 11  ASP A O     1 
ATOM   69   C  CB    . ASP A 1 10  ? -8.209  0.270   -12.083 1.00 32.14 ? 11  ASP A CB    1 
ATOM   70   C  CG    . ASP A 1 10  ? -9.392  -0.102  -11.173 1.00 32.65 ? 11  ASP A CG    1 
ATOM   71   O  OD1   . ASP A 1 10  ? -9.857  -1.257  -11.250 1.00 31.47 ? 11  ASP A OD1   1 
ATOM   72   O  OD2   . ASP A 1 10  ? -9.867  0.744   -10.386 1.00 31.20 ? 11  ASP A OD2   1 
ATOM   73   N  N     . THR A 1 11  ? -5.461  -0.390  -13.891 1.00 26.87 ? 12  THR A N     1 
ATOM   74   C  CA    . THR A 1 11  ? -4.749  -0.371  -15.173 1.00 21.00 ? 12  THR A CA    1 
ATOM   75   C  C     . THR A 1 11  ? -3.443  -1.153  -15.085 1.00 20.10 ? 12  THR A C     1 
ATOM   76   O  O     . THR A 1 11  ? -2.514  -0.940  -15.882 1.00 23.83 ? 12  THR A O     1 
ATOM   77   C  CB    . THR A 1 11  ? -4.469  1.057   -15.675 1.00 20.67 ? 12  THR A CB    1 
ATOM   78   O  OG1   . THR A 1 11  ? -4.130  1.905   -14.572 1.00 25.93 ? 12  THR A OG1   1 
ATOM   79   C  CG2   . THR A 1 11  ? -5.692  1.618   -16.389 1.00 16.87 ? 12  THR A CG2   1 
ATOM   80   N  N     . GLY A 1 12  ? -3.363  -1.999  -14.055 1.00 18.84 ? 13  GLY A N     1 
ATOM   81   C  CA    . GLY A 1 12  ? -2.222  -2.870  -13.828 1.00 11.57 ? 13  GLY A CA    1 
ATOM   82   C  C     . GLY A 1 12  ? -1.015  -2.441  -13.003 1.00 18.04 ? 13  GLY A C     1 
ATOM   83   O  O     . GLY A 1 12  ? -0.258  -3.297  -12.526 1.00 23.42 ? 13  GLY A O     1 
ATOM   84   N  N     . ASN A 1 13  ? -0.846  -1.152  -12.745 1.00 15.90 ? 14  ASN A N     1 
ATOM   85   C  CA    . ASN A 1 13  ? 0.338   -0.716  -12.033 1.00 9.35  ? 14  ASN A CA    1 
ATOM   86   C  C     . ASN A 1 13  ? 0.512   -1.311  -10.649 1.00 12.07 ? 14  ASN A C     1 
ATOM   87   O  O     . ASN A 1 13  ? 1.483   -2.029  -10.396 1.00 10.09 ? 14  ASN A O     1 
ATOM   88   C  CB    . ASN A 1 13  ? 0.403   0.801   -12.019 1.00 4.38  ? 14  ASN A CB    1 
ATOM   89   C  CG    . ASN A 1 13  ? 0.602   1.383   -13.408 1.00 5.68  ? 14  ASN A CG    1 
ATOM   90   O  OD1   . ASN A 1 13  ? -0.026  2.360   -13.775 1.00 6.03  ? 14  ASN A OD1   1 
ATOM   91   N  ND2   . ASN A 1 13  ? 1.492   0.785   -14.180 1.00 5.26  ? 14  ASN A ND2   1 
ATOM   92   N  N     . THR A 1 14  ? -0.448  -1.089  -9.768  1.00 11.56 ? 15  THR A N     1 
ATOM   93   C  CA    . THR A 1 14  ? -0.312  -1.619  -8.427  1.00 17.62 ? 15  THR A CA    1 
ATOM   94   C  C     . THR A 1 14  ? -0.139  -3.141  -8.444  1.00 21.16 ? 15  THR A C     1 
ATOM   95   O  O     . THR A 1 14  ? 0.682   -3.687  -7.713  1.00 25.63 ? 15  THR A O     1 
ATOM   96   C  CB    . THR A 1 14  ? -1.477  -1.184  -7.546  1.00 17.93 ? 15  THR A CB    1 
ATOM   97   O  OG1   . THR A 1 14  ? -1.586  0.248   -7.594  1.00 14.86 ? 15  THR A OG1   1 
ATOM   98   C  CG2   . THR A 1 14  ? -1.242  -1.618  -6.125  1.00 3.87  ? 15  THR A CG2   1 
ATOM   99   N  N     . GLU A 1 15  ? -0.823  -3.808  -9.364  1.00 22.12 ? 16  GLU A N     1 
ATOM   100  C  CA    . GLU A 1 15  ? -0.723  -5.254  -9.494  1.00 19.42 ? 16  GLU A CA    1 
ATOM   101  C  C     . GLU A 1 15  ? 0.737   -5.664  -9.783  1.00 18.60 ? 16  GLU A C     1 
ATOM   102  O  O     . GLU A 1 15  ? 1.207   -6.693  -9.301  1.00 14.10 ? 16  GLU A O     1 
ATOM   103  C  CB    . GLU A 1 15  ? -1.657  -5.705  -10.600 1.00 19.45 ? 16  GLU A CB    1 
ATOM   104  C  CG    . GLU A 1 15  ? -1.741  -7.189  -10.811 1.00 30.57 ? 16  GLU A CG    1 
ATOM   105  C  CD    . GLU A 1 15  ? -2.800  -7.555  -11.839 1.00 34.18 ? 16  GLU A CD    1 
ATOM   106  O  OE1   . GLU A 1 15  ? -3.826  -6.836  -11.915 1.00 38.84 ? 16  GLU A OE1   1 
ATOM   107  O  OE2   . GLU A 1 15  ? -2.609  -8.557  -12.567 1.00 34.61 ? 16  GLU A OE2   1 
ATOM   108  N  N     . ASN A 1 16  ? 1.471   -4.844  -10.530 1.00 17.76 ? 17  ASN A N     1 
ATOM   109  C  CA    . ASN A 1 16  ? 2.864   -5.170  -10.800 1.00 17.75 ? 17  ASN A CA    1 
ATOM   110  C  C     . ASN A 1 16  ? 3.728   -4.902  -9.563  1.00 18.86 ? 17  ASN A C     1 
ATOM   111  O  O     . ASN A 1 16  ? 4.579   -5.727  -9.204  1.00 15.03 ? 17  ASN A O     1 
ATOM   112  C  CB    . ASN A 1 16  ? 3.412   -4.459  -12.062 1.00 27.14 ? 17  ASN A CB    1 
ATOM   113  C  CG    . ASN A 1 16  ? 3.733   -2.958  -11.851 1.00 44.36 ? 17  ASN A CG    1 
ATOM   114  O  OD1   . ASN A 1 16  ? 4.321   -2.564  -10.844 1.00 49.73 ? 17  ASN A OD1   1 
ATOM   115  N  ND2   . ASN A 1 16  ? 3.389   -2.127  -12.846 1.00 45.69 ? 17  ASN A ND2   1 
ATOM   116  N  N     . ILE A 1 17  ? 3.471   -3.796  -8.866  1.00 15.77 ? 18  ILE A N     1 
ATOM   117  C  CA    . ILE A 1 17  ? 4.264   -3.472  -7.679  1.00 12.91 ? 18  ILE A CA    1 
ATOM   118  C  C     . ILE A 1 17  ? 4.142   -4.618  -6.688  1.00 14.14 ? 18  ILE A C     1 
ATOM   119  O  O     . ILE A 1 17  ? 5.143   -5.118  -6.196  1.00 14.43 ? 18  ILE A O     1 
ATOM   120  C  CB    . ILE A 1 17  ? 3.818   -2.156  -7.004  1.00 13.59 ? 18  ILE A CB    1 
ATOM   121  C  CG1   . ILE A 1 17  ? 3.777   -1.012  -8.022  1.00 10.32 ? 18  ILE A CG1   1 
ATOM   122  C  CG2   . ILE A 1 17  ? 4.757   -1.807  -5.853  1.00 13.91 ? 18  ILE A CG2   1 
ATOM   123  C  CD1   . ILE A 1 17  ? 5.065   -0.817  -8.794  1.00 12.07 ? 18  ILE A CD1   1 
ATOM   124  N  N     . ALA A 1 18  ? 2.917   -5.095  -6.478  1.00 16.06 ? 19  ALA A N     1 
ATOM   125  C  CA    . ALA A 1 18  ? 2.661   -6.203  -5.557  1.00 19.76 ? 19  ALA A CA    1 
ATOM   126  C  C     . ALA A 1 18  ? 3.539   -7.378  -5.926  1.00 23.28 ? 19  ALA A C     1 
ATOM   127  O  O     . ALA A 1 18  ? 4.194   -7.989  -5.065  1.00 24.27 ? 19  ALA A O     1 
ATOM   128  C  CB    . ALA A 1 18  ? 1.205   -6.623  -5.613  1.00 16.82 ? 19  ALA A CB    1 
ATOM   129  N  N     . LYS A 1 19  ? 3.588   -7.657  -7.222  1.00 25.46 ? 20  LYS A N     1 
ATOM   130  C  CA    . LYS A 1 19  ? 4.383   -8.769  -7.717  1.00 28.82 ? 20  LYS A CA    1 
ATOM   131  C  C     . LYS A 1 19  ? 5.895   -8.556  -7.611  1.00 27.65 ? 20  LYS A C     1 
ATOM   132  O  O     . LYS A 1 19  ? 6.640   -9.505  -7.382  1.00 30.83 ? 20  LYS A O     1 
ATOM   133  C  CB    . LYS A 1 19  ? 3.937   -9.160  -9.135  1.00 31.61 ? 20  LYS A CB    1 
ATOM   134  C  CG    . LYS A 1 19  ? 2.460   -9.650  -9.191  1.00 34.16 ? 20  LYS A CG    1 
ATOM   135  C  CD    . LYS A 1 19  ? 2.068   -10.287 -10.530 1.00 35.26 ? 20  LYS A CD    1 
ATOM   136  C  CE    . LYS A 1 19  ? 0.581   -10.673 -10.561 1.00 42.88 ? 20  LYS A CE    1 
ATOM   137  N  NZ    . LYS A 1 19  ? 0.126   -11.264 -11.864 1.00 45.23 ? 20  LYS A NZ    1 
ATOM   138  N  N     . MET A 1 20  ? 6.360   -7.321  -7.745  1.00 25.99 ? 21  MET A N     1 
ATOM   139  C  CA    . MET A 1 20  ? 7.792   -7.095  -7.617  1.00 22.33 ? 21  MET A CA    1 
ATOM   140  C  C     . MET A 1 20  ? 8.095   -7.369  -6.166  1.00 19.83 ? 21  MET A C     1 
ATOM   141  O  O     . MET A 1 20  ? 9.013   -8.121  -5.838  1.00 20.35 ? 21  MET A O     1 
ATOM   142  C  CB    . MET A 1 20  ? 8.173   -5.654  -7.939  1.00 17.75 ? 21  MET A CB    1 
ATOM   143  C  CG    . MET A 1 20  ? 7.760   -5.178  -9.305  1.00 20.10 ? 21  MET A CG    1 
ATOM   144  S  SD    . MET A 1 20  ? 8.580   -3.628  -9.741  1.00 20.19 ? 21  MET A SD    1 
ATOM   145  C  CE    . MET A 1 20  ? 8.141   -3.473  -11.459 1.00 25.34 ? 21  MET A CE    1 
ATOM   146  N  N     . ILE A 1 21  ? 7.240   -6.809  -5.310  1.00 19.19 ? 22  ILE A N     1 
ATOM   147  C  CA    . ILE A 1 21  ? 7.365   -6.931  -3.866  1.00 16.48 ? 22  ILE A CA    1 
ATOM   148  C  C     . ILE A 1 21  ? 7.484   -8.391  -3.428  1.00 22.60 ? 22  ILE A C     1 
ATOM   149  O  O     . ILE A 1 21  ? 8.450   -8.758  -2.745  1.00 22.61 ? 22  ILE A O     1 
ATOM   150  C  CB    . ILE A 1 21  ? 6.178   -6.246  -3.131  1.00 11.19 ? 22  ILE A CB    1 
ATOM   151  C  CG1   . ILE A 1 21  ? 6.218   -4.730  -3.328  1.00 8.68  ? 22  ILE A CG1   1 
ATOM   152  C  CG2   . ILE A 1 21  ? 6.229   -6.531  -1.636  1.00 7.07  ? 22  ILE A CG2   1 
ATOM   153  C  CD1   . ILE A 1 21  ? 5.282   -3.975  -2.356  1.00 10.20 ? 22  ILE A CD1   1 
ATOM   154  N  N     . GLN A 1 22  ? 6.530   -9.228  -3.838  1.00 20.89 ? 23  GLN A N     1 
ATOM   155  C  CA    . GLN A 1 22  ? 6.565   -10.634 -3.452  1.00 23.61 ? 23  GLN A CA    1 
ATOM   156  C  C     . GLN A 1 22  ? 7.833   -11.335 -3.973  1.00 27.88 ? 23  GLN A C     1 
ATOM   157  O  O     . GLN A 1 22  ? 8.339   -12.282 -3.365  1.00 19.18 ? 23  GLN A O     1 
ATOM   158  C  CB    . GLN A 1 22  ? 5.335   -11.343 -3.972  1.00 24.90 ? 23  GLN A CB    1 
ATOM   159  C  CG    . GLN A 1 22  ? 5.399   -12.838 -3.800  1.00 29.22 ? 23  GLN A CG    1 
ATOM   160  C  CD    . GLN A 1 22  ? 4.422   -13.566 -4.702  1.00 27.66 ? 23  GLN A CD    1 
ATOM   161  O  OE1   . GLN A 1 22  ? 4.447   -13.409 -5.933  1.00 24.84 ? 23  GLN A OE1   1 
ATOM   162  N  NE2   . GLN A 1 22  ? 3.553   -14.367 -4.094  1.00 19.29 ? 23  GLN A NE2   1 
ATOM   163  N  N     . LYS A 1 23  ? 8.342   -10.869 -5.107  1.00 31.04 ? 24  LYS A N     1 
ATOM   164  C  CA    . LYS A 1 23  ? 9.536   -11.466 -5.664  1.00 34.20 ? 24  LYS A CA    1 
ATOM   165  C  C     . LYS A 1 23  ? 10.661  -11.211 -4.703  1.00 34.19 ? 24  LYS A C     1 
ATOM   166  O  O     . LYS A 1 23  ? 11.362  -12.135 -4.297  1.00 34.34 ? 24  LYS A O     1 
ATOM   167  C  CB    . LYS A 1 23  ? 9.885   -10.866 -7.020  1.00 37.51 ? 24  LYS A CB    1 
ATOM   168  C  CG    . LYS A 1 23  ? 11.284  -11.251 -7.467  1.00 46.37 ? 24  LYS A CG    1 
ATOM   169  C  CD    . LYS A 1 23  ? 11.524  -11.022 -8.957  1.00 53.25 ? 24  LYS A CD    1 
ATOM   170  C  CE    . LYS A 1 23  ? 12.947  -11.416 -9.354  1.00 50.61 ? 24  LYS A CE    1 
ATOM   171  N  NZ    . LYS A 1 23  ? 13.229  -11.101 -10.780 1.00 59.51 ? 24  LYS A NZ    1 
ATOM   172  N  N     . GLN A 1 24  ? 10.781  -9.948  -4.307  1.00 33.92 ? 25  GLN A N     1 
ATOM   173  C  CA    . GLN A 1 24  ? 11.815  -9.511  -3.385  1.00 30.55 ? 25  GLN A CA    1 
ATOM   174  C  C     . GLN A 1 24  ? 11.740  -10.233 -2.039  1.00 29.01 ? 25  GLN A C     1 
ATOM   175  O  O     . GLN A 1 24  ? 12.760  -10.642 -1.511  1.00 30.95 ? 25  GLN A O     1 
ATOM   176  C  CB    . GLN A 1 24  ? 11.742  -8.000  -3.204  1.00 28.08 ? 25  GLN A CB    1 
ATOM   177  C  CG    . GLN A 1 24  ? 13.071  -7.381  -2.960  1.00 36.46 ? 25  GLN A CG    1 
ATOM   178  C  CD    . GLN A 1 24  ? 13.036  -5.888  -3.103  1.00 45.40 ? 25  GLN A CD    1 
ATOM   179  O  OE1   . GLN A 1 24  ? 12.750  -5.362  -4.180  1.00 46.28 ? 25  GLN A OE1   1 
ATOM   180  N  NE2   . GLN A 1 24  ? 13.343  -5.186  -2.019  1.00 48.42 ? 25  GLN A NE2   1 
ATOM   181  N  N     . LEU A 1 25  ? 10.548  -10.374 -1.470  1.00 28.66 ? 26  LEU A N     1 
ATOM   182  C  CA    . LEU A 1 25  ? 10.418  -11.090 -0.204  1.00 27.02 ? 26  LEU A CA    1 
ATOM   183  C  C     . LEU A 1 25  ? 10.623  -12.574 -0.459  1.00 28.61 ? 26  LEU A C     1 
ATOM   184  O  O     . LEU A 1 25  ? 11.296  -13.252 0.307   1.00 31.97 ? 26  LEU A O     1 
ATOM   185  C  CB    . LEU A 1 25  ? 9.032   -10.895 0.402   1.00 20.40 ? 26  LEU A CB    1 
ATOM   186  C  CG    . LEU A 1 25  ? 8.704   -9.492  0.902   1.00 25.95 ? 26  LEU A CG    1 
ATOM   187  C  CD1   . LEU A 1 25  ? 7.275   -9.452  1.457   1.00 24.60 ? 26  LEU A CD1   1 
ATOM   188  C  CD2   . LEU A 1 25  ? 9.703   -9.074  1.962   1.00 20.25 ? 26  LEU A CD2   1 
ATOM   189  N  N     . GLY A 1 26  ? 10.068  -13.058 -1.568  1.00 32.59 ? 27  GLY A N     1 
ATOM   190  C  CA    . GLY A 1 26  ? 10.148  -14.468 -1.919  1.00 31.14 ? 27  GLY A CA    1 
ATOM   191  C  C     . GLY A 1 26  ? 8.782   -15.118 -1.758  1.00 32.26 ? 27  GLY A C     1 
ATOM   192  O  O     . GLY A 1 26  ? 7.918   -14.606 -1.040  1.00 26.36 ? 27  GLY A O     1 
ATOM   193  N  N     . LYS A 1 27  ? 8.574   -16.268 -2.382  1.00 39.74 ? 28  LYS A N     1 
ATOM   194  C  CA    . LYS A 1 27  ? 7.269   -16.915 -2.270  1.00 46.86 ? 28  LYS A CA    1 
ATOM   195  C  C     . LYS A 1 27  ? 6.924   -17.493 -0.892  1.00 46.46 ? 28  LYS A C     1 
ATOM   196  O  O     . LYS A 1 27  ? 5.901   -17.127 -0.321  1.00 51.03 ? 28  LYS A O     1 
ATOM   197  C  CB    . LYS A 1 27  ? 7.057   -17.958 -3.372  1.00 48.44 ? 28  LYS A CB    1 
ATOM   198  C  CG    . LYS A 1 27  ? 5.577   -18.251 -3.682  1.00 61.09 ? 28  LYS A CG    1 
ATOM   199  C  CD    . LYS A 1 27  ? 4.904   -19.253 -2.706  1.00 68.00 ? 28  LYS A CD    1 
ATOM   200  C  CE    . LYS A 1 27  ? 5.350   -20.703 -2.957  1.00 70.02 ? 28  LYS A CE    1 
ATOM   201  N  NZ    . LYS A 1 27  ? 4.587   -21.700 -2.146  1.00 71.00 ? 28  LYS A NZ    1 
ATOM   202  N  N     . ASP A 1 28  ? 7.769   -18.340 -0.319  1.00 45.91 ? 29  ASP A N     1 
ATOM   203  C  CA    . ASP A 1 28  ? 7.428   -18.910 0.988   1.00 50.13 ? 29  ASP A CA    1 
ATOM   204  C  C     . ASP A 1 28  ? 7.264   -17.839 2.076   1.00 50.33 ? 29  ASP A C     1 
ATOM   205  O  O     . ASP A 1 28  ? 6.755   -18.116 3.171   1.00 50.71 ? 29  ASP A O     1 
ATOM   206  C  CB    . ASP A 1 28  ? 8.442   -19.982 1.416   1.00 55.33 ? 29  ASP A CB    1 
ATOM   207  C  CG    . ASP A 1 28  ? 7.772   -21.247 1.988   1.00 60.12 ? 29  ASP A CG    1 
ATOM   208  O  OD1   . ASP A 1 28  ? 6.600   -21.528 1.642   1.00 60.40 ? 29  ASP A OD1   1 
ATOM   209  O  OD2   . ASP A 1 28  ? 8.428   -21.975 2.774   1.00 61.95 ? 29  ASP A OD2   1 
ATOM   210  N  N     . VAL A 1 29  ? 7.640   -16.605 1.751   1.00 47.46 ? 30  VAL A N     1 
ATOM   211  C  CA    . VAL A 1 29  ? 7.521   -15.501 2.686   1.00 42.34 ? 30  VAL A CA    1 
ATOM   212  C  C     . VAL A 1 29  ? 6.151   -14.843 2.545   1.00 41.46 ? 30  VAL A C     1 
ATOM   213  O  O     . VAL A 1 29  ? 5.410   -14.744 3.532   1.00 42.31 ? 30  VAL A O     1 
ATOM   214  C  CB    . VAL A 1 29  ? 8.617   -14.448 2.459   1.00 43.47 ? 30  VAL A CB    1 
ATOM   215  C  CG1   . VAL A 1 29  ? 8.547   -13.392 3.533   1.00 44.57 ? 30  VAL A CG1   1 
ATOM   216  C  CG2   . VAL A 1 29  ? 9.987   -15.104 2.469   1.00 45.84 ? 30  VAL A CG2   1 
ATOM   217  N  N     . ALA A 1 30  ? 5.759   -14.504 1.316   1.00 38.53 ? 31  ALA A N     1 
ATOM   218  C  CA    . ALA A 1 30  ? 4.468   -13.837 1.094   1.00 34.14 ? 31  ALA A CA    1 
ATOM   219  C  C     . ALA A 1 30  ? 3.668   -14.236 -0.154  1.00 30.02 ? 31  ALA A C     1 
ATOM   220  O  O     . ALA A 1 30  ? 4.238   -14.494 -1.219  1.00 26.06 ? 31  ALA A O     1 
ATOM   221  C  CB    . ALA A 1 30  ? 4.673   -12.321 1.111   1.00 28.43 ? 31  ALA A CB    1 
ATOM   222  N  N     . ASP A 1 31  ? 2.341   -14.262 -0.017  1.00 29.52 ? 32  ASP A N     1 
ATOM   223  C  CA    . ASP A 1 31  ? 1.451   -14.594 -1.141  1.00 32.21 ? 32  ASP A CA    1 
ATOM   224  C  C     . ASP A 1 31  ? 0.712   -13.322 -1.533  1.00 31.16 ? 32  ASP A C     1 
ATOM   225  O  O     . ASP A 1 31  ? 0.272   -12.560 -0.659  1.00 27.84 ? 32  ASP A O     1 
ATOM   226  C  CB    . ASP A 1 31  ? 0.391   -15.646 -0.769  1.00 37.08 ? 32  ASP A CB    1 
ATOM   227  C  CG    . ASP A 1 31  ? 0.965   -16.856 -0.049  1.00 39.85 ? 32  ASP A CG    1 
ATOM   228  O  OD1   . ASP A 1 31  ? 1.597   -17.729 -0.698  1.00 39.40 ? 32  ASP A OD1   1 
ATOM   229  O  OD2   . ASP A 1 31  ? 0.745   -16.938 1.180   1.00 42.59 ? 32  ASP A OD2   1 
ATOM   230  N  N     . VAL A 1 32  ? 0.557   -13.105 -2.838  1.00 29.03 ? 33  VAL A N     1 
ATOM   231  C  CA    . VAL A 1 32  ? -0.146  -11.921 -3.353  1.00 29.15 ? 33  VAL A CA    1 
ATOM   232  C  C     . VAL A 1 32  ? -1.604  -12.210 -3.759  1.00 30.13 ? 33  VAL A C     1 
ATOM   233  O  O     . VAL A 1 32  ? -1.925  -13.306 -4.227  1.00 28.48 ? 33  VAL A O     1 
ATOM   234  C  CB    . VAL A 1 32  ? 0.635   -11.231 -4.524  1.00 24.03 ? 33  VAL A CB    1 
ATOM   235  C  CG1   . VAL A 1 32  ? 1.522   -12.212 -5.222  1.00 19.22 ? 33  VAL A CG1   1 
ATOM   236  C  CG2   . VAL A 1 32  ? -0.329  -10.577 -5.533  1.00 19.74 ? 33  VAL A CG2   1 
ATOM   237  N  N     . HIS A 1 33  ? -2.471  -11.213 -3.591  1.00 27.87 ? 34  HIS A N     1 
ATOM   238  C  CA    . HIS A 1 33  ? -3.880  -11.355 -3.903  1.00 25.68 ? 34  HIS A CA    1 
ATOM   239  C  C     . HIS A 1 33  ? -4.499  -10.132 -4.540  1.00 23.63 ? 34  HIS A C     1 
ATOM   240  O  O     . HIS A 1 33  ? -4.093  -9.005  -4.280  1.00 22.98 ? 34  HIS A O     1 
ATOM   241  C  CB    . HIS A 1 33  ? -4.649  -11.605 -2.626  1.00 26.18 ? 34  HIS A CB    1 
ATOM   242  C  CG    . HIS A 1 33  ? -4.141  -12.761 -1.843  1.00 24.39 ? 34  HIS A CG    1 
ATOM   243  N  ND1   . HIS A 1 33  ? -4.717  -14.008 -1.907  1.00 24.08 ? 34  HIS A ND1   1 
ATOM   244  C  CD2   . HIS A 1 33  ? -3.120  -12.859 -0.964  1.00 30.62 ? 34  HIS A CD2   1 
ATOM   245  C  CE1   . HIS A 1 33  ? -4.074  -14.830 -1.101  1.00 26.35 ? 34  HIS A CE1   1 
ATOM   246  N  NE2   . HIS A 1 33  ? -3.101  -14.157 -0.516  1.00 38.06 ? 34  HIS A NE2   1 
ATOM   247  N  N     . ASP A 1 34  ? -5.540  -10.373 -5.316  1.00 18.15 ? 35  ASP A N     1 
ATOM   248  C  CA    . ASP A 1 34  ? -6.290  -9.327  -5.967  1.00 18.56 ? 35  ASP A CA    1 
ATOM   249  C  C     . ASP A 1 34  ? -7.451  -9.116  -4.994  1.00 22.99 ? 35  ASP A C     1 
ATOM   250  O  O     . ASP A 1 34  ? -8.358  -9.944  -4.935  1.00 26.80 ? 35  ASP A O     1 
ATOM   251  C  CB    . ASP A 1 34  ? -6.814  -9.869  -7.294  1.00 19.37 ? 35  ASP A CB    1 
ATOM   252  C  CG    . ASP A 1 34  ? -7.464  -8.812  -8.162  1.00 18.18 ? 35  ASP A CG    1 
ATOM   253  O  OD1   . ASP A 1 34  ? -8.043  -7.851  -7.618  1.00 16.39 ? 35  ASP A OD1   1 
ATOM   254  O  OD2   . ASP A 1 34  ? -7.403  -8.967  -9.408  1.00 16.96 ? 35  ASP A OD2   1 
ATOM   255  N  N     . ILE A 1 35  ? -7.430  -8.029  -4.228  1.00 23.11 ? 36  ILE A N     1 
ATOM   256  C  CA    . ILE A 1 35  ? -8.485  -7.754  -3.248  1.00 22.40 ? 36  ILE A CA    1 
ATOM   257  C  C     . ILE A 1 35  ? -9.896  -7.990  -3.780  1.00 22.62 ? 36  ILE A C     1 
ATOM   258  O  O     . ILE A 1 35  ? -10.810 -8.322  -3.030  1.00 22.73 ? 36  ILE A O     1 
ATOM   259  C  CB    . ILE A 1 35  ? -8.403  -6.316  -2.714  1.00 22.61 ? 36  ILE A CB    1 
ATOM   260  C  CG1   . ILE A 1 35  ? -9.338  -6.141  -1.508  1.00 27.87 ? 36  ILE A CG1   1 
ATOM   261  C  CG2   . ILE A 1 35  ? -8.776  -5.324  -3.803  1.00 16.66 ? 36  ILE A CG2   1 
ATOM   262  C  CD1   . ILE A 1 35  ? -8.970  -6.987  -0.295  1.00 23.12 ? 36  ILE A CD1   1 
ATOM   263  N  N     . ALA A 1 36  ? -10.057 -7.843  -5.084  1.00 23.10 ? 37  ALA A N     1 
ATOM   264  C  CA    . ALA A 1 36  ? -11.354 -8.030  -5.712  1.00 27.59 ? 37  ALA A CA    1 
ATOM   265  C  C     . ALA A 1 36  ? -11.830 -9.474  -5.634  1.00 26.63 ? 37  ALA A C     1 
ATOM   266  O  O     . ALA A 1 36  ? -13.027 -9.732  -5.629  1.00 30.20 ? 37  ALA A O     1 
ATOM   267  C  CB    . ALA A 1 36  ? -11.293 -7.583  -7.160  1.00 30.28 ? 37  ALA A CB    1 
ATOM   268  N  N     . LYS A 1 37  ? -10.889 -10.409 -5.640  1.00 25.70 ? 38  LYS A N     1 
ATOM   269  C  CA    . LYS A 1 37  ? -11.205 -11.829 -5.573  1.00 25.71 ? 38  LYS A CA    1 
ATOM   270  C  C     . LYS A 1 37  ? -10.833 -12.371 -4.194  1.00 26.88 ? 38  LYS A C     1 
ATOM   271  O  O     . LYS A 1 37  ? -10.600 -13.576 -4.018  1.00 29.41 ? 38  LYS A O     1 
ATOM   272  C  CB    . LYS A 1 37  ? -10.443 -12.580 -6.683  1.00 27.46 ? 38  LYS A CB    1 
ATOM   273  C  CG    . LYS A 1 37  ? -11.185 -12.692 -8.026  1.00 32.13 ? 38  LYS A CG    1 
ATOM   274  C  CD    . LYS A 1 37  ? -11.597 -11.321 -8.570  1.00 44.37 ? 38  LYS A CD    1 
ATOM   275  C  CE    . LYS A 1 37  ? -12.643 -11.415 -9.681  1.00 45.29 ? 38  LYS A CE    1 
ATOM   276  N  NZ    . LYS A 1 37  ? -13.086 -10.067 -10.181 1.00 47.56 ? 38  LYS A NZ    1 
ATOM   277  N  N     . SER A 1 38  ? -10.790 -11.465 -3.222  1.00 28.29 ? 39  SER A N     1 
ATOM   278  C  CA    . SER A 1 38  ? -10.418 -11.795 -1.853  1.00 26.38 ? 39  SER A CA    1 
ATOM   279  C  C     . SER A 1 38  ? -11.583 -11.645 -0.889  1.00 25.96 ? 39  SER A C     1 
ATOM   280  O  O     . SER A 1 38  ? -12.524 -10.896 -1.142  1.00 20.50 ? 39  SER A O     1 
ATOM   281  C  CB    . SER A 1 38  ? -9.276  -10.882 -1.399  1.00 24.00 ? 39  SER A CB    1 
ATOM   282  O  OG    . SER A 1 38  ? -8.163  -10.977 -2.269  1.00 32.69 ? 39  SER A OG    1 
ATOM   283  N  N     . SER A 1 39  ? -11.477 -12.325 0.248   1.00 29.22 ? 40  SER A N     1 
ATOM   284  C  CA    . SER A 1 39  ? -12.504 -12.279 1.277   1.00 31.03 ? 40  SER A CA    1 
ATOM   285  C  C     . SER A 1 39  ? -11.948 -11.817 2.640   1.00 32.57 ? 40  SER A C     1 
ATOM   286  O  O     . SER A 1 39  ? -10.738 -11.585 2.802   1.00 32.69 ? 40  SER A O     1 
ATOM   287  C  CB    . SER A 1 39  ? -13.190 -13.650 1.404   1.00 33.23 ? 40  SER A CB    1 
ATOM   288  O  OG    . SER A 1 39  ? -12.274 -14.692 1.730   1.00 42.39 ? 40  SER A OG    1 
ATOM   289  N  N     . LYS A 1 40  ? -12.848 -11.652 3.604   1.00 29.98 ? 41  LYS A N     1 
ATOM   290  C  CA    . LYS A 1 40  ? -12.483 -11.231 4.945   1.00 27.14 ? 41  LYS A CA    1 
ATOM   291  C  C     . LYS A 1 40  ? -11.497 -12.274 5.439   1.00 25.68 ? 41  LYS A C     1 
ATOM   292  O  O     . LYS A 1 40  ? -10.335 -11.976 5.737   1.00 23.91 ? 41  LYS A O     1 
ATOM   293  C  CB    . LYS A 1 40  ? -13.747 -11.219 5.815   1.00 27.86 ? 41  LYS A CB    1 
ATOM   294  C  CG    . LYS A 1 40  ? -13.636 -10.479 7.138   1.00 28.91 ? 41  LYS A CG    1 
ATOM   295  C  CD    . LYS A 1 40  ? -15.024 -10.125 7.671   1.00 26.06 ? 41  LYS A CD    1 
ATOM   296  C  CE    . LYS A 1 40  ? -14.956 -9.701  9.117   1.00 30.03 ? 41  LYS A CE    1 
ATOM   297  N  NZ    . LYS A 1 40  ? -14.510 -10.821 9.986   1.00 30.81 ? 41  LYS A NZ    1 
ATOM   298  N  N     . GLU A 1 41  ? -11.959 -13.515 5.418   1.00 25.73 ? 42  GLU A N     1 
ATOM   299  C  CA    . GLU A 1 41  ? -11.173 -14.664 5.836   1.00 31.29 ? 42  GLU A CA    1 
ATOM   300  C  C     . GLU A 1 41  ? -9.777  -14.603 5.224   1.00 28.94 ? 42  GLU A C     1 
ATOM   301  O  O     . GLU A 1 41  ? -8.782  -14.781 5.913   1.00 29.34 ? 42  GLU A O     1 
ATOM   302  C  CB    . GLU A 1 41  ? -11.872 -15.953 5.384   1.00 38.89 ? 42  GLU A CB    1 
ATOM   303  C  CG    . GLU A 1 41  ? -13.388 -15.965 5.600   1.00 46.90 ? 42  GLU A CG    1 
ATOM   304  C  CD    . GLU A 1 41  ? -13.783 -15.520 7.003   1.00 53.43 ? 42  GLU A CD    1 
ATOM   305  O  OE1   . GLU A 1 41  ? -13.085 -15.902 7.971   1.00 55.16 ? 42  GLU A OE1   1 
ATOM   306  O  OE2   . GLU A 1 41  ? -14.784 -14.778 7.136   1.00 55.80 ? 42  GLU A OE2   1 
ATOM   307  N  N     . ASP A 1 42  ? -9.718  -14.333 3.926   1.00 29.77 ? 43  ASP A N     1 
ATOM   308  C  CA    . ASP A 1 42  ? -8.449  -14.250 3.215   1.00 28.45 ? 43  ASP A CA    1 
ATOM   309  C  C     . ASP A 1 42  ? -7.535  -13.203 3.838   1.00 26.12 ? 43  ASP A C     1 
ATOM   310  O  O     . ASP A 1 42  ? -6.323  -13.400 3.886   1.00 19.41 ? 43  ASP A O     1 
ATOM   311  C  CB    . ASP A 1 42  ? -8.671  -13.932 1.729   1.00 32.59 ? 43  ASP A CB    1 
ATOM   312  C  CG    . ASP A 1 42  ? -9.380  -15.048 0.971   1.00 35.60 ? 43  ASP A CG    1 
ATOM   313  O  OD1   . ASP A 1 42  ? -9.250  -16.240 1.344   1.00 44.00 ? 43  ASP A OD1   1 
ATOM   314  O  OD2   . ASP A 1 42  ? -10.069 -14.721 -0.021  1.00 38.43 ? 43  ASP A OD2   1 
ATOM   315  N  N     . LEU A 1 43  ? -8.100  -12.086 4.293   1.00 27.22 ? 44  LEU A N     1 
ATOM   316  C  CA    . LEU A 1 43  ? -7.277  -11.053 4.926   1.00 33.81 ? 44  LEU A CA    1 
ATOM   317  C  C     . LEU A 1 43  ? -6.893  -11.364 6.369   1.00 36.67 ? 44  LEU A C     1 
ATOM   318  O  O     . LEU A 1 43  ? -5.717  -11.272 6.725   1.00 39.06 ? 44  LEU A O     1 
ATOM   319  C  CB    . LEU A 1 43  ? -7.923  -9.673  4.850   1.00 28.54 ? 44  LEU A CB    1 
ATOM   320  C  CG    . LEU A 1 43  ? -7.477  -8.929  3.593   1.00 25.31 ? 44  LEU A CG    1 
ATOM   321  C  CD1   . LEU A 1 43  ? -8.431  -9.270  2.440   1.00 14.90 ? 44  LEU A CD1   1 
ATOM   322  C  CD2   . LEU A 1 43  ? -7.393  -7.416  3.872   1.00 14.77 ? 44  LEU A CD2   1 
ATOM   323  N  N     . GLU A 1 44  ? -7.877  -11.746 7.184   1.00 38.31 ? 45  GLU A N     1 
ATOM   324  C  CA    . GLU A 1 44  ? -7.663  -12.085 8.599   1.00 35.68 ? 45  GLU A CA    1 
ATOM   325  C  C     . GLU A 1 44  ? -6.625  -13.189 8.751   1.00 33.86 ? 45  GLU A C     1 
ATOM   326  O  O     . GLU A 1 44  ? -6.004  -13.357 9.807   1.00 29.64 ? 45  GLU A O     1 
ATOM   327  C  CB    . GLU A 1 44  ? -8.977  -12.564 9.221   1.00 34.76 ? 45  GLU A CB    1 
ATOM   328  C  CG    . GLU A 1 44  ? -10.114 -11.581 9.067   1.00 37.02 ? 45  GLU A CG    1 
ATOM   329  C  CD    . GLU A 1 44  ? -11.378 -12.008 9.790   1.00 38.47 ? 45  GLU A CD    1 
ATOM   330  O  OE1   . GLU A 1 44  ? -11.959 -13.069 9.435   1.00 36.52 ? 45  GLU A OE1   1 
ATOM   331  O  OE2   . GLU A 1 44  ? -11.791 -11.263 10.708  1.00 33.80 ? 45  GLU A OE2   1 
ATOM   332  N  N     . ALA A 1 45  ? -6.475  -13.947 7.674   1.00 34.66 ? 46  ALA A N     1 
ATOM   333  C  CA    . ALA A 1 45  ? -5.566  -15.076 7.583   1.00 38.10 ? 46  ALA A CA    1 
ATOM   334  C  C     . ALA A 1 45  ? -4.109  -14.810 7.929   1.00 41.64 ? 46  ALA A C     1 
ATOM   335  O  O     . ALA A 1 45  ? -3.469  -15.615 8.606   1.00 45.79 ? 46  ALA A O     1 
ATOM   336  C  CB    . ALA A 1 45  ? -5.653  -15.662 6.184   1.00 36.83 ? 46  ALA A CB    1 
ATOM   337  N  N     . TYR A 1 46  ? -3.576  -13.700 7.434   1.00 44.62 ? 47  TYR A N     1 
ATOM   338  C  CA    . TYR A 1 46  ? -2.177  -13.361 7.656   1.00 42.88 ? 47  TYR A CA    1 
ATOM   339  C  C     . TYR A 1 46  ? -1.959  -12.504 8.878   1.00 41.32 ? 47  TYR A C     1 
ATOM   340  O  O     . TYR A 1 46  ? -2.891  -11.883 9.389   1.00 38.85 ? 47  TYR A O     1 
ATOM   341  C  CB    . TYR A 1 46  ? -1.613  -12.645 6.423   1.00 41.04 ? 47  TYR A CB    1 
ATOM   342  C  CG    . TYR A 1 46  ? -1.703  -13.449 5.141   1.00 40.23 ? 47  TYR A CG    1 
ATOM   343  C  CD1   . TYR A 1 46  ? -2.886  -13.492 4.397   1.00 37.75 ? 47  TYR A CD1   1 
ATOM   344  C  CD2   . TYR A 1 46  ? -0.589  -14.137 4.646   1.00 39.60 ? 47  TYR A CD2   1 
ATOM   345  C  CE1   . TYR A 1 46  ? -2.949  -14.195 3.178   1.00 37.38 ? 47  TYR A CE1   1 
ATOM   346  C  CE2   . TYR A 1 46  ? -0.643  -14.842 3.432   1.00 35.89 ? 47  TYR A CE2   1 
ATOM   347  C  CZ    . TYR A 1 46  ? -1.822  -14.862 2.707   1.00 36.63 ? 47  TYR A CZ    1 
ATOM   348  O  OH    . TYR A 1 46  ? -1.864  -15.537 1.513   1.00 33.17 ? 47  TYR A OH    1 
ATOM   349  N  N     . ASP A 1 47  ? -0.723  -12.501 9.364   1.00 41.81 ? 48  ASP A N     1 
ATOM   350  C  CA    . ASP A 1 47  ? -0.372  -11.682 10.520  1.00 41.52 ? 48  ASP A CA    1 
ATOM   351  C  C     . ASP A 1 47  ? 0.365   -10.434 10.047  1.00 38.54 ? 48  ASP A C     1 
ATOM   352  O  O     . ASP A 1 47  ? 0.270   -9.361  10.644  1.00 35.58 ? 48  ASP A O     1 
ATOM   353  C  CB    . ASP A 1 47  ? 0.472   -12.478 11.514  1.00 44.87 ? 48  ASP A CB    1 
ATOM   354  C  CG    . ASP A 1 47  ? -0.378  -13.229 12.522  1.00 47.60 ? 48  ASP A CG    1 
ATOM   355  O  OD1   . ASP A 1 47  ? -1.521  -12.788 12.782  1.00 46.58 ? 48  ASP A OD1   1 
ATOM   356  O  OD2   . ASP A 1 47  ? 0.098   -14.258 13.055  1.00 53.67 ? 48  ASP A OD2   1 
ATOM   357  N  N     . ILE A 1 48  ? 1.136   -10.594 8.984   1.00 37.11 ? 49  ILE A N     1 
ATOM   358  C  CA    . ILE A 1 48  ? 1.848   -9.471  8.412   1.00 35.43 ? 49  ILE A CA    1 
ATOM   359  C  C     . ILE A 1 48  ? 1.106   -9.218  7.089   1.00 35.86 ? 49  ILE A C     1 
ATOM   360  O  O     . ILE A 1 48  ? 1.000   -10.125 6.244   1.00 40.29 ? 49  ILE A O     1 
ATOM   361  C  CB    . ILE A 1 48  ? 3.330   -9.820  8.150   1.00 32.32 ? 49  ILE A CB    1 
ATOM   362  C  CG1   . ILE A 1 48  ? 3.911   -10.605 9.335   1.00 30.11 ? 49  ILE A CG1   1 
ATOM   363  C  CG2   . ILE A 1 48  ? 4.122   -8.547  7.961   1.00 36.46 ? 49  ILE A CG2   1 
ATOM   364  C  CD1   . ILE A 1 48  ? 5.395   -10.916 9.226   1.00 17.98 ? 49  ILE A CD1   1 
ATOM   365  N  N     . LEU A 1 49  ? 0.507   -8.039  6.949   1.00 29.86 ? 50  LEU A N     1 
ATOM   366  C  CA    . LEU A 1 49  ? -0.228  -7.701  5.727   1.00 29.65 ? 50  LEU A CA    1 
ATOM   367  C  C     . LEU A 1 49  ? 0.375   -6.508  4.999   1.00 28.62 ? 50  LEU A C     1 
ATOM   368  O  O     . LEU A 1 49  ? 0.816   -5.536  5.628   1.00 34.70 ? 50  LEU A O     1 
ATOM   369  C  CB    . LEU A 1 49  ? -1.699  -7.374  6.022   1.00 28.27 ? 50  LEU A CB    1 
ATOM   370  C  CG    . LEU A 1 49  ? -2.683  -8.432  6.527   1.00 28.45 ? 50  LEU A CG    1 
ATOM   371  C  CD1   . LEU A 1 49  ? -4.036  -7.780  6.746   1.00 28.82 ? 50  LEU A CD1   1 
ATOM   372  C  CD2   . LEU A 1 49  ? -2.800  -9.567  5.538   1.00 31.30 ? 50  LEU A CD2   1 
ATOM   373  N  N     . LEU A 1 50  ? 0.426   -6.606  3.675   1.00 25.95 ? 51  LEU A N     1 
ATOM   374  C  CA    . LEU A 1 50  ? 0.914   -5.532  2.819   1.00 20.09 ? 51  LEU A CA    1 
ATOM   375  C  C     . LEU A 1 50  ? -0.322  -5.188  2.016   1.00 17.89 ? 51  LEU A C     1 
ATOM   376  O  O     . LEU A 1 50  ? -0.952  -6.071  1.417   1.00 17.43 ? 51  LEU A O     1 
ATOM   377  C  CB    . LEU A 1 50  ? 2.039   -6.007  1.901   1.00 24.19 ? 51  LEU A CB    1 
ATOM   378  C  CG    . LEU A 1 50  ? 3.313   -6.477  2.607   1.00 26.31 ? 51  LEU A CG    1 
ATOM   379  C  CD1   . LEU A 1 50  ? 4.400   -6.765  1.583   1.00 32.08 ? 51  LEU A CD1   1 
ATOM   380  C  CD2   . LEU A 1 50  ? 3.787   -5.421  3.580   1.00 29.77 ? 51  LEU A CD2   1 
ATOM   381  N  N     . LEU A 1 51  ? -0.718  -3.926  2.064   1.00 12.51 ? 52  LEU A N     1 
ATOM   382  C  CA    . LEU A 1 51  ? -1.920  -3.503  1.366   1.00 13.19 ? 52  LEU A CA    1 
ATOM   383  C  C     . LEU A 1 51  ? -1.569  -2.475  0.306   1.00 12.68 ? 52  LEU A C     1 
ATOM   384  O  O     . LEU A 1 51  ? -0.922  -1.479  0.597   1.00 16.57 ? 52  LEU A O     1 
ATOM   385  C  CB    . LEU A 1 51  ? -2.947  -2.978  2.395   1.00 15.47 ? 52  LEU A CB    1 
ATOM   386  C  CG    . LEU A 1 51  ? -3.185  -3.999  3.539   1.00 14.67 ? 52  LEU A CG    1 
ATOM   387  C  CD1   . LEU A 1 51  ? -4.152  -3.492  4.589   1.00 7.30  ? 52  LEU A CD1   1 
ATOM   388  C  CD2   . LEU A 1 51  ? -3.688  -5.320  2.944   1.00 15.55 ? 52  LEU A CD2   1 
ATOM   389  N  N     . GLY A 1 52  ? -1.876  -2.794  -0.944  1.00 14.68 ? 53  GLY A N     1 
ATOM   390  C  CA    . GLY A 1 52  ? -1.577  -1.891  -2.037  1.00 9.01  ? 53  GLY A CA    1 
ATOM   391  C  C     . GLY A 1 52  ? -2.801  -1.215  -2.601  1.00 13.42 ? 53  GLY A C     1 
ATOM   392  O  O     . GLY A 1 52  ? -3.761  -1.893  -3.030  1.00 10.38 ? 53  GLY A O     1 
ATOM   393  N  N     . ILE A 1 53  ? -2.772  0.120   -2.628  1.00 14.15 ? 54  ILE A N     1 
ATOM   394  C  CA    . ILE A 1 53  ? -3.895  0.878   -3.147  1.00 9.47  ? 54  ILE A CA    1 
ATOM   395  C  C     . ILE A 1 53  ? -3.519  2.125   -3.969  1.00 12.51 ? 54  ILE A C     1 
ATOM   396  O  O     . ILE A 1 53  ? -2.700  2.935   -3.545  1.00 13.41 ? 54  ILE A O     1 
ATOM   397  C  CB    . ILE A 1 53  ? -4.932  1.212   -2.007  1.00 2.00  ? 54  ILE A CB    1 
ATOM   398  C  CG1   . ILE A 1 53  ? -6.187  1.872   -2.566  1.00 2.00  ? 54  ILE A CG1   1 
ATOM   399  C  CG2   . ILE A 1 53  ? -4.347  2.140   -0.995  1.00 8.13  ? 54  ILE A CG2   1 
ATOM   400  C  CD1   . ILE A 1 53  ? -7.265  2.042   -1.550  1.00 2.00  ? 54  ILE A CD1   1 
ATOM   401  N  N     . PRO A 1 54  ? -3.949  2.165   -5.245  1.00 12.74 ? 55  PRO A N     1 
ATOM   402  C  CA    . PRO A 1 54  ? -3.669  3.315   -6.098  1.00 11.79 ? 55  PRO A CA    1 
ATOM   403  C  C     . PRO A 1 54  ? -4.847  4.258   -5.914  1.00 14.62 ? 55  PRO A C     1 
ATOM   404  O  O     . PRO A 1 54  ? -5.955  3.812   -5.603  1.00 15.68 ? 55  PRO A O     1 
ATOM   405  C  CB    . PRO A 1 54  ? -3.654  2.712   -7.489  1.00 10.81 ? 55  PRO A CB    1 
ATOM   406  C  CG    . PRO A 1 54  ? -4.674  1.640   -7.388  1.00 15.12 ? 55  PRO A CG    1 
ATOM   407  C  CD    . PRO A 1 54  ? -4.344  1.004   -6.066  1.00 13.47 ? 55  PRO A CD    1 
ATOM   408  N  N     . THR A 1 55  ? -4.583  5.553   -6.050  1.00 15.98 ? 56  THR A N     1 
ATOM   409  C  CA    . THR A 1 55  ? -5.575  6.602   -5.894  1.00 11.58 ? 56  THR A CA    1 
ATOM   410  C  C     . THR A 1 55  ? -6.229  6.919   -7.248  1.00 13.26 ? 56  THR A C     1 
ATOM   411  O  O     . THR A 1 55  ? -5.565  7.131   -8.257  1.00 12.58 ? 56  THR A O     1 
ATOM   412  C  CB    . THR A 1 55  ? -4.913  7.844   -5.266  1.00 14.89 ? 56  THR A CB    1 
ATOM   413  O  OG1   . THR A 1 55  ? -4.311  7.460   -4.021  1.00 11.46 ? 56  THR A OG1   1 
ATOM   414  C  CG2   . THR A 1 55  ? -5.940  8.938   -4.983  1.00 18.97 ? 56  THR A CG2   1 
ATOM   415  N  N     . TRP A 1 56  ? -7.546  6.979   -7.255  1.00 14.20 ? 57  TRP A N     1 
ATOM   416  C  CA    . TRP A 1 56  ? -8.270  7.210   -8.480  1.00 14.65 ? 57  TRP A CA    1 
ATOM   417  C  C     . TRP A 1 56  ? -9.256  8.358   -8.369  1.00 16.79 ? 57  TRP A C     1 
ATOM   418  O  O     . TRP A 1 56  ? -9.711  8.707   -7.276  1.00 15.66 ? 57  TRP A O     1 
ATOM   419  C  CB    . TRP A 1 56  ? -9.000  5.913   -8.908  1.00 11.02 ? 57  TRP A CB    1 
ATOM   420  C  CG    . TRP A 1 56  ? -8.144  4.954   -9.712  1.00 11.21 ? 57  TRP A CG    1 
ATOM   421  C  CD1   . TRP A 1 56  ? -7.447  3.865   -9.248  1.00 11.83 ? 57  TRP A CD1   1 
ATOM   422  C  CD2   . TRP A 1 56  ? -7.854  5.044   -11.108 1.00 9.51  ? 57  TRP A CD2   1 
ATOM   423  N  NE1   . TRP A 1 56  ? -6.736  3.285   -10.272 1.00 6.26  ? 57  TRP A NE1   1 
ATOM   424  C  CE2   . TRP A 1 56  ? -6.973  3.985   -11.424 1.00 5.86  ? 57  TRP A CE2   1 
ATOM   425  C  CE3   . TRP A 1 56  ? -8.254  5.921   -12.125 1.00 10.78 ? 57  TRP A CE3   1 
ATOM   426  C  CZ2   . TRP A 1 56  ? -6.488  3.783   -12.706 1.00 5.26  ? 57  TRP A CZ2   1 
ATOM   427  C  CZ3   . TRP A 1 56  ? -7.770  5.720   -13.401 1.00 16.11 ? 57  TRP A CZ3   1 
ATOM   428  C  CH2   . TRP A 1 56  ? -6.893  4.654   -13.681 1.00 11.42 ? 57  TRP A CH2   1 
ATOM   429  N  N     . TYR A 1 57  ? -9.545  8.952   -9.524  1.00 12.59 ? 58  TYR A N     1 
ATOM   430  C  CA    . TYR A 1 57  ? -10.489 10.050  -9.657  1.00 12.79 ? 58  TYR A CA    1 
ATOM   431  C  C     . TYR A 1 57  ? -10.615 11.036  -8.541  1.00 10.13 ? 58  TYR A C     1 
ATOM   432  O  O     . TYR A 1 57  ? -11.669 11.132  -7.914  1.00 5.18  ? 58  TYR A O     1 
ATOM   433  C  CB    . TYR A 1 57  ? -11.890 9.554   -9.939  1.00 12.85 ? 58  TYR A CB    1 
ATOM   434  C  CG    . TYR A 1 57  ? -11.977 8.158   -10.441 1.00 17.35 ? 58  TYR A CG    1 
ATOM   435  C  CD1   . TYR A 1 57  ? -11.836 7.878   -11.788 1.00 16.93 ? 58  TYR A CD1   1 
ATOM   436  C  CD2   . TYR A 1 57  ? -12.301 7.124   -9.572  1.00 23.48 ? 58  TYR A CD2   1 
ATOM   437  C  CE1   . TYR A 1 57  ? -12.036 6.611   -12.254 1.00 24.69 ? 58  TYR A CE1   1 
ATOM   438  C  CE2   . TYR A 1 57  ? -12.506 5.864   -10.025 1.00 24.97 ? 58  TYR A CE2   1 
ATOM   439  C  CZ    . TYR A 1 57  ? -12.382 5.616   -11.363 1.00 25.69 ? 58  TYR A CZ    1 
ATOM   440  O  OH    . TYR A 1 57  ? -12.730 4.391   -11.818 1.00 38.52 ? 58  TYR A OH    1 
ATOM   441  N  N     . TYR A 1 58  ? -9.548  11.777  -8.300  1.00 9.45  ? 59  TYR A N     1 
ATOM   442  C  CA    . TYR A 1 58  ? -9.569  12.830  -7.306  1.00 10.99 ? 59  TYR A CA    1 
ATOM   443  C  C     . TYR A 1 58  ? -9.614  12.449  -5.800  1.00 15.10 ? 59  TYR A C     1 
ATOM   444  O  O     . TYR A 1 58  ? -10.466 12.921  -5.037  1.00 14.58 ? 59  TYR A O     1 
ATOM   445  C  CB    . TYR A 1 58  ? -10.678 13.809  -7.700  1.00 6.46  ? 59  TYR A CB    1 
ATOM   446  C  CG    . TYR A 1 58  ? -10.875 13.907  -9.215  1.00 7.29  ? 59  TYR A CG    1 
ATOM   447  C  CD1   . TYR A 1 58  ? -9.882  14.464  -10.039 1.00 6.26  ? 59  TYR A CD1   1 
ATOM   448  C  CD2   . TYR A 1 58  ? -12.050 13.447  -9.816  1.00 3.65  ? 59  TYR A CD2   1 
ATOM   449  C  CE1   . TYR A 1 58  ? -10.051 14.572  -11.422 1.00 2.00  ? 59  TYR A CE1   1 
ATOM   450  C  CE2   . TYR A 1 58  ? -12.236 13.541  -11.201 1.00 14.14 ? 59  TYR A CE2   1 
ATOM   451  C  CZ    . TYR A 1 58  ? -11.228 14.112  -12.001 1.00 16.05 ? 59  TYR A CZ    1 
ATOM   452  O  OH    . TYR A 1 58  ? -11.413 14.237  -13.361 1.00 15.08 ? 59  TYR A OH    1 
ATOM   453  N  N     . GLY A 1 59  ? -8.620  11.677  -5.362  1.00 15.87 ? 60  GLY A N     1 
ATOM   454  C  CA    . GLY A 1 59  ? -8.553  11.283  -3.966  1.00 13.29 ? 60  GLY A CA    1 
ATOM   455  C  C     . GLY A 1 59  ? -9.316  10.020  -3.612  1.00 14.65 ? 60  GLY A C     1 
ATOM   456  O  O     . GLY A 1 59  ? -9.094  9.453   -2.543  1.00 18.15 ? 60  GLY A O     1 
ATOM   457  N  N     . GLU A 1 60  ? -10.199 9.565   -4.497  1.00 15.98 ? 61  GLU A N     1 
ATOM   458  C  CA    . GLU A 1 60  ? -10.988 8.349   -4.257  1.00 17.39 ? 61  GLU A CA    1 
ATOM   459  C  C     . GLU A 1 60  ? -10.134 7.093   -4.207  1.00 18.03 ? 61  GLU A C     1 
ATOM   460  O  O     . GLU A 1 60  ? -8.949  7.111   -4.557  1.00 20.10 ? 61  GLU A O     1 
ATOM   461  C  CB    . GLU A 1 60  ? -12.071 8.177   -5.334  1.00 18.96 ? 61  GLU A CB    1 
ATOM   462  C  CG    . GLU A 1 60  ? -13.124 9.266   -5.346  1.00 29.50 ? 61  GLU A CG    1 
ATOM   463  C  CD    . GLU A 1 60  ? -13.207 10.010  -4.011  1.00 41.39 ? 61  GLU A CD    1 
ATOM   464  O  OE1   . GLU A 1 60  ? -13.788 9.458   -3.041  1.00 44.57 ? 61  GLU A OE1   1 
ATOM   465  O  OE2   . GLU A 1 60  ? -12.671 11.145  -3.933  1.00 48.16 ? 61  GLU A OE2   1 
ATOM   466  N  N     . ALA A 1 61  ? -10.726 5.997   -3.764  1.00 14.97 ? 62  ALA A N     1 
ATOM   467  C  CA    . ALA A 1 61  ? -9.977  4.754   -3.705  1.00 21.62 ? 62  ALA A CA    1 
ATOM   468  C  C     . ALA A 1 61  ? -10.320 3.846   -4.876  1.00 21.50 ? 62  ALA A C     1 
ATOM   469  O  O     . ALA A 1 61  ? -11.457 3.841   -5.360  1.00 26.73 ? 62  ALA A O     1 
ATOM   470  C  CB    . ALA A 1 61  ? -10.239 4.038   -2.386  1.00 22.97 ? 62  ALA A CB    1 
ATOM   471  N  N     . GLN A 1 62  ? -9.330  3.097   -5.342  1.00 17.85 ? 63  GLN A N     1 
ATOM   472  C  CA    . GLN A 1 62  ? -9.523  2.150   -6.430  1.00 17.41 ? 63  GLN A CA    1 
ATOM   473  C  C     . GLN A 1 62  ? -10.820 1.425   -6.085  1.00 21.06 ? 63  GLN A C     1 
ATOM   474  O  O     . GLN A 1 62  ? -11.005 0.988   -4.954  1.00 24.99 ? 63  GLN A O     1 
ATOM   475  C  CB    . GLN A 1 62  ? -8.346  1.201   -6.442  1.00 12.99 ? 63  GLN A CB    1 
ATOM   476  C  CG    . GLN A 1 62  ? -8.276  0.330   -7.639  1.00 14.93 ? 63  GLN A CG    1 
ATOM   477  C  CD    . GLN A 1 62  ? -8.954  -0.971  -7.408  1.00 15.58 ? 63  GLN A CD    1 
ATOM   478  O  OE1   . GLN A 1 62  ? -9.137  -1.388  -6.265  1.00 8.49  ? 63  GLN A OE1   1 
ATOM   479  N  NE2   . GLN A 1 62  ? -9.314  -1.649  -8.487  1.00 10.13 ? 63  GLN A NE2   1 
ATOM   480  N  N     . CYS A 1 63  ? -11.737 1.324   -7.031  1.00 23.90 ? 64  CYS A N     1 
ATOM   481  C  CA    . CYS A 1 63  ? -13.025 0.732   -6.704  1.00 29.73 ? 64  CYS A CA    1 
ATOM   482  C  C     . CYS A 1 63  ? -13.079 -0.668  -6.131  1.00 25.23 ? 64  CYS A C     1 
ATOM   483  O  O     . CYS A 1 63  ? -13.942 -0.954  -5.306  1.00 21.55 ? 64  CYS A O     1 
ATOM   484  C  CB    . CYS A 1 63  ? -14.038 0.916   -7.830  1.00 39.46 ? 64  CYS A CB    1 
ATOM   485  S  SG    . CYS A 1 63  ? -13.530 0.301   -9.409  1.00 47.89 ? 64  CYS A SG    1 
ATOM   486  N  N     . ASP A 1 64  ? -12.170 -1.541  -6.539  1.00 23.40 ? 65  ASP A N     1 
ATOM   487  C  CA    . ASP A 1 64  ? -12.162 -2.882  -5.976  1.00 21.84 ? 65  ASP A CA    1 
ATOM   488  C  C     . ASP A 1 64  ? -11.997 -2.684  -4.483  1.00 22.31 ? 65  ASP A C     1 
ATOM   489  O  O     . ASP A 1 64  ? -12.732 -3.279  -3.686  1.00 28.84 ? 65  ASP A O     1 
ATOM   490  C  CB    . ASP A 1 64  ? -10.992 -3.714  -6.505  1.00 27.00 ? 65  ASP A CB    1 
ATOM   491  C  CG    . ASP A 1 64  ? -11.229 -4.259  -7.910  1.00 33.35 ? 65  ASP A CG    1 
ATOM   492  O  OD1   . ASP A 1 64  ? -12.405 -4.447  -8.313  1.00 29.26 ? 65  ASP A OD1   1 
ATOM   493  O  OD2   . ASP A 1 64  ? -10.221 -4.516  -8.612  1.00 43.58 ? 65  ASP A OD2   1 
ATOM   494  N  N     . TRP A 1 65  ? -11.083 -1.784  -4.120  1.00 16.97 ? 66  TRP A N     1 
ATOM   495  C  CA    . TRP A 1 65  ? -10.821 -1.480  -2.718  1.00 18.12 ? 66  TRP A CA    1 
ATOM   496  C  C     . TRP A 1 65  ? -11.969 -0.746  -2.074  1.00 16.63 ? 66  TRP A C     1 
ATOM   497  O  O     . TRP A 1 65  ? -12.413 -1.118  -0.996  1.00 20.42 ? 66  TRP A O     1 
ATOM   498  C  CB    . TRP A 1 65  ? -9.530  -0.661  -2.531  1.00 15.31 ? 66  TRP A CB    1 
ATOM   499  C  CG    . TRP A 1 65  ? -8.318  -1.509  -2.208  1.00 12.01 ? 66  TRP A CG    1 
ATOM   500  C  CD1   . TRP A 1 65  ? -7.221  -1.690  -2.994  1.00 9.49  ? 66  TRP A CD1   1 
ATOM   501  C  CD2   . TRP A 1 65  ? -8.094  -2.292  -1.022  1.00 12.62 ? 66  TRP A CD2   1 
ATOM   502  N  NE1   . TRP A 1 65  ? -6.331  -2.525  -2.383  1.00 12.71 ? 66  TRP A NE1   1 
ATOM   503  C  CE2   . TRP A 1 65  ? -6.841  -2.913  -1.167  1.00 19.28 ? 66  TRP A CE2   1 
ATOM   504  C  CE3   . TRP A 1 65  ? -8.828  -2.521  0.152   1.00 14.77 ? 66  TRP A CE3   1 
ATOM   505  C  CZ2   . TRP A 1 65  ? -6.298  -3.756  -0.174  1.00 10.27 ? 66  TRP A CZ2   1 
ATOM   506  C  CZ3   . TRP A 1 65  ? -8.284  -3.359  1.136   1.00 2.25  ? 66  TRP A CZ3   1 
ATOM   507  C  CH2   . TRP A 1 65  ? -7.038  -3.958  0.960   1.00 9.75  ? 66  TRP A CH2   1 
ATOM   508  N  N     . ASP A 1 66  ? -12.471 0.273   -2.753  1.00 16.73 ? 67  ASP A N     1 
ATOM   509  C  CA    . ASP A 1 66  ? -13.559 1.074   -2.221  1.00 15.76 ? 67  ASP A CA    1 
ATOM   510  C  C     . ASP A 1 66  ? -14.698 0.181   -1.791  1.00 18.21 ? 67  ASP A C     1 
ATOM   511  O  O     . ASP A 1 66  ? -15.257 0.324   -0.711  1.00 16.64 ? 67  ASP A O     1 
ATOM   512  C  CB    . ASP A 1 66  ? -14.059 2.036   -3.290  1.00 19.77 ? 67  ASP A CB    1 
ATOM   513  C  CG    . ASP A 1 66  ? -14.993 3.087   -2.736  1.00 16.38 ? 67  ASP A CG    1 
ATOM   514  O  OD1   . ASP A 1 66  ? -16.112 2.763   -2.309  1.00 23.11 ? 67  ASP A OD1   1 
ATOM   515  O  OD2   . ASP A 1 66  ? -14.605 4.263   -2.744  1.00 29.54 ? 67  ASP A OD2   1 
ATOM   516  N  N     . ASP A 1 67  ? -15.003 -0.779  -2.637  1.00 24.08 ? 68  ASP A N     1 
ATOM   517  C  CA    . ASP A 1 67  ? -16.100 -1.670  -2.379  1.00 30.75 ? 68  ASP A CA    1 
ATOM   518  C  C     . ASP A 1 67  ? -15.821 -2.724  -1.328  1.00 31.71 ? 68  ASP A C     1 
ATOM   519  O  O     . ASP A 1 67  ? -16.756 -3.301  -0.785  1.00 38.22 ? 68  ASP A O     1 
ATOM   520  C  CB    . ASP A 1 67  ? -16.597 -2.262  -3.702  1.00 38.36 ? 68  ASP A CB    1 
ATOM   521  C  CG    . ASP A 1 67  ? -17.067 -1.174  -4.668  1.00 46.76 ? 68  ASP A CG    1 
ATOM   522  O  OD1   . ASP A 1 67  ? -17.974 -0.392  -4.284  1.00 51.64 ? 68  ASP A OD1   1 
ATOM   523  O  OD2   . ASP A 1 67  ? -16.503 -1.063  -5.779  1.00 46.58 ? 68  ASP A OD2   1 
ATOM   524  N  N     . PHE A 1 68  ? -14.553 -2.939  -0.995  1.00 27.55 ? 69  PHE A N     1 
ATOM   525  C  CA    . PHE A 1 68  ? -14.215 -3.929  0.019   1.00 21.51 ? 69  PHE A CA    1 
ATOM   526  C  C     . PHE A 1 68  ? -14.085 -3.314  1.400   1.00 21.48 ? 69  PHE A C     1 
ATOM   527  O  O     . PHE A 1 68  ? -14.190 -4.008  2.409   1.00 21.42 ? 69  PHE A O     1 
ATOM   528  C  CB    . PHE A 1 68  ? -12.921 -4.612  -0.333  1.00 18.78 ? 69  PHE A CB    1 
ATOM   529  C  CG    . PHE A 1 68  ? -12.535 -5.666  0.623   1.00 16.80 ? 69  PHE A CG    1 
ATOM   530  C  CD1   . PHE A 1 68  ? -11.860 -5.348  1.783   1.00 15.00 ? 69  PHE A CD1   1 
ATOM   531  C  CD2   . PHE A 1 68  ? -12.819 -6.995  0.353   1.00 20.98 ? 69  PHE A CD2   1 
ATOM   532  C  CE1   . PHE A 1 68  ? -11.461 -6.350  2.669   1.00 16.81 ? 69  PHE A CE1   1 
ATOM   533  C  CE2   . PHE A 1 68  ? -12.424 -8.005  1.230   1.00 24.06 ? 69  PHE A CE2   1 
ATOM   534  C  CZ    . PHE A 1 68  ? -11.744 -7.682  2.392   1.00 14.84 ? 69  PHE A CZ    1 
ATOM   535  N  N     . PHE A 1 69  ? -13.888 -2.002  1.439   1.00 23.45 ? 70  PHE A N     1 
ATOM   536  C  CA    . PHE A 1 69  ? -13.719 -1.269  2.689   1.00 26.56 ? 70  PHE A CA    1 
ATOM   537  C  C     . PHE A 1 69  ? -14.628 -1.674  3.832   1.00 27.05 ? 70  PHE A C     1 
ATOM   538  O  O     . PHE A 1 69  ? -14.180 -1.741  4.965   1.00 29.49 ? 70  PHE A O     1 
ATOM   539  C  CB    . PHE A 1 69  ? -13.788 0.244   2.461   1.00 19.96 ? 70  PHE A CB    1 
ATOM   540  C  CG    . PHE A 1 69  ? -12.544 0.813   1.877   1.00 17.28 ? 70  PHE A CG    1 
ATOM   541  C  CD1   . PHE A 1 69  ? -11.347 0.094   1.921   1.00 18.03 ? 70  PHE A CD1   1 
ATOM   542  C  CD2   . PHE A 1 69  ? -12.553 2.072   1.284   1.00 15.49 ? 70  PHE A CD2   1 
ATOM   543  C  CE1   . PHE A 1 69  ? -10.172 0.628   1.380   1.00 18.69 ? 70  PHE A CE1   1 
ATOM   544  C  CE2   . PHE A 1 69  ? -11.388 2.620   0.740   1.00 11.23 ? 70  PHE A CE2   1 
ATOM   545  C  CZ    . PHE A 1 69  ? -10.194 1.896   0.787   1.00 13.54 ? 70  PHE A CZ    1 
ATOM   546  N  N     . PRO A 1 70  ? -15.924 -1.907  3.565   1.00 30.24 ? 71  PRO A N     1 
ATOM   547  C  CA    . PRO A 1 70  ? -16.832 -2.310  4.646   1.00 29.07 ? 71  PRO A CA    1 
ATOM   548  C  C     . PRO A 1 70  ? -16.298 -3.571  5.316   1.00 23.57 ? 71  PRO A C     1 
ATOM   549  O  O     . PRO A 1 70  ? -16.177 -3.636  6.519   1.00 17.82 ? 71  PRO A O     1 
ATOM   550  C  CB    . PRO A 1 70  ? -18.128 -2.597  3.896   1.00 32.96 ? 71  PRO A CB    1 
ATOM   551  C  CG    . PRO A 1 70  ? -18.095 -1.578  2.800   1.00 32.51 ? 71  PRO A CG    1 
ATOM   552  C  CD    . PRO A 1 70  ? -16.674 -1.668  2.317   1.00 32.06 ? 71  PRO A CD    1 
ATOM   553  N  N     . THR A 1 71  ? -15.948 -4.557  4.507   1.00 22.95 ? 72  THR A N     1 
ATOM   554  C  CA    . THR A 1 71  ? -15.409 -5.805  5.017   1.00 21.01 ? 72  THR A CA    1 
ATOM   555  C  C     . THR A 1 71  ? -14.118 -5.484  5.747   1.00 23.49 ? 72  THR A C     1 
ATOM   556  O  O     . THR A 1 71  ? -13.789 -6.097  6.760   1.00 29.24 ? 72  THR A O     1 
ATOM   557  C  CB    . THR A 1 71  ? -15.092 -6.759  3.844   1.00 15.96 ? 72  THR A CB    1 
ATOM   558  O  OG1   . THR A 1 71  ? -16.289 -7.012  3.112   1.00 23.33 ? 72  THR A OG1   1 
ATOM   559  C  CG2   . THR A 1 71  ? -14.539 -8.062  4.330   1.00 13.28 ? 72  THR A CG2   1 
ATOM   560  N  N     . LEU A 1 72  ? -13.392 -4.506  5.225   1.00 23.54 ? 73  LEU A N     1 
ATOM   561  C  CA    . LEU A 1 72  ? -12.121 -4.105  5.799   1.00 26.21 ? 73  LEU A CA    1 
ATOM   562  C  C     . LEU A 1 72  ? -12.324 -3.637  7.239   1.00 26.92 ? 73  LEU A C     1 
ATOM   563  O  O     . LEU A 1 72  ? -11.614 -4.085  8.136   1.00 28.91 ? 73  LEU A O     1 
ATOM   564  C  CB    . LEU A 1 72  ? -11.487 -3.002  4.933   1.00 27.28 ? 73  LEU A CB    1 
ATOM   565  C  CG    . LEU A 1 72  ? -9.981  -2.888  4.648   1.00 24.07 ? 73  LEU A CG    1 
ATOM   566  C  CD1   . LEU A 1 72  ? -9.527  -1.539  5.112   1.00 23.07 ? 73  LEU A CD1   1 
ATOM   567  C  CD2   . LEU A 1 72  ? -9.156  -3.971  5.315   1.00 26.11 ? 73  LEU A CD2   1 
ATOM   568  N  N     . GLU A 1 73  ? -13.357 -2.822  7.457   1.00 29.61 ? 74  GLU A N     1 
ATOM   569  C  CA    . GLU A 1 73  ? -13.700 -2.270  8.780   1.00 36.78 ? 74  GLU A CA    1 
ATOM   570  C  C     . GLU A 1 73  ? -14.326 -3.280  9.765   1.00 39.49 ? 74  GLU A C     1 
ATOM   571  O  O     . GLU A 1 73  ? -14.797 -2.888  10.835  1.00 40.78 ? 74  GLU A O     1 
ATOM   572  C  CB    . GLU A 1 73  ? -14.693 -1.106  8.631   1.00 38.96 ? 74  GLU A CB    1 
ATOM   573  C  CG    . GLU A 1 73  ? -14.296 -0.004  7.663   1.00 38.38 ? 74  GLU A CG    1 
ATOM   574  C  CD    . GLU A 1 73  ? -15.470 0.895   7.287   1.00 40.42 ? 74  GLU A CD    1 
ATOM   575  O  OE1   . GLU A 1 73  ? -16.612 0.384   7.169   1.00 40.67 ? 74  GLU A OE1   1 
ATOM   576  O  OE2   . GLU A 1 73  ? -15.251 2.114   7.107   1.00 42.95 ? 74  GLU A OE2   1 
ATOM   577  N  N     . GLU A 1 74  ? -14.396 -4.551  9.378   1.00 42.34 ? 75  GLU A N     1 
ATOM   578  C  CA    . GLU A 1 74  ? -14.972 -5.602  10.220  1.00 43.10 ? 75  GLU A CA    1 
ATOM   579  C  C     . GLU A 1 74  ? -13.832 -6.423  10.807  1.00 40.61 ? 75  GLU A C     1 
ATOM   580  O  O     . GLU A 1 74  ? -14.028 -7.265  11.690  1.00 41.18 ? 75  GLU A O     1 
ATOM   581  C  CB    . GLU A 1 74  ? -15.859 -6.541  9.374   1.00 47.89 ? 75  GLU A CB    1 
ATOM   582  C  CG    . GLU A 1 74  ? -17.013 -5.884  8.608   1.00 52.72 ? 75  GLU A CG    1 
ATOM   583  C  CD    . GLU A 1 74  ? -17.928 -6.895  7.925   1.00 57.23 ? 75  GLU A CD    1 
ATOM   584  O  OE1   . GLU A 1 74  ? -17.852 -8.095  8.265   1.00 60.31 ? 75  GLU A OE1   1 
ATOM   585  O  OE2   . GLU A 1 74  ? -18.729 -6.490  7.048   1.00 62.23 ? 75  GLU A OE2   1 
ATOM   586  N  N     . ILE A 1 75  ? -12.650 -6.207  10.247  1.00 39.46 ? 76  ILE A N     1 
ATOM   587  C  CA    . ILE A 1 75  ? -11.450 -6.914  10.636  1.00 38.26 ? 76  ILE A CA    1 
ATOM   588  C  C     . ILE A 1 75  ? -10.759 -6.225  11.801  1.00 39.92 ? 76  ILE A C     1 
ATOM   589  O  O     . ILE A 1 75  ? -10.581 -5.006  11.803  1.00 41.35 ? 76  ILE A O     1 
ATOM   590  C  CB    . ILE A 1 75  ? -10.476 -7.021  9.424   1.00 36.48 ? 76  ILE A CB    1 
ATOM   591  C  CG1   . ILE A 1 75  ? -11.136 -7.805  8.285   1.00 37.00 ? 76  ILE A CG1   1 
ATOM   592  C  CG2   . ILE A 1 75  ? -9.148  -7.668  9.832   1.00 39.94 ? 76  ILE A CG2   1 
ATOM   593  C  CD1   . ILE A 1 75  ? -10.252 -7.988  7.059   1.00 35.51 ? 76  ILE A CD1   1 
ATOM   594  N  N     . ASP A 1 76  ? -10.442 -7.008  12.827  1.00 42.63 ? 77  ASP A N     1 
ATOM   595  C  CA    . ASP A 1 76  ? -9.723  -6.501  13.990  1.00 43.51 ? 77  ASP A CA    1 
ATOM   596  C  C     . ASP A 1 76  ? -8.277  -6.600  13.543  1.00 41.73 ? 77  ASP A C     1 
ATOM   597  O  O     . ASP A 1 76  ? -7.830  -7.682  13.155  1.00 46.76 ? 77  ASP A O     1 
ATOM   598  C  CB    . ASP A 1 76  ? -9.942  -7.413  15.202  1.00 48.62 ? 77  ASP A CB    1 
ATOM   599  C  CG    . ASP A 1 76  ? -9.453  -6.792  16.505  1.00 50.96 ? 77  ASP A CG    1 
ATOM   600  O  OD1   . ASP A 1 76  ? -9.103  -5.588  16.509  1.00 52.50 ? 77  ASP A OD1   1 
ATOM   601  O  OD2   . ASP A 1 76  ? -9.441  -7.512  17.529  1.00 51.29 ? 77  ASP A OD2   1 
ATOM   602  N  N     . PHE A 1 77  ? -7.567  -5.479  13.519  1.00 37.35 ? 78  PHE A N     1 
ATOM   603  C  CA    . PHE A 1 77  ? -6.180  -5.498  13.078  1.00 34.65 ? 78  PHE A CA    1 
ATOM   604  C  C     . PHE A 1 77  ? -5.249  -5.524  14.257  1.00 34.60 ? 78  PHE A C     1 
ATOM   605  O  O     . PHE A 1 77  ? -4.025  -5.554  14.099  1.00 32.85 ? 78  PHE A O     1 
ATOM   606  C  CB    . PHE A 1 77  ? -5.889  -4.320  12.143  1.00 33.96 ? 78  PHE A CB    1 
ATOM   607  C  CG    . PHE A 1 77  ? -6.616  -4.413  10.824  1.00 27.27 ? 78  PHE A CG    1 
ATOM   608  C  CD1   . PHE A 1 77  ? -7.925  -3.955  10.704  1.00 13.54 ? 78  PHE A CD1   1 
ATOM   609  C  CD2   . PHE A 1 77  ? -6.019  -5.032  9.733   1.00 26.04 ? 78  PHE A CD2   1 
ATOM   610  C  CE1   . PHE A 1 77  ? -8.627  -4.114  9.532   1.00 14.36 ? 78  PHE A CE1   1 
ATOM   611  C  CE2   . PHE A 1 77  ? -6.725  -5.197  8.548   1.00 27.18 ? 78  PHE A CE2   1 
ATOM   612  C  CZ    . PHE A 1 77  ? -8.035  -4.736  8.452   1.00 19.98 ? 78  PHE A CZ    1 
ATOM   613  N  N     . ASN A 1 78  ? -5.849  -5.514  15.443  1.00 37.11 ? 79  ASN A N     1 
ATOM   614  C  CA    . ASN A 1 78  ? -5.107  -5.575  16.688  1.00 39.28 ? 79  ASN A CA    1 
ATOM   615  C  C     . ASN A 1 78  ? -4.338  -6.875  16.646  1.00 37.50 ? 79  ASN A C     1 
ATOM   616  O  O     . ASN A 1 78  ? -4.895  -7.922  16.346  1.00 35.02 ? 79  ASN A O     1 
ATOM   617  C  CB    . ASN A 1 78  ? -6.054  -5.555  17.887  1.00 43.41 ? 79  ASN A CB    1 
ATOM   618  C  CG    . ASN A 1 78  ? -6.472  -4.138  18.287  1.00 51.48 ? 79  ASN A CG    1 
ATOM   619  O  OD1   . ASN A 1 78  ? -7.602  -3.705  18.033  1.00 53.52 ? 79  ASN A OD1   1 
ATOM   620  N  ND2   . ASN A 1 78  ? -5.558  -3.417  18.932  1.00 55.77 ? 79  ASN A ND2   1 
ATOM   621  N  N     . GLY A 1 79  ? -3.037  -6.780  16.879  1.00 39.62 ? 80  GLY A N     1 
ATOM   622  C  CA    . GLY A 1 79  ? -2.195  -7.951  16.841  1.00 40.12 ? 80  GLY A CA    1 
ATOM   623  C  C     . GLY A 1 79  ? -1.556  -8.129  15.478  1.00 42.87 ? 80  GLY A C     1 
ATOM   624  O  O     . GLY A 1 79  ? -0.786  -9.071  15.277  1.00 43.97 ? 80  GLY A O     1 
ATOM   625  N  N     . LYS A 1 80  ? -1.853  -7.229  14.542  1.00 43.42 ? 81  LYS A N     1 
ATOM   626  C  CA    . LYS A 1 80  ? -1.288  -7.332  13.202  1.00 38.45 ? 81  LYS A CA    1 
ATOM   627  C  C     . LYS A 1 80  ? -0.350  -6.198  12.847  1.00 38.25 ? 81  LYS A C     1 
ATOM   628  O  O     . LYS A 1 80  ? -0.486  -5.082  13.365  1.00 40.36 ? 81  LYS A O     1 
ATOM   629  C  CB    . LYS A 1 80  ? -2.390  -7.408  12.156  1.00 35.28 ? 81  LYS A CB    1 
ATOM   630  C  CG    . LYS A 1 80  ? -3.342  -8.568  12.345  1.00 38.85 ? 81  LYS A CG    1 
ATOM   631  C  CD    . LYS A 1 80  ? -3.981  -8.987  11.031  1.00 35.95 ? 81  LYS A CD    1 
ATOM   632  C  CE    . LYS A 1 80  ? -5.040  -10.058 11.234  1.00 32.12 ? 81  LYS A CE    1 
ATOM   633  N  NZ    . LYS A 1 80  ? -6.353  -9.473  11.639  1.00 34.26 ? 81  LYS A NZ    1 
ATOM   634  N  N     . LEU A 1 81  ? 0.606   -6.514  11.974  1.00 35.65 ? 82  LEU A N     1 
ATOM   635  C  CA    . LEU A 1 81  ? 1.600   -5.572  11.463  1.00 34.29 ? 82  LEU A CA    1 
ATOM   636  C  C     . LEU A 1 81  ? 1.296   -5.310  9.985   1.00 34.53 ? 82  LEU A C     1 
ATOM   637  O  O     . LEU A 1 81  ? 1.333   -6.238  9.164   1.00 36.85 ? 82  LEU A O     1 
ATOM   638  C  CB    . LEU A 1 81  ? 2.998   -6.178  11.549  1.00 34.19 ? 82  LEU A CB    1 
ATOM   639  C  CG    . LEU A 1 81  ? 3.746   -6.198  12.869  1.00 34.38 ? 82  LEU A CG    1 
ATOM   640  C  CD1   . LEU A 1 81  ? 5.074   -6.911  12.663  1.00 38.80 ? 82  LEU A CD1   1 
ATOM   641  C  CD2   . LEU A 1 81  ? 3.975   -4.776  13.343  1.00 38.07 ? 82  LEU A CD2   1 
ATOM   642  N  N     . VAL A 1 82  ? 1.035   -4.059  9.627   1.00 30.34 ? 83  VAL A N     1 
ATOM   643  C  CA    . VAL A 1 82  ? 0.735   -3.743  8.233   1.00 25.95 ? 83  VAL A CA    1 
ATOM   644  C  C     . VAL A 1 82  ? 1.742   -2.760  7.639   1.00 22.02 ? 83  VAL A C     1 
ATOM   645  O  O     . VAL A 1 82  ? 2.481   -2.093  8.359   1.00 20.05 ? 83  VAL A O     1 
ATOM   646  C  CB    . VAL A 1 82  ? -0.690  -3.121  8.075   1.00 24.71 ? 83  VAL A CB    1 
ATOM   647  C  CG1   . VAL A 1 82  ? -1.126  -3.149  6.624   1.00 20.18 ? 83  VAL A CG1   1 
ATOM   648  C  CG2   . VAL A 1 82  ? -1.704  -3.850  8.930   1.00 22.64 ? 83  VAL A CG2   1 
ATOM   649  N  N     . ALA A 1 83  ? 1.796   -2.728  6.317   1.00 16.30 ? 84  ALA A N     1 
ATOM   650  C  CA    . ALA A 1 83  ? 2.633   -1.795  5.580   1.00 16.18 ? 84  ALA A CA    1 
ATOM   651  C  C     . ALA A 1 83  ? 1.687   -1.362  4.469   1.00 17.16 ? 84  ALA A C     1 
ATOM   652  O  O     . ALA A 1 83  ? 0.677   -2.022  4.237   1.00 17.90 ? 84  ALA A O     1 
ATOM   653  C  CB    . ALA A 1 83  ? 3.841   -2.483  5.005   1.00 12.14 ? 84  ALA A CB    1 
ATOM   654  N  N     . LEU A 1 84  ? 1.965   -0.254  3.799   1.00 17.36 ? 85  LEU A N     1 
ATOM   655  C  CA    . LEU A 1 84  ? 1.073   0.186   2.733   1.00 17.94 ? 85  LEU A CA    1 
ATOM   656  C  C     . LEU A 1 84  ? 1.837   0.700   1.549   1.00 18.05 ? 85  LEU A C     1 
ATOM   657  O  O     . LEU A 1 84  ? 2.851   1.374   1.702   1.00 21.05 ? 85  LEU A O     1 
ATOM   658  C  CB    . LEU A 1 84  ? 0.128   1.284   3.219   1.00 13.67 ? 85  LEU A CB    1 
ATOM   659  C  CG    . LEU A 1 84  ? -0.674  0.955   4.476   1.00 11.70 ? 85  LEU A CG    1 
ATOM   660  C  CD1   . LEU A 1 84  ? -1.519  2.152   4.892   1.00 11.71 ? 85  LEU A CD1   1 
ATOM   661  C  CD2   . LEU A 1 84  ? -1.541  -0.259  4.222   1.00 8.03  ? 85  LEU A CD2   1 
ATOM   662  N  N     . PHE A 1 85  ? 1.350   0.366   0.365   1.00 16.40 ? 86  PHE A N     1 
ATOM   663  C  CA    . PHE A 1 85  ? 1.963   0.812   -0.869  1.00 14.41 ? 86  PHE A CA    1 
ATOM   664  C  C     . PHE A 1 85  ? 0.844   1.152   -1.849  1.00 11.62 ? 86  PHE A C     1 
ATOM   665  O  O     . PHE A 1 85  ? -0.309  0.821   -1.637  1.00 9.57  ? 86  PHE A O     1 
ATOM   666  C  CB    . PHE A 1 85  ? 2.902   -0.256  -1.433  1.00 17.92 ? 86  PHE A CB    1 
ATOM   667  C  CG    . PHE A 1 85  ? 2.226   -1.552  -1.739  1.00 23.32 ? 86  PHE A CG    1 
ATOM   668  C  CD1   . PHE A 1 85  ? 1.782   -2.383  -0.707  1.00 23.95 ? 86  PHE A CD1   1 
ATOM   669  C  CD2   . PHE A 1 85  ? 2.009   -1.938  -3.053  1.00 16.37 ? 86  PHE A CD2   1 
ATOM   670  C  CE1   . PHE A 1 85  ? 1.129   -3.578  -0.978  1.00 14.32 ? 86  PHE A CE1   1 
ATOM   671  C  CE2   . PHE A 1 85  ? 1.355   -3.128  -3.326  1.00 24.24 ? 86  PHE A CE2   1 
ATOM   672  C  CZ    . PHE A 1 85  ? 0.915   -3.949  -2.275  1.00 22.41 ? 86  PHE A CZ    1 
ATOM   673  N  N     . GLY A 1 86  ? 1.166   1.873   -2.900  1.00 14.01 ? 87  GLY A N     1 
ATOM   674  C  CA    . GLY A 1 86  ? 0.126   2.222   -3.833  1.00 15.55 ? 87  GLY A CA    1 
ATOM   675  C  C     . GLY A 1 86  ? 0.751   2.960   -4.969  1.00 11.03 ? 87  GLY A C     1 
ATOM   676  O  O     . GLY A 1 86  ? 1.963   3.125   -4.979  1.00 14.88 ? 87  GLY A O     1 
ATOM   677  N  N     . CYS A 1 87  ? -0.059  3.384   -5.929  1.00 6.27  ? 88  CYS A N     1 
ATOM   678  C  CA    . CYS A 1 87  ? 0.474   4.113   -7.066  1.00 6.62  ? 88  CYS A CA    1 
ATOM   679  C  C     . CYS A 1 87  ? -0.263  5.420   -7.133  1.00 7.74  ? 88  CYS A C     1 
ATOM   680  O  O     . CYS A 1 87  ? -1.362  5.542   -6.577  1.00 8.32  ? 88  CYS A O     1 
ATOM   681  C  CB    . CYS A 1 87  ? 0.288   3.327   -8.370  1.00 8.23  ? 88  CYS A CB    1 
ATOM   682  S  SG    . CYS A 1 87  ? 1.120   1.724   -8.383  1.00 12.23 ? 88  CYS A SG    1 
ATOM   683  N  N     . GLY A 1 88  ? 0.361   6.407   -7.765  1.00 9.32  ? 89  GLY A N     1 
ATOM   684  C  CA    . GLY A 1 88  ? -0.258  7.717   -7.906  1.00 6.64  ? 89  GLY A CA    1 
ATOM   685  C  C     . GLY A 1 88  ? 0.375   8.469   -9.057  1.00 6.07  ? 89  GLY A C     1 
ATOM   686  O  O     . GLY A 1 88  ? 1.318   7.978   -9.705  1.00 2.00  ? 89  GLY A O     1 
ATOM   687  N  N     . ASP A 1 89  ? -0.161  9.650   -9.324  1.00 4.95  ? 90  ASP A N     1 
ATOM   688  C  CA    . ASP A 1 89  ? 0.328   10.502  -10.398 1.00 3.30  ? 90  ASP A CA    1 
ATOM   689  C  C     . ASP A 1 89  ? 0.492   11.865  -9.753  1.00 7.59  ? 90  ASP A C     1 
ATOM   690  O  O     . ASP A 1 89  ? -0.491  12.567  -9.484  1.00 9.47  ? 90  ASP A O     1 
ATOM   691  C  CB    . ASP A 1 89  ? -0.694  10.555  -11.539 1.00 2.00  ? 90  ASP A CB    1 
ATOM   692  C  CG    . ASP A 1 89  ? -0.191  11.335  -12.747 1.00 12.97 ? 90  ASP A CG    1 
ATOM   693  O  OD1   . ASP A 1 89  ? 0.780   12.108  -12.605 1.00 19.30 ? 90  ASP A OD1   1 
ATOM   694  O  OD2   . ASP A 1 89  ? -0.769  11.176  -13.845 1.00 5.13  ? 90  ASP A OD2   1 
ATOM   695  N  N     . GLN A 1 90  ? 1.747   12.222  -9.500  1.00 10.49 ? 91  GLN A N     1 
ATOM   696  C  CA    . GLN A 1 90  ? 2.105   13.470  -8.837  1.00 8.12  ? 91  GLN A CA    1 
ATOM   697  C  C     . GLN A 1 90  ? 2.131   14.710  -9.727  1.00 12.54 ? 91  GLN A C     1 
ATOM   698  O  O     . GLN A 1 90  ? 2.365   15.811  -9.219  1.00 19.64 ? 91  GLN A O     1 
ATOM   699  C  CB    . GLN A 1 90  ? 3.456   13.299  -8.152  1.00 5.40  ? 91  GLN A CB    1 
ATOM   700  C  CG    . GLN A 1 90  ? 4.557   13.123  -9.151  1.00 9.09  ? 91  GLN A CG    1 
ATOM   701  C  CD    . GLN A 1 90  ? 5.855   12.716  -8.546  1.00 5.84  ? 91  GLN A CD    1 
ATOM   702  O  OE1   . GLN A 1 90  ? 6.640   13.557  -8.117  1.00 8.75  ? 91  GLN A OE1   1 
ATOM   703  N  NE2   . GLN A 1 90  ? 6.119   11.424  -8.540  1.00 4.90  ? 91  GLN A NE2   1 
ATOM   704  N  N     . GLU A 1 91  ? 1.955   14.558  -11.042 1.00 6.59  ? 92  GLU A N     1 
ATOM   705  C  CA    . GLU A 1 91  ? 1.948   15.731  -11.930 1.00 7.62  ? 92  GLU A CA    1 
ATOM   706  C  C     . GLU A 1 91  ? 0.569   16.139  -12.507 1.00 10.73 ? 92  GLU A C     1 
ATOM   707  O  O     . GLU A 1 91  ? 0.337   17.311  -12.780 1.00 15.99 ? 92  GLU A O     1 
ATOM   708  C  CB    . GLU A 1 91  ? 2.979   15.564  -13.044 1.00 2.00  ? 92  GLU A CB    1 
ATOM   709  C  CG    . GLU A 1 91  ? 4.400   15.519  -12.530 1.00 4.21  ? 92  GLU A CG    1 
ATOM   710  C  CD    . GLU A 1 91  ? 5.384   14.890  -13.499 1.00 10.09 ? 92  GLU A CD    1 
ATOM   711  O  OE1   . GLU A 1 91  ? 5.055   14.677  -14.688 1.00 8.97  ? 92  GLU A OE1   1 
ATOM   712  O  OE2   . GLU A 1 91  ? 6.509   14.592  -13.054 1.00 14.25 ? 92  GLU A OE2   1 
ATOM   713  N  N     . ASP A 1 92  ? -0.340  15.185  -12.704 1.00 14.15 ? 93  ASP A N     1 
ATOM   714  C  CA    . ASP A 1 92  ? -1.674  15.496  -13.242 1.00 11.73 ? 93  ASP A CA    1 
ATOM   715  C  C     . ASP A 1 92  ? -2.714  15.446  -12.126 1.00 10.56 ? 93  ASP A C     1 
ATOM   716  O  O     . ASP A 1 92  ? -3.829  15.962  -12.271 1.00 2.26  ? 93  ASP A O     1 
ATOM   717  C  CB    . ASP A 1 92  ? -2.065  14.523  -14.366 1.00 11.23 ? 93  ASP A CB    1 
ATOM   718  C  CG    . ASP A 1 92  ? -1.377  14.846  -15.688 1.00 15.26 ? 93  ASP A CG    1 
ATOM   719  O  OD1   . ASP A 1 92  ? -0.132  14.785  -15.749 1.00 17.96 ? 93  ASP A OD1   1 
ATOM   720  O  OD2   . ASP A 1 92  ? -2.076  15.178  -16.666 1.00 5.60  ? 93  ASP A OD2   1 
ATOM   721  N  N     . TYR A 1 93  ? -2.333  14.827  -11.012 1.00 8.68  ? 94  TYR A N     1 
ATOM   722  C  CA    . TYR A 1 93  ? -3.192  14.699  -9.844  1.00 12.35 ? 94  TYR A CA    1 
ATOM   723  C  C     . TYR A 1 93  ? -2.336  14.948  -8.600  1.00 12.57 ? 94  TYR A C     1 
ATOM   724  O  O     . TYR A 1 93  ? -2.534  14.351  -7.541  1.00 13.63 ? 94  TYR A O     1 
ATOM   725  C  CB    . TYR A 1 93  ? -3.848  13.311  -9.832  1.00 15.10 ? 94  TYR A CB    1 
ATOM   726  C  CG    . TYR A 1 93  ? -4.653  13.007  -11.107 1.00 17.93 ? 94  TYR A CG    1 
ATOM   727  C  CD1   . TYR A 1 93  ? -5.970  13.470  -11.264 1.00 15.79 ? 94  TYR A CD1   1 
ATOM   728  C  CD2   . TYR A 1 93  ? -4.073  12.317  -12.178 1.00 13.57 ? 94  TYR A CD2   1 
ATOM   729  C  CE1   . TYR A 1 93  ? -6.669  13.264  -12.446 1.00 7.52  ? 94  TYR A CE1   1 
ATOM   730  C  CE2   . TYR A 1 93  ? -4.770  12.107  -13.364 1.00 11.21 ? 94  TYR A CE2   1 
ATOM   731  C  CZ    . TYR A 1 93  ? -6.059  12.589  -13.493 1.00 12.70 ? 94  TYR A CZ    1 
ATOM   732  O  OH    . TYR A 1 93  ? -6.711  12.454  -14.696 1.00 15.33 ? 94  TYR A OH    1 
ATOM   733  N  N     . ALA A 1 94  ? -1.448  15.932  -8.740  1.00 12.03 ? 95  ALA A N     1 
ATOM   734  C  CA    . ALA A 1 94  ? -0.499  16.337  -7.706  1.00 11.33 ? 95  ALA A CA    1 
ATOM   735  C  C     . ALA A 1 94  ? -1.191  16.726  -6.448  1.00 12.83 ? 95  ALA A C     1 
ATOM   736  O  O     . ALA A 1 94  ? -0.580  16.705  -5.383  1.00 12.36 ? 95  ALA A O     1 
ATOM   737  C  CB    . ALA A 1 94  ? 0.328   17.518  -8.175  1.00 5.39  ? 95  ALA A CB    1 
ATOM   738  N  N     . GLU A 1 95  ? -2.432  17.174  -6.578  1.00 10.94 ? 96  GLU A N     1 
ATOM   739  C  CA    . GLU A 1 95  ? -3.166  17.585  -5.407  1.00 15.17 ? 96  GLU A CA    1 
ATOM   740  C  C     . GLU A 1 95  ? -3.941  16.488  -4.687  1.00 17.75 ? 96  GLU A C     1 
ATOM   741  O  O     . GLU A 1 95  ? -4.732  16.784  -3.792  1.00 23.81 ? 96  GLU A O     1 
ATOM   742  C  CB    . GLU A 1 95  ? -4.030  18.818  -5.683  1.00 14.78 ? 96  GLU A CB    1 
ATOM   743  C  CG    . GLU A 1 95  ? -5.058  18.659  -6.713  1.00 14.11 ? 96  GLU A CG    1 
ATOM   744  C  CD    . GLU A 1 95  ? -4.545  18.965  -8.086  1.00 20.21 ? 96  GLU A CD    1 
ATOM   745  O  OE1   . GLU A 1 95  ? -4.575  20.154  -8.455  1.00 18.94 ? 96  GLU A OE1   1 
ATOM   746  O  OE2   . GLU A 1 95  ? -4.146  18.022  -8.800  1.00 15.80 ? 96  GLU A OE2   1 
ATOM   747  N  N     . TYR A 1 96  ? -3.708  15.227  -5.059  1.00 17.58 ? 97  TYR A N     1 
ATOM   748  C  CA    . TYR A 1 96  ? -4.356  14.093  -4.388  1.00 15.98 ? 97  TYR A CA    1 
ATOM   749  C  C     . TYR A 1 96  ? -3.376  12.949  -4.393  1.00 15.15 ? 97  TYR A C     1 
ATOM   750  O  O     . TYR A 1 96  ? -3.760  11.809  -4.151  1.00 19.18 ? 97  TYR A O     1 
ATOM   751  C  CB    . TYR A 1 96  ? -5.597  13.607  -5.136  1.00 14.90 ? 97  TYR A CB    1 
ATOM   752  C  CG    . TYR A 1 96  ? -6.426  14.687  -5.740  1.00 11.85 ? 97  TYR A CG    1 
ATOM   753  C  CD1   . TYR A 1 96  ? -7.292  15.442  -4.963  1.00 15.08 ? 97  TYR A CD1   1 
ATOM   754  C  CD2   . TYR A 1 96  ? -6.309  15.001  -7.080  1.00 12.26 ? 97  TYR A CD2   1 
ATOM   755  C  CE1   . TYR A 1 96  ? -8.026  16.505  -5.514  1.00 5.96  ? 97  TYR A CE1   1 
ATOM   756  C  CE2   . TYR A 1 96  ? -7.031  16.058  -7.634  1.00 13.98 ? 97  TYR A CE2   1 
ATOM   757  C  CZ    . TYR A 1 96  ? -7.880  16.805  -6.842  1.00 4.39  ? 97  TYR A CZ    1 
ATOM   758  O  OH    . TYR A 1 96  ? -8.536  17.883  -7.373  1.00 6.43  ? 97  TYR A OH    1 
ATOM   759  N  N     . PHE A 1 97  ? -2.108  13.256  -4.641  1.00 17.40 ? 98  PHE A N     1 
ATOM   760  C  CA    . PHE A 1 97  ? -1.065  12.233  -4.753  1.00 13.93 ? 98  PHE A CA    1 
ATOM   761  C  C     . PHE A 1 97  ? -1.045  11.154  -3.673  1.00 13.11 ? 98  PHE A C     1 
ATOM   762  O  O     . PHE A 1 97  ? -0.519  11.342  -2.582  1.00 13.41 ? 98  PHE A O     1 
ATOM   763  C  CB    . PHE A 1 97  ? 0.319   12.878  -4.876  1.00 10.79 ? 98  PHE A CB    1 
ATOM   764  C  CG    . PHE A 1 97  ? 1.401   11.900  -5.206  1.00 7.47  ? 98  PHE A CG    1 
ATOM   765  C  CD1   . PHE A 1 97  ? 1.402   11.239  -6.423  1.00 9.29  ? 98  PHE A CD1   1 
ATOM   766  C  CD2   . PHE A 1 97  ? 2.397   11.605  -4.290  1.00 13.19 ? 98  PHE A CD2   1 
ATOM   767  C  CE1   . PHE A 1 97  ? 2.376   10.293  -6.727  1.00 15.33 ? 98  PHE A CE1   1 
ATOM   768  C  CE2   . PHE A 1 97  ? 3.380   10.657  -4.583  1.00 16.05 ? 98  PHE A CE2   1 
ATOM   769  C  CZ    . PHE A 1 97  ? 3.367   9.999   -5.806  1.00 18.79 ? 98  PHE A CZ    1 
ATOM   770  N  N     . CYS A 1 98  ? -1.590  9.999   -4.016  1.00 13.07 ? 99  CYS A N     1 
ATOM   771  C  CA    . CYS A 1 98  ? -1.638  8.863   -3.112  1.00 8.07  ? 99  CYS A CA    1 
ATOM   772  C  C     . CYS A 1 98  ? -2.486  9.063   -1.862  1.00 5.29  ? 99  CYS A C     1 
ATOM   773  O  O     . CYS A 1 98  ? -2.188  8.500   -0.812  1.00 11.46 ? 99  CYS A O     1 
ATOM   774  C  CB    . CYS A 1 98  ? -0.225  8.391   -2.765  1.00 9.33  ? 99  CYS A CB    1 
ATOM   775  S  SG    . CYS A 1 98  ? 0.724   7.770   -4.193  1.00 12.14 ? 99  CYS A SG    1 
ATOM   776  N  N     . ASP A 1 99  ? -3.589  9.792   -1.990  1.00 6.03  ? 100 ASP A N     1 
ATOM   777  C  CA    . ASP A 1 99  ? -4.491  10.005  -0.858  1.00 7.32  ? 100 ASP A CA    1 
ATOM   778  C  C     . ASP A 1 99  ? -5.042  8.678   -0.371  1.00 8.63  ? 100 ASP A C     1 
ATOM   779  O  O     . ASP A 1 99  ? -5.176  8.467   0.827   1.00 10.32 ? 100 ASP A O     1 
ATOM   780  C  CB    . ASP A 1 99  ? -5.659  10.912  -1.245  1.00 14.59 ? 100 ASP A CB    1 
ATOM   781  C  CG    . ASP A 1 99  ? -5.246  12.361  -1.412  1.00 18.91 ? 100 ASP A CG    1 
ATOM   782  O  OD1   . ASP A 1 99  ? -4.035  12.654  -1.339  1.00 21.10 ? 100 ASP A OD1   1 
ATOM   783  O  OD2   . ASP A 1 99  ? -6.131  13.216  -1.611  1.00 25.48 ? 100 ASP A OD2   1 
ATOM   784  N  N     . ALA A 1 100 ? -5.313  7.765   -1.301  1.00 9.03  ? 101 ALA A N     1 
ATOM   785  C  CA    . ALA A 1 100 ? -5.851  6.454   -0.954  1.00 10.27 ? 101 ALA A CA    1 
ATOM   786  C  C     . ALA A 1 100 ? -5.087  5.741   0.176   1.00 16.82 ? 101 ALA A C     1 
ATOM   787  O  O     . ALA A 1 100 ? -5.712  5.031   0.985   1.00 16.24 ? 101 ALA A O     1 
ATOM   788  C  CB    . ALA A 1 100 ? -5.921  5.568   -2.187  1.00 8.66  ? 101 ALA A CB    1 
ATOM   789  N  N     . LEU A 1 101 ? -3.754  5.911   0.219   1.00 12.62 ? 102 LEU A N     1 
ATOM   790  C  CA    . LEU A 1 101 ? -2.921  5.292   1.257   1.00 9.77  ? 102 LEU A CA    1 
ATOM   791  C  C     . LEU A 1 101 ? -3.400  5.832   2.615   1.00 9.00  ? 102 LEU A C     1 
ATOM   792  O  O     . LEU A 1 101 ? -3.399  5.130   3.625   1.00 8.23  ? 102 LEU A O     1 
ATOM   793  C  CB    . LEU A 1 101 ? -1.437  5.666   1.077   1.00 9.46  ? 102 LEU A CB    1 
ATOM   794  C  CG    . LEU A 1 101 ? -0.569  5.165   -0.072  1.00 6.37  ? 102 LEU A CG    1 
ATOM   795  C  CD1   . LEU A 1 101 ? 0.756   5.929   -0.094  1.00 3.01  ? 102 LEU A CD1   1 
ATOM   796  C  CD2   . LEU A 1 101 ? -0.322  3.689   0.067   1.00 6.34  ? 102 LEU A CD2   1 
ATOM   797  N  N     . GLY A 1 102 ? -3.792  7.097   2.626   1.00 3.63  ? 103 GLY A N     1 
ATOM   798  C  CA    . GLY A 1 102 ? -4.268  7.704   3.844   1.00 8.71  ? 103 GLY A CA    1 
ATOM   799  C  C     . GLY A 1 102 ? -5.637  7.170   4.221   1.00 16.23 ? 103 GLY A C     1 
ATOM   800  O  O     . GLY A 1 102 ? -5.878  6.868   5.386   1.00 17.67 ? 103 GLY A O     1 
ATOM   801  N  N     . THR A 1 103 ? -6.534  7.028   3.251   1.00 19.18 ? 104 THR A N     1 
ATOM   802  C  CA    . THR A 1 103 ? -7.869  6.537   3.560   1.00 25.16 ? 104 THR A CA    1 
ATOM   803  C  C     . THR A 1 103 ? -7.840  5.121   4.132   1.00 26.92 ? 104 THR A C     1 
ATOM   804  O  O     . THR A 1 103 ? -8.530  4.828   5.115   1.00 28.32 ? 104 THR A O     1 
ATOM   805  C  CB    . THR A 1 103 ? -8.843  6.672   2.360   1.00 20.48 ? 104 THR A CB    1 
ATOM   806  O  OG1   . THR A 1 103 ? -8.219  6.173   1.181   1.00 28.94 ? 104 THR A OG1   1 
ATOM   807  C  CG2   . THR A 1 103 ? -9.203  8.125   2.139   1.00 18.29 ? 104 THR A CG2   1 
ATOM   808  N  N     . ILE A 1 104 ? -6.987  4.267   3.581   1.00 28.73 ? 105 ILE A N     1 
ATOM   809  C  CA    . ILE A 1 104 ? -6.888  2.905   4.093   1.00 31.08 ? 105 ILE A CA    1 
ATOM   810  C  C     . ILE A 1 104 ? -6.184  2.872   5.466   1.00 29.69 ? 105 ILE A C     1 
ATOM   811  O  O     . ILE A 1 104 ? -6.307  1.891   6.201   1.00 29.31 ? 105 ILE A O     1 
ATOM   812  C  CB    . ILE A 1 104 ? -6.197  1.961   3.077   1.00 32.65 ? 105 ILE A CB    1 
ATOM   813  C  CG1   . ILE A 1 104 ? -6.466  0.498   3.430   1.00 27.64 ? 105 ILE A CG1   1 
ATOM   814  C  CG2   . ILE A 1 104 ? -4.705  2.207   3.057   1.00 39.41 ? 105 ILE A CG2   1 
ATOM   815  C  CD1   . ILE A 1 104 ? -6.117  -0.445  2.293   1.00 34.37 ? 105 ILE A CD1   1 
ATOM   816  N  N     . ARG A 1 105 ? -5.452  3.937   5.800   1.00 26.52 ? 106 ARG A N     1 
ATOM   817  C  CA    . ARG A 1 105 ? -4.763  4.046   7.091   1.00 23.65 ? 106 ARG A CA    1 
ATOM   818  C  C     . ARG A 1 105 ? -5.810  4.322   8.169   1.00 22.81 ? 106 ARG A C     1 
ATOM   819  O  O     . ARG A 1 105 ? -5.837  3.688   9.218   1.00 19.46 ? 106 ARG A O     1 
ATOM   820  C  CB    . ARG A 1 105 ? -3.750  5.209   7.094   1.00 18.30 ? 106 ARG A CB    1 
ATOM   821  C  CG    . ARG A 1 105 ? -3.717  5.957   8.442   1.00 19.32 ? 106 ARG A CG    1 
ATOM   822  C  CD    . ARG A 1 105 ? -2.798  7.162   8.521   1.00 16.53 ? 106 ARG A CD    1 
ATOM   823  N  NE    . ARG A 1 105 ? -3.325  8.346   7.844   1.00 17.28 ? 106 ARG A NE    1 
ATOM   824  C  CZ    . ARG A 1 105 ? -2.557  9.197   7.167   1.00 23.00 ? 106 ARG A CZ    1 
ATOM   825  N  NH1   . ARG A 1 105 ? -1.248  8.984   7.088   1.00 24.87 ? 106 ARG A NH1   1 
ATOM   826  N  NH2   . ARG A 1 105 ? -3.084  10.241  6.545   1.00 25.21 ? 106 ARG A NH2   1 
ATOM   827  N  N     . ASP A 1 106 ? -6.654  5.302   7.898   1.00 21.99 ? 107 ASP A N     1 
ATOM   828  C  CA    . ASP A 1 106 ? -7.688  5.708   8.824   1.00 27.01 ? 107 ASP A CA    1 
ATOM   829  C  C     . ASP A 1 106 ? -8.666  4.563   9.063   1.00 28.25 ? 107 ASP A C     1 
ATOM   830  O  O     . ASP A 1 106 ? -9.144  4.344   10.173  1.00 27.14 ? 107 ASP A O     1 
ATOM   831  C  CB    . ASP A 1 106 ? -8.447  6.912   8.251   1.00 26.90 ? 107 ASP A CB    1 
ATOM   832  C  CG    . ASP A 1 106 ? -7.518  8.006   7.721   1.00 29.34 ? 107 ASP A CG    1 
ATOM   833  O  OD1   . ASP A 1 106 ? -6.361  8.120   8.191   1.00 27.79 ? 107 ASP A OD1   1 
ATOM   834  O  OD2   . ASP A 1 106 ? -7.961  8.752   6.817   1.00 27.35 ? 107 ASP A OD2   1 
ATOM   835  N  N     . ILE A 1 107 ? -8.900  3.797   8.014   1.00 29.92 ? 108 ILE A N     1 
ATOM   836  C  CA    . ILE A 1 107 ? -9.846  2.696   8.038   1.00 32.49 ? 108 ILE A CA    1 
ATOM   837  C  C     . ILE A 1 107 ? -9.208  1.404   8.549   1.00 35.58 ? 108 ILE A C     1 
ATOM   838  O  O     . ILE A 1 107 ? -9.712  0.310   8.278   1.00 38.85 ? 108 ILE A O     1 
ATOM   839  C  CB    . ILE A 1 107 ? -10.384 2.513   6.602   1.00 31.04 ? 108 ILE A CB    1 
ATOM   840  C  CG1   . ILE A 1 107 ? -11.765 1.888   6.596   1.00 37.16 ? 108 ILE A CG1   1 
ATOM   841  C  CG2   . ILE A 1 107 ? -9.424  1.703   5.782   1.00 28.52 ? 108 ILE A CG2   1 
ATOM   842  C  CD1   . ILE A 1 107 ? -12.425 1.924   5.220   1.00 40.56 ? 108 ILE A CD1   1 
ATOM   843  N  N     . ILE A 1 108 ? -8.174  1.534   9.379   1.00 34.63 ? 109 ILE A N     1 
ATOM   844  C  CA    . ILE A 1 108 ? -7.453  0.359   9.854   1.00 29.26 ? 109 ILE A CA    1 
ATOM   845  C  C     . ILE A 1 108 ? -6.654  0.631   11.125  1.00 29.74 ? 109 ILE A C     1 
ATOM   846  O  O     . ILE A 1 108 ? -6.471  -0.263  11.947  1.00 27.72 ? 109 ILE A O     1 
ATOM   847  C  CB    . ILE A 1 108 ? -6.485  -0.130  8.718   1.00 28.85 ? 109 ILE A CB    1 
ATOM   848  C  CG1   . ILE A 1 108 ? -6.663  -1.613  8.461   1.00 28.63 ? 109 ILE A CG1   1 
ATOM   849  C  CG2   . ILE A 1 108 ? -4.999  0.209   9.019   1.00 25.63 ? 109 ILE A CG2   1 
ATOM   850  C  CD1   . ILE A 1 108 ? -5.633  -2.172  7.504   1.00 33.30 ? 109 ILE A CD1   1 
ATOM   851  N  N     . GLU A 1 109 ? -6.171  1.865   11.268  1.00 32.72 ? 110 GLU A N     1 
ATOM   852  C  CA    . GLU A 1 109 ? -5.367  2.287   12.420  1.00 34.67 ? 110 GLU A CA    1 
ATOM   853  C  C     . GLU A 1 109 ? -6.113  2.157   13.739  1.00 35.12 ? 110 GLU A C     1 
ATOM   854  O  O     . GLU A 1 109 ? -5.594  1.589   14.694  1.00 38.76 ? 110 GLU A O     1 
ATOM   855  C  CB    . GLU A 1 109 ? -4.895  3.730   12.248  1.00 40.02 ? 110 GLU A CB    1 
ATOM   856  C  CG    . GLU A 1 109 ? -3.833  4.167   13.234  1.00 43.64 ? 110 GLU A CG    1 
ATOM   857  C  CD    . GLU A 1 109 ? -2.458  4.233   12.594  1.00 47.25 ? 110 GLU A CD    1 
ATOM   858  O  OE1   . GLU A 1 109 ? -2.149  5.271   11.966  1.00 44.56 ? 110 GLU A OE1   1 
ATOM   859  O  OE2   . GLU A 1 109 ? -1.687  3.252   12.716  1.00 54.18 ? 110 GLU A OE2   1 
ATOM   860  N  N     . PRO A 1 110 ? -7.328  2.720   13.825  1.00 35.16 ? 111 PRO A N     1 
ATOM   861  C  CA    . PRO A 1 110 ? -8.103  2.619   15.065  1.00 30.05 ? 111 PRO A CA    1 
ATOM   862  C  C     . PRO A 1 110 ? -8.355  1.155   15.366  1.00 27.10 ? 111 PRO A C     1 
ATOM   863  O  O     . PRO A 1 110 ? -8.485  0.762   16.520  1.00 25.84 ? 111 PRO A O     1 
ATOM   864  C  CB    . PRO A 1 110 ? -9.413  3.310   14.697  1.00 35.20 ? 111 PRO A CB    1 
ATOM   865  C  CG    . PRO A 1 110 ? -8.973  4.348   13.694  1.00 35.53 ? 111 PRO A CG    1 
ATOM   866  C  CD    . PRO A 1 110 ? -8.036  3.550   12.832  1.00 35.85 ? 111 PRO A CD    1 
ATOM   867  N  N     . ARG A 1 111 ? -8.384  0.354   14.303  1.00 26.40 ? 112 ARG A N     1 
ATOM   868  C  CA    . ARG A 1 111 ? -8.624  -1.075  14.388  1.00 24.77 ? 112 ARG A CA    1 
ATOM   869  C  C     . ARG A 1 111 ? -7.449  -1.865  14.952  1.00 25.76 ? 112 ARG A C     1 
ATOM   870  O  O     . ARG A 1 111 ? -7.434  -3.100  14.916  1.00 22.26 ? 112 ARG A O     1 
ATOM   871  C  CB    . ARG A 1 111 ? -9.043  -1.606  13.019  1.00 33.71 ? 112 ARG A CB    1 
ATOM   872  C  CG    . ARG A 1 111 ? -10.381 -1.055  12.534  1.00 44.89 ? 112 ARG A CG    1 
ATOM   873  C  CD    . ARG A 1 111 ? -11.435 -1.218  13.631  1.00 62.70 ? 112 ARG A CD    1 
ATOM   874  N  NE    . ARG A 1 111 ? -11.542 -2.598  14.141  1.00 73.33 ? 112 ARG A NE    1 
ATOM   875  C  CZ    . ARG A 1 111 ? -11.388 -2.962  15.419  1.00 73.76 ? 112 ARG A CZ    1 
ATOM   876  N  NH1   . ARG A 1 111 ? -11.112 -2.060  16.355  1.00 77.76 ? 112 ARG A NH1   1 
ATOM   877  N  NH2   . ARG A 1 111 ? -11.529 -4.234  15.770  1.00 71.45 ? 112 ARG A NH2   1 
ATOM   878  N  N     . GLY A 1 112 ? -6.445  -1.149  15.435  1.00 23.27 ? 113 GLY A N     1 
ATOM   879  C  CA    . GLY A 1 112 ? -5.305  -1.804  16.037  1.00 33.14 ? 113 GLY A CA    1 
ATOM   880  C  C     . GLY A 1 112 ? -4.198  -2.270  15.123  1.00 37.90 ? 113 GLY A C     1 
ATOM   881  O  O     . GLY A 1 112 ? -3.371  -3.112  15.521  1.00 39.11 ? 113 GLY A O     1 
ATOM   882  N  N     . ALA A 1 113 ? -4.189  -1.757  13.897  1.00 38.03 ? 114 ALA A N     1 
ATOM   883  C  CA    . ALA A 1 113 ? -3.144  -2.115  12.948  1.00 39.25 ? 114 ALA A CA    1 
ATOM   884  C  C     . ALA A 1 113 ? -1.851  -1.378  13.293  1.00 39.78 ? 114 ALA A C     1 
ATOM   885  O  O     . ALA A 1 113 ? -1.820  -0.148  13.417  1.00 38.61 ? 114 ALA A O     1 
ATOM   886  C  CB    . ALA A 1 113 ? -3.565  -1.795  11.527  1.00 41.44 ? 114 ALA A CB    1 
ATOM   887  N  N     . THR A 1 114 ? -0.793  -2.152  13.465  1.00 36.01 ? 115 THR A N     1 
ATOM   888  C  CA    . THR A 1 114 ? 0.516   -1.624  13.780  1.00 34.11 ? 115 THR A CA    1 
ATOM   889  C  C     . THR A 1 114 ? 1.198   -1.375  12.438  1.00 32.05 ? 115 THR A C     1 
ATOM   890  O  O     . THR A 1 114 ? 1.827   -2.274  11.877  1.00 33.83 ? 115 THR A O     1 
ATOM   891  C  CB    . THR A 1 114 ? 1.293   -2.677  14.555  1.00 39.34 ? 115 THR A CB    1 
ATOM   892  O  OG1   . THR A 1 114 ? 0.411   -3.316  15.502  1.00 36.85 ? 115 THR A OG1   1 
ATOM   893  C  CG2   . THR A 1 114 ? 2.499   -2.044  15.246  1.00 34.03 ? 115 THR A CG2   1 
ATOM   894  N  N     . ILE A 1 115 ? 1.063   -0.159  11.920  1.00 31.08 ? 116 ILE A N     1 
ATOM   895  C  CA    . ILE A 1 115 ? 1.620   0.179   10.612  1.00 26.01 ? 116 ILE A CA    1 
ATOM   896  C  C     . ILE A 1 115 ? 3.129   0.354   10.570  1.00 24.17 ? 116 ILE A C     1 
ATOM   897  O  O     . ILE A 1 115 ? 3.735   0.938   11.460  1.00 28.15 ? 116 ILE A O     1 
ATOM   898  C  CB    . ILE A 1 115 ? 0.886   1.395   9.993   1.00 22.62 ? 116 ILE A CB    1 
ATOM   899  C  CG1   . ILE A 1 115 ? -0.588  1.044   9.782   1.00 18.23 ? 116 ILE A CG1   1 
ATOM   900  C  CG2   . ILE A 1 115 ? 1.497   1.780   8.649   1.00 18.80 ? 116 ILE A CG2   1 
ATOM   901  C  CD1   . ILE A 1 115 ? -1.434  2.238   9.474   1.00 17.95 ? 116 ILE A CD1   1 
ATOM   902  N  N     . VAL A 1 116 ? 3.700   -0.103  9.467   1.00 23.28 ? 117 VAL A N     1 
ATOM   903  C  CA    . VAL A 1 116 ? 5.126   -0.076  9.210   1.00 23.53 ? 117 VAL A CA    1 
ATOM   904  C  C     . VAL A 1 116 ? 5.362   0.444   7.778   1.00 27.37 ? 117 VAL A C     1 
ATOM   905  O  O     . VAL A 1 116 ? 4.440   0.476   6.958   1.00 32.30 ? 117 VAL A O     1 
ATOM   906  C  CB    . VAL A 1 116 ? 5.671   -1.539  9.368   1.00 24.05 ? 117 VAL A CB    1 
ATOM   907  C  CG1   . VAL A 1 116 ? 6.519   -1.990  8.184   1.00 21.35 ? 117 VAL A CG1   1 
ATOM   908  C  CG2   . VAL A 1 116 ? 6.429   -1.670  10.650  1.00 26.13 ? 117 VAL A CG2   1 
ATOM   909  N  N     . GLY A 1 117 ? 6.572   0.912   7.492   1.00 27.04 ? 118 GLY A N     1 
ATOM   910  C  CA    . GLY A 1 117 ? 6.878   1.355   6.143   1.00 23.30 ? 118 GLY A CA    1 
ATOM   911  C  C     . GLY A 1 117 ? 6.635   2.781   5.692   1.00 22.92 ? 118 GLY A C     1 
ATOM   912  O  O     . GLY A 1 117 ? 6.277   2.975   4.523   1.00 22.08 ? 118 GLY A O     1 
ATOM   913  N  N     . HIS A 1 118 ? 6.797   3.771   6.576   1.00 15.47 ? 119 HIS A N     1 
ATOM   914  C  CA    . HIS A 1 118 ? 6.638   5.161   6.148   1.00 9.37  ? 119 HIS A CA    1 
ATOM   915  C  C     . HIS A 1 118 ? 7.768   5.342   5.150   1.00 11.18 ? 119 HIS A C     1 
ATOM   916  O  O     . HIS A 1 118 ? 8.855   4.763   5.317   1.00 11.53 ? 119 HIS A O     1 
ATOM   917  C  CB    . HIS A 1 118 ? 6.843   6.175   7.272   1.00 10.31 ? 119 HIS A CB    1 
ATOM   918  C  CG    . HIS A 1 118 ? 5.817   6.104   8.358   1.00 19.44 ? 119 HIS A CG    1 
ATOM   919  N  ND1   . HIS A 1 118 ? 4.777   5.198   8.346   1.00 23.30 ? 119 HIS A ND1   1 
ATOM   920  C  CD2   . HIS A 1 118 ? 5.705   6.790   9.520   1.00 19.23 ? 119 HIS A CD2   1 
ATOM   921  C  CE1   . HIS A 1 118 ? 4.071   5.325   9.459   1.00 24.32 ? 119 HIS A CE1   1 
ATOM   922  N  NE2   . HIS A 1 118 ? 4.615   6.285   10.186  1.00 25.79 ? 119 HIS A NE2   1 
ATOM   923  N  N     . TRP A 1 119 ? 7.530   6.201   4.169   1.00 9.34  ? 120 TRP A N     1 
ATOM   924  C  CA    . TRP A 1 119 ? 8.462   6.452   3.101   1.00 9.40  ? 120 TRP A CA    1 
ATOM   925  C  C     . TRP A 1 119 ? 8.678   7.954   3.006   1.00 14.77 ? 120 TRP A C     1 
ATOM   926  O  O     . TRP A 1 119 ? 7.739   8.732   3.188   1.00 16.38 ? 120 TRP A O     1 
ATOM   927  C  CB    . TRP A 1 119 ? 7.843   5.921   1.803   1.00 12.08 ? 120 TRP A CB    1 
ATOM   928  C  CG    . TRP A 1 119 ? 8.798   5.806   0.695   1.00 15.16 ? 120 TRP A CG    1 
ATOM   929  C  CD1   . TRP A 1 119 ? 8.796   6.515   -0.469  1.00 9.91  ? 120 TRP A CD1   1 
ATOM   930  C  CD2   . TRP A 1 119 ? 9.952   4.970   0.659   1.00 13.89 ? 120 TRP A CD2   1 
ATOM   931  N  NE1   . TRP A 1 119 ? 9.884   6.178   -1.224  1.00 15.67 ? 120 TRP A NE1   1 
ATOM   932  C  CE2   . TRP A 1 119 ? 10.613  5.229   -0.556  1.00 17.69 ? 120 TRP A CE2   1 
ATOM   933  C  CE3   . TRP A 1 119 ? 10.492  4.027   1.534   1.00 12.57 ? 120 TRP A CE3   1 
ATOM   934  C  CZ2   . TRP A 1 119 ? 11.795  4.575   -0.919  1.00 20.97 ? 120 TRP A CZ2   1 
ATOM   935  C  CZ3   . TRP A 1 119 ? 11.666  3.376   1.172   1.00 15.16 ? 120 TRP A CZ3   1 
ATOM   936  C  CH2   . TRP A 1 119 ? 12.303  3.654   -0.041  1.00 16.29 ? 120 TRP A CH2   1 
ATOM   937  N  N     . PRO A 1 120 ? 9.934   8.387   2.792   1.00 16.75 ? 121 PRO A N     1 
ATOM   938  C  CA    . PRO A 1 120 ? 10.286  9.806   2.676   1.00 14.54 ? 121 PRO A CA    1 
ATOM   939  C  C     . PRO A 1 120 ? 9.647   10.402  1.460   1.00 13.67 ? 121 PRO A C     1 
ATOM   940  O  O     . PRO A 1 120 ? 9.634   9.788   0.391   1.00 17.47 ? 121 PRO A O     1 
ATOM   941  C  CB    . PRO A 1 120 ? 11.798  9.773   2.514   1.00 17.88 ? 121 PRO A CB    1 
ATOM   942  C  CG    . PRO A 1 120 ? 12.185  8.560   3.281   1.00 19.83 ? 121 PRO A CG    1 
ATOM   943  C  CD    . PRO A 1 120 ? 11.150  7.561   2.819   1.00 18.83 ? 121 PRO A CD    1 
ATOM   944  N  N     . THR A 1 121 ? 9.112   11.597  1.608   1.00 12.63 ? 122 THR A N     1 
ATOM   945  C  CA    . THR A 1 121 ? 8.478   12.239  0.480   1.00 15.09 ? 122 THR A CA    1 
ATOM   946  C  C     . THR A 1 121 ? 9.527   12.925  -0.365  1.00 17.47 ? 122 THR A C     1 
ATOM   947  O  O     . THR A 1 121 ? 9.195   13.709  -1.238  1.00 24.27 ? 122 THR A O     1 
ATOM   948  C  CB    . THR A 1 121 ? 7.454   13.276  0.921   1.00 16.82 ? 122 THR A CB    1 
ATOM   949  O  OG1   . THR A 1 121 ? 8.118   14.361  1.568   1.00 13.10 ? 122 THR A OG1   1 
ATOM   950  C  CG2   . THR A 1 121 ? 6.448   12.655  1.872   1.00 20.83 ? 122 THR A CG2   1 
ATOM   951  N  N     . ALA A 1 122 ? 10.799  12.647  -0.096  1.00 22.04 ? 123 ALA A N     1 
ATOM   952  C  CA    . ALA A 1 122 ? 11.893  13.255  -0.852  1.00 18.63 ? 123 ALA A CA    1 
ATOM   953  C  C     . ALA A 1 122 ? 11.983  12.644  -2.231  1.00 18.60 ? 123 ALA A C     1 
ATOM   954  O  O     . ALA A 1 122 ? 11.990  11.420  -2.383  1.00 18.30 ? 123 ALA A O     1 
ATOM   955  C  CB    . ALA A 1 122 ? 13.222  13.092  -0.112  1.00 19.68 ? 123 ALA A CB    1 
ATOM   956  N  N     . GLY A 1 123 ? 12.047  13.503  -3.236  1.00 18.06 ? 124 GLY A N     1 
ATOM   957  C  CA    . GLY A 1 123 ? 12.128  13.012  -4.596  1.00 19.27 ? 124 GLY A CA    1 
ATOM   958  C  C     . GLY A 1 123 ? 10.811  13.099  -5.341  1.00 16.24 ? 124 GLY A C     1 
ATOM   959  O  O     . GLY A 1 123 ? 10.795  12.995  -6.568  1.00 18.74 ? 124 GLY A O     1 
ATOM   960  N  N     . TYR A 1 124 ? 9.705   13.245  -4.618  1.00 14.80 ? 125 TYR A N     1 
ATOM   961  C  CA    . TYR A 1 124 ? 8.404   13.366  -5.271  1.00 16.73 ? 125 TYR A CA    1 
ATOM   962  C  C     . TYR A 1 124 ? 8.125   14.852  -5.368  1.00 16.28 ? 125 TYR A C     1 
ATOM   963  O  O     . TYR A 1 124 ? 8.884   15.647  -4.822  1.00 18.40 ? 125 TYR A O     1 
ATOM   964  C  CB    . TYR A 1 124 ? 7.309   12.690  -4.449  1.00 15.67 ? 125 TYR A CB    1 
ATOM   965  C  CG    . TYR A 1 124 ? 7.526   11.212  -4.239  1.00 15.70 ? 125 TYR A CG    1 
ATOM   966  C  CD1   . TYR A 1 124 ? 8.498   10.758  -3.343  1.00 22.03 ? 125 TYR A CD1   1 
ATOM   967  C  CD2   . TYR A 1 124 ? 6.762   10.267  -4.923  1.00 13.30 ? 125 TYR A CD2   1 
ATOM   968  C  CE1   . TYR A 1 124 ? 8.698   9.401   -3.133  1.00 25.27 ? 125 TYR A CE1   1 
ATOM   969  C  CE2   . TYR A 1 124 ? 6.959   8.903   -4.725  1.00 14.64 ? 125 TYR A CE2   1 
ATOM   970  C  CZ    . TYR A 1 124 ? 7.930   8.481   -3.831  1.00 20.45 ? 125 TYR A CZ    1 
ATOM   971  O  OH    . TYR A 1 124 ? 8.172   7.146   -3.643  1.00 26.67 ? 125 TYR A OH    1 
ATOM   972  N  N     . HIS A 1 125 ? 7.094   15.243  -6.110  1.00 15.60 ? 126 HIS A N     1 
ATOM   973  C  CA    . HIS A 1 125 ? 6.770   16.658  -6.210  1.00 15.29 ? 126 HIS A CA    1 
ATOM   974  C  C     . HIS A 1 125 ? 5.301   16.965  -6.374  1.00 13.03 ? 126 HIS A C     1 
ATOM   975  O  O     . HIS A 1 125 ? 4.893   17.742  -7.230  1.00 23.59 ? 126 HIS A O     1 
ATOM   976  C  CB    . HIS A 1 125 ? 7.637   17.383  -7.258  1.00 18.38 ? 126 HIS A CB    1 
ATOM   977  C  CG    . HIS A 1 125 ? 7.757   16.666  -8.565  1.00 17.36 ? 126 HIS A CG    1 
ATOM   978  N  ND1   . HIS A 1 125 ? 8.801   15.814  -8.851  1.00 18.15 ? 126 HIS A ND1   1 
ATOM   979  C  CD2   . HIS A 1 125 ? 6.957   16.664  -9.657  1.00 13.42 ? 126 HIS A CD2   1 
ATOM   980  C  CE1   . HIS A 1 125 ? 8.636   15.311  -10.061 1.00 18.29 ? 126 HIS A CE1   1 
ATOM   981  N  NE2   . HIS A 1 125 ? 7.526   15.811  -10.573 1.00 15.06 ? 126 HIS A NE2   1 
ATOM   982  N  N     . PHE A 1 126 ? 4.509   16.378  -5.498  1.00 11.81 ? 127 PHE A N     1 
ATOM   983  C  CA    . PHE A 1 126 ? 3.068   16.583  -5.495  1.00 13.38 ? 127 PHE A CA    1 
ATOM   984  C  C     . PHE A 1 126 ? 2.684   17.928  -4.871  1.00 11.65 ? 127 PHE A C     1 
ATOM   985  O  O     . PHE A 1 126 ? 3.519   18.602  -4.295  1.00 11.62 ? 127 PHE A O     1 
ATOM   986  C  CB    . PHE A 1 126 ? 2.405   15.453  -4.720  1.00 9.99  ? 127 PHE A CB    1 
ATOM   987  C  CG    . PHE A 1 126 ? 2.943   15.276  -3.341  1.00 7.69  ? 127 PHE A CG    1 
ATOM   988  C  CD1   . PHE A 1 126 ? 4.084   14.515  -3.121  1.00 7.94  ? 127 PHE A CD1   1 
ATOM   989  C  CD2   . PHE A 1 126 ? 2.289   15.829  -2.255  1.00 7.45  ? 127 PHE A CD2   1 
ATOM   990  C  CE1   . PHE A 1 126 ? 4.557   14.307  -1.835  1.00 9.38  ? 127 PHE A CE1   1 
ATOM   991  C  CE2   . PHE A 1 126 ? 2.760   15.621  -0.961  1.00 10.33 ? 127 PHE A CE2   1 
ATOM   992  C  CZ    . PHE A 1 126 ? 3.894   14.857  -0.755  1.00 7.86  ? 127 PHE A CZ    1 
ATOM   993  N  N     . GLU A 1 127 ? 1.423   18.325  -5.016  1.00 16.81 ? 128 GLU A N     1 
ATOM   994  C  CA    . GLU A 1 127 ? 0.935   19.584  -4.444  1.00 15.92 ? 128 GLU A CA    1 
ATOM   995  C  C     . GLU A 1 127 ? 0.273   19.326  -3.096  1.00 16.32 ? 128 GLU A C     1 
ATOM   996  O  O     . GLU A 1 127 ? 0.271   20.186  -2.211  1.00 22.34 ? 128 GLU A O     1 
ATOM   997  C  CB    . GLU A 1 127 ? -0.070  20.251  -5.381  1.00 18.59 ? 128 GLU A CB    1 
ATOM   998  C  CG    . GLU A 1 127 ? 0.560   21.031  -6.526  1.00 24.52 ? 128 GLU A CG    1 
ATOM   999  C  CD    . GLU A 1 127 ? 1.422   22.214  -6.062  1.00 31.90 ? 128 GLU A CD    1 
ATOM   1000 O  OE1   . GLU A 1 127 ? 1.012   22.965  -5.148  1.00 35.83 ? 128 GLU A OE1   1 
ATOM   1001 O  OE2   . GLU A 1 127 ? 2.512   22.407  -6.635  1.00 36.94 ? 128 GLU A OE2   1 
ATOM   1002 N  N     . ALA A 1 128 ? -0.288  18.134  -2.936  1.00 10.69 ? 129 ALA A N     1 
ATOM   1003 C  CA    . ALA A 1 128 ? -0.945  17.772  -1.695  1.00 12.14 ? 129 ALA A CA    1 
ATOM   1004 C  C     . ALA A 1 128 ? -1.115  16.255  -1.599  1.00 13.80 ? 129 ALA A C     1 
ATOM   1005 O  O     . ALA A 1 128 ? -1.081  15.542  -2.612  1.00 19.70 ? 129 ALA A O     1 
ATOM   1006 C  CB    . ALA A 1 128 ? -2.297  18.494  -1.567  1.00 4.00  ? 129 ALA A CB    1 
ATOM   1007 N  N     . SER A 1 129 ? -1.240  15.758  -0.376  1.00 11.25 ? 130 SER A N     1 
ATOM   1008 C  CA    . SER A 1 129 ? -1.406  14.338  -0.166  1.00 13.69 ? 130 SER A CA    1 
ATOM   1009 C  C     . SER A 1 129 ? -2.007  14.083  1.185   1.00 18.27 ? 130 SER A C     1 
ATOM   1010 O  O     . SER A 1 129 ? -1.629  14.714  2.171   1.00 25.09 ? 130 SER A O     1 
ATOM   1011 C  CB    . SER A 1 129 ? -0.078  13.624  -0.260  1.00 10.57 ? 130 SER A CB    1 
ATOM   1012 O  OG    . SER A 1 129 ? -0.239  12.282  0.135   1.00 11.06 ? 130 SER A OG    1 
ATOM   1013 N  N     . LYS A 1 130 ? -2.935  13.139  1.222   1.00 19.22 ? 131 LYS A N     1 
ATOM   1014 C  CA    . LYS A 1 130 ? -3.611  12.775  2.454   1.00 23.19 ? 131 LYS A CA    1 
ATOM   1015 C  C     . LYS A 1 130 ? -3.056  11.467  2.985   1.00 19.42 ? 131 LYS A C     1 
ATOM   1016 O  O     . LYS A 1 130 ? -3.562  10.914  3.957   1.00 21.24 ? 131 LYS A O     1 
ATOM   1017 C  CB    . LYS A 1 130 ? -5.115  12.653  2.222   1.00 27.37 ? 131 LYS A CB    1 
ATOM   1018 C  CG    . LYS A 1 130 ? -5.952  13.499  3.180   1.00 40.43 ? 131 LYS A CG    1 
ATOM   1019 C  CD    . LYS A 1 130 ? -5.800  13.053  4.664   1.00 47.15 ? 131 LYS A CD    1 
ATOM   1020 C  CE    . LYS A 1 130 ? -6.645  11.812  5.007   1.00 50.45 ? 131 LYS A CE    1 
ATOM   1021 N  NZ    . LYS A 1 130 ? -6.205  10.538  4.349   1.00 48.87 ? 131 LYS A NZ    1 
ATOM   1022 N  N     . GLY A 1 131 ? -2.008  10.978  2.336   1.00 15.48 ? 132 GLY A N     1 
ATOM   1023 C  CA    . GLY A 1 131 ? -1.394  9.739   2.762   1.00 13.22 ? 132 GLY A CA    1 
ATOM   1024 C  C     . GLY A 1 131 ? -0.038  9.993   3.381   1.00 15.10 ? 132 GLY A C     1 
ATOM   1025 O  O     . GLY A 1 131 ? 0.900   9.252   3.111   1.00 14.93 ? 132 GLY A O     1 
ATOM   1026 N  N     . LEU A 1 132 ? 0.080   11.060  4.174   1.00 19.01 ? 133 LEU A N     1 
ATOM   1027 C  CA    . LEU A 1 132 ? 1.339   11.405  4.831   1.00 15.60 ? 133 LEU A CA    1 
ATOM   1028 C  C     . LEU A 1 132 ? 1.294   11.015  6.311   1.00 19.26 ? 133 LEU A C     1 
ATOM   1029 O  O     . LEU A 1 132 ? 0.256   11.148  6.968   1.00 17.30 ? 133 LEU A O     1 
ATOM   1030 C  CB    . LEU A 1 132 ? 1.623   12.907  4.715   1.00 10.03 ? 133 LEU A CB    1 
ATOM   1031 C  CG    . LEU A 1 132 ? 1.693   13.581  3.338   1.00 10.49 ? 133 LEU A CG    1 
ATOM   1032 C  CD1   . LEU A 1 132 ? 1.627   15.051  3.552   1.00 4.03  ? 133 LEU A CD1   1 
ATOM   1033 C  CD2   . LEU A 1 132 ? 2.919   13.232  2.545   1.00 2.00  ? 133 LEU A CD2   1 
ATOM   1034 N  N     . ALA A 1 133 ? 2.409   10.472  6.800   1.00 24.60 ? 134 ALA A N     1 
ATOM   1035 C  CA    . ALA A 1 133 ? 2.565   10.064  8.193   1.00 26.55 ? 134 ALA A CA    1 
ATOM   1036 C  C     . ALA A 1 133 ? 2.936   11.316  8.974   1.00 29.05 ? 134 ALA A C     1 
ATOM   1037 O  O     . ALA A 1 133 ? 2.414   11.584  10.050  1.00 35.61 ? 134 ALA A O     1 
ATOM   1038 C  CB    . ALA A 1 133 ? 3.654   9.042   8.306   1.00 21.87 ? 134 ALA A CB    1 
ATOM   1039 N  N     . ASP A 1 134 ? 3.883   12.050  8.416   1.00 31.77 ? 135 ASP A N     1 
ATOM   1040 C  CA    . ASP A 1 134 ? 4.356   13.318  8.943   1.00 32.50 ? 135 ASP A CA    1 
ATOM   1041 C  C     . ASP A 1 134 ? 4.529   14.068  7.635   1.00 34.77 ? 135 ASP A C     1 
ATOM   1042 O  O     . ASP A 1 134 ? 4.581   13.429  6.575   1.00 35.96 ? 135 ASP A O     1 
ATOM   1043 C  CB    . ASP A 1 134 ? 5.697   13.160  9.652   1.00 38.67 ? 135 ASP A CB    1 
ATOM   1044 C  CG    . ASP A 1 134 ? 6.758   12.545  8.770   1.00 42.96 ? 135 ASP A CG    1 
ATOM   1045 O  OD1   . ASP A 1 134 ? 7.475   13.290  8.069   1.00 40.39 ? 135 ASP A OD1   1 
ATOM   1046 O  OD2   . ASP A 1 134 ? 6.877   11.304  8.796   1.00 51.79 ? 135 ASP A OD2   1 
ATOM   1047 N  N     . ASP A 1 135 ? 4.683   15.386  7.661   1.00 33.66 ? 136 ASP A N     1 
ATOM   1048 C  CA    . ASP A 1 135 ? 4.800   16.068  6.380   1.00 34.76 ? 136 ASP A CA    1 
ATOM   1049 C  C     . ASP A 1 135 ? 6.151   15.998  5.686   1.00 28.97 ? 136 ASP A C     1 
ATOM   1050 O  O     . ASP A 1 135 ? 6.550   16.906  4.967   1.00 33.17 ? 136 ASP A O     1 
ATOM   1051 C  CB    . ASP A 1 135 ? 4.199   17.489  6.394   1.00 41.71 ? 136 ASP A CB    1 
ATOM   1052 C  CG    . ASP A 1 135 ? 4.891   18.430  7.352   1.00 45.78 ? 136 ASP A CG    1 
ATOM   1053 O  OD1   . ASP A 1 135 ? 6.022   18.133  7.797   1.00 54.13 ? 136 ASP A OD1   1 
ATOM   1054 O  OD2   . ASP A 1 135 ? 4.288   19.489  7.644   1.00 46.04 ? 136 ASP A OD2   1 
ATOM   1055 N  N     . ASP A 1 136 ? 6.832   14.884  5.885   1.00 21.42 ? 137 ASP A N     1 
ATOM   1056 C  CA    . ASP A 1 136 ? 8.108   14.645  5.253   1.00 16.92 ? 137 ASP A CA    1 
ATOM   1057 C  C     . ASP A 1 136 ? 8.167   13.179  4.854   1.00 18.74 ? 137 ASP A C     1 
ATOM   1058 O  O     . ASP A 1 136 ? 9.166   12.719  4.302   1.00 16.38 ? 137 ASP A O     1 
ATOM   1059 C  CB    . ASP A 1 136 ? 9.253   14.993  6.196   1.00 15.86 ? 137 ASP A CB    1 
ATOM   1060 C  CG    . ASP A 1 136 ? 9.614   16.456  6.143   1.00 13.87 ? 137 ASP A CG    1 
ATOM   1061 O  OD1   . ASP A 1 136 ? 9.646   17.008  5.027   1.00 20.25 ? 137 ASP A OD1   1 
ATOM   1062 O  OD2   . ASP A 1 136 ? 9.881   17.056  7.206   1.00 14.55 ? 137 ASP A OD2   1 
ATOM   1063 N  N     . HIS A 1 137 ? 7.076   12.459  5.106   1.00 16.43 ? 138 HIS A N     1 
ATOM   1064 C  CA    . HIS A 1 137 ? 6.988   11.038  4.796   1.00 20.59 ? 138 HIS A CA    1 
ATOM   1065 C  C     . HIS A 1 137 ? 5.549   10.660  4.487   1.00 19.19 ? 138 HIS A C     1 
ATOM   1066 O  O     . HIS A 1 137 ? 4.640   11.111  5.174   1.00 16.95 ? 138 HIS A O     1 
ATOM   1067 C  CB    . HIS A 1 137 ? 7.370   10.178  6.011   1.00 27.92 ? 138 HIS A CB    1 
ATOM   1068 C  CG    . HIS A 1 137 ? 8.818   10.231  6.397   1.00 32.68 ? 138 HIS A CG    1 
ATOM   1069 N  ND1   . HIS A 1 137 ? 9.410   11.353  6.935   1.00 30.83 ? 138 HIS A ND1   1 
ATOM   1070 C  CD2   . HIS A 1 137 ? 9.783   9.281   6.356   1.00 38.68 ? 138 HIS A CD2   1 
ATOM   1071 C  CE1   . HIS A 1 137 ? 10.677  11.095  7.203   1.00 36.80 ? 138 HIS A CE1   1 
ATOM   1072 N  NE2   . HIS A 1 137 ? 10.930  9.844   6.863   1.00 39.26 ? 138 HIS A NE2   1 
ATOM   1073 N  N     . PHE A 1 138 ? 5.355   9.819   3.476   1.00 16.00 ? 139 PHE A N     1 
ATOM   1074 C  CA    . PHE A 1 138 ? 4.032   9.303   3.153   1.00 14.41 ? 139 PHE A CA    1 
ATOM   1075 C  C     . PHE A 1 138 ? 3.851   8.222   4.228   1.00 16.31 ? 139 PHE A C     1 
ATOM   1076 O  O     . PHE A 1 138 ? 4.817   7.836   4.891   1.00 11.52 ? 139 PHE A O     1 
ATOM   1077 C  CB    . PHE A 1 138 ? 4.015   8.613   1.780   1.00 10.30 ? 139 PHE A CB    1 
ATOM   1078 C  CG    . PHE A 1 138 ? 4.183   9.551   0.619   1.00 13.21 ? 139 PHE A CG    1 
ATOM   1079 C  CD1   . PHE A 1 138 ? 3.164   10.419  0.255   1.00 12.93 ? 139 PHE A CD1   1 
ATOM   1080 C  CD2   . PHE A 1 138 ? 5.370   9.582   -0.094  1.00 13.28 ? 139 PHE A CD2   1 
ATOM   1081 C  CE1   . PHE A 1 138 ? 3.333   11.298  -0.790  1.00 14.40 ? 139 PHE A CE1   1 
ATOM   1082 C  CE2   . PHE A 1 138 ? 5.544   10.453  -1.135  1.00 9.77  ? 139 PHE A CE2   1 
ATOM   1083 C  CZ    . PHE A 1 138 ? 4.526   11.313  -1.483  1.00 10.89 ? 139 PHE A CZ    1 
ATOM   1084 N  N     . VAL A 1 139 ? 2.639   7.713   4.394   1.00 15.04 ? 140 VAL A N     1 
ATOM   1085 C  CA    . VAL A 1 139 ? 2.411   6.680   5.387   1.00 15.07 ? 140 VAL A CA    1 
ATOM   1086 C  C     . VAL A 1 139 ? 2.840   5.336   4.845   1.00 14.88 ? 140 VAL A C     1 
ATOM   1087 O  O     . VAL A 1 139 ? 3.078   4.415   5.626   1.00 18.20 ? 140 VAL A O     1 
ATOM   1088 C  CB    . VAL A 1 139 ? 0.939   6.631   5.872   1.00 20.04 ? 140 VAL A CB    1 
ATOM   1089 C  CG1   . VAL A 1 139 ? -0.015  6.325   4.722   1.00 13.79 ? 140 VAL A CG1   1 
ATOM   1090 C  CG2   . VAL A 1 139 ? 0.802   5.624   6.990   1.00 18.58 ? 140 VAL A CG2   1 
ATOM   1091 N  N     . GLY A 1 140 ? 3.016   5.256   3.521   1.00 13.07 ? 141 GLY A N     1 
ATOM   1092 C  CA    . GLY A 1 140 ? 3.447   4.019   2.876   1.00 9.40  ? 141 GLY A CA    1 
ATOM   1093 C  C     . GLY A 1 140 ? 4.302   4.267   1.637   1.00 9.56  ? 141 GLY A C     1 
ATOM   1094 O  O     . GLY A 1 140 ? 4.828   5.372   1.472   1.00 8.12  ? 141 GLY A O     1 
ATOM   1095 N  N     . LEU A 1 141 ? 4.484   3.252   0.785   1.00 6.69  ? 142 LEU A N     1 
ATOM   1096 C  CA    . LEU A 1 141 ? 5.265   3.413   -0.453  1.00 10.01 ? 142 LEU A CA    1 
ATOM   1097 C  C     . LEU A 1 141 ? 4.417   4.022   -1.560  1.00 10.33 ? 142 LEU A C     1 
ATOM   1098 O  O     . LEU A 1 141 ? 3.393   3.462   -1.954  1.00 12.53 ? 142 LEU A O     1 
ATOM   1099 C  CB    . LEU A 1 141 ? 5.823   2.080   -0.950  1.00 8.03  ? 142 LEU A CB    1 
ATOM   1100 C  CG    . LEU A 1 141 ? 6.619   2.110   -2.258  1.00 7.79  ? 142 LEU A CG    1 
ATOM   1101 C  CD1   . LEU A 1 141 ? 7.802   3.057   -2.125  1.00 2.00  ? 142 LEU A CD1   1 
ATOM   1102 C  CD2   . LEU A 1 141 ? 7.072   0.699   -2.653  1.00 2.01  ? 142 LEU A CD2   1 
ATOM   1103 N  N     . ALA A 1 142 ? 4.841   5.168   -2.061  1.00 8.57  ? 143 ALA A N     1 
ATOM   1104 C  CA    . ALA A 1 142 ? 4.095   5.811   -3.110  1.00 12.09 ? 143 ALA A CA    1 
ATOM   1105 C  C     . ALA A 1 142 ? 4.885   5.581   -4.370  1.00 15.97 ? 143 ALA A C     1 
ATOM   1106 O  O     . ALA A 1 142 ? 6.071   5.906   -4.427  1.00 20.01 ? 143 ALA A O     1 
ATOM   1107 C  CB    . ALA A 1 142 ? 3.948   7.276   -2.825  1.00 13.01 ? 143 ALA A CB    1 
ATOM   1108 N  N     . ILE A 1 143 ? 4.257   4.919   -5.338  1.00 15.59 ? 144 ILE A N     1 
ATOM   1109 C  CA    . ILE A 1 143 ? 4.884   4.631   -6.622  1.00 9.72  ? 144 ILE A CA    1 
ATOM   1110 C  C     . ILE A 1 143 ? 4.182   5.432   -7.715  1.00 8.07  ? 144 ILE A C     1 
ATOM   1111 O  O     . ILE A 1 143 ? 2.944   5.505   -7.765  1.00 4.90  ? 144 ILE A O     1 
ATOM   1112 C  CB    . ILE A 1 143 ? 4.797   3.127   -6.980  1.00 7.85  ? 144 ILE A CB    1 
ATOM   1113 C  CG1   . ILE A 1 143 ? 5.639   2.295   -6.021  1.00 4.99  ? 144 ILE A CG1   1 
ATOM   1114 C  CG2   . ILE A 1 143 ? 5.308   2.897   -8.401  1.00 7.07  ? 144 ILE A CG2   1 
ATOM   1115 C  CD1   . ILE A 1 143 ? 7.117   2.317   -6.344  1.00 3.34  ? 144 ILE A CD1   1 
ATOM   1116 N  N     . ASP A 1 144 ? 4.974   6.072   -8.561  1.00 3.18  ? 145 ASP A N     1 
ATOM   1117 C  CA    . ASP A 1 144 ? 4.422   6.842   -9.646  1.00 4.75  ? 145 ASP A CA    1 
ATOM   1118 C  C     . ASP A 1 144 ? 5.002   6.260   -10.929 1.00 5.50  ? 145 ASP A C     1 
ATOM   1119 O  O     . ASP A 1 144 ? 6.118   6.594   -11.352 1.00 4.61  ? 145 ASP A O     1 
ATOM   1120 C  CB    . ASP A 1 144 ? 4.759   8.331   -9.485  1.00 5.19  ? 145 ASP A CB    1 
ATOM   1121 C  CG    . ASP A 1 144 ? 4.010   9.215   -10.480 1.00 7.75  ? 145 ASP A CG    1 
ATOM   1122 O  OD1   . ASP A 1 144 ? 3.594   8.705   -11.540 1.00 2.00  ? 145 ASP A OD1   1 
ATOM   1123 O  OD2   . ASP A 1 144 ? 3.827   10.419  -10.206 1.00 7.14  ? 145 ASP A OD2   1 
ATOM   1124 N  N     . GLU A 1 145 ? 4.231   5.359   -11.520 1.00 3.60  ? 146 GLU A N     1 
ATOM   1125 C  CA    . GLU A 1 145 ? 4.597   4.672   -12.740 1.00 2.00  ? 146 GLU A CA    1 
ATOM   1126 C  C     . GLU A 1 145 ? 4.255   5.529   -13.936 1.00 9.51  ? 146 GLU A C     1 
ATOM   1127 O  O     . GLU A 1 145 ? 4.662   5.227   -15.066 1.00 10.69 ? 146 GLU A O     1 
ATOM   1128 C  CB    . GLU A 1 145 ? 3.825   3.345   -12.832 1.00 6.06  ? 146 GLU A CB    1 
ATOM   1129 C  CG    . GLU A 1 145 ? 4.359   2.200   -11.939 1.00 12.13 ? 146 GLU A CG    1 
ATOM   1130 C  CD    . GLU A 1 145 ? 5.714   1.660   -12.414 1.00 18.26 ? 146 GLU A CD    1 
ATOM   1131 O  OE1   . GLU A 1 145 ? 6.652   2.478   -12.573 1.00 5.66  ? 146 GLU A OE1   1 
ATOM   1132 O  OE2   . GLU A 1 145 ? 5.828   0.420   -12.636 1.00 22.48 ? 146 GLU A OE2   1 
ATOM   1133 N  N     . ASP A 1 146 ? 3.441   6.558   -13.702 1.00 10.12 ? 147 ASP A N     1 
ATOM   1134 C  CA    . ASP A 1 146 ? 3.033   7.462   -14.753 1.00 2.00  ? 147 ASP A CA    1 
ATOM   1135 C  C     . ASP A 1 146 ? 4.122   8.488   -15.038 1.00 5.05  ? 147 ASP A C     1 
ATOM   1136 O  O     . ASP A 1 146 ? 4.379   8.789   -16.192 1.00 8.81  ? 147 ASP A O     1 
ATOM   1137 C  CB    . ASP A 1 146 ? 1.774   8.220   -14.344 1.00 5.85  ? 147 ASP A CB    1 
ATOM   1138 C  CG    . ASP A 1 146 ? 0.515   7.386   -14.428 1.00 13.69 ? 147 ASP A CG    1 
ATOM   1139 O  OD1   . ASP A 1 146 ? 0.171   6.896   -15.524 1.00 13.85 ? 147 ASP A OD1   1 
ATOM   1140 O  OD2   . ASP A 1 146 ? -0.173  7.270   -13.397 1.00 17.97 ? 147 ASP A OD2   1 
ATOM   1141 N  N     . ARG A 1 147 ? 4.776   9.010   -13.999 1.00 7.04  ? 148 ARG A N     1 
ATOM   1142 C  CA    . ARG A 1 147 ? 5.786   10.062  -14.177 1.00 9.27  ? 148 ARG A CA    1 
ATOM   1143 C  C     . ARG A 1 147 ? 7.212   9.717   -13.815 1.00 9.10  ? 148 ARG A C     1 
ATOM   1144 O  O     . ARG A 1 147 ? 8.149   10.331  -14.358 1.00 15.58 ? 148 ARG A O     1 
ATOM   1145 C  CB    . ARG A 1 147 ? 5.396   11.329  -13.396 1.00 14.25 ? 148 ARG A CB    1 
ATOM   1146 C  CG    . ARG A 1 147 ? 3.940   11.734  -13.530 1.00 12.68 ? 148 ARG A CG    1 
ATOM   1147 C  CD    . ARG A 1 147 ? 3.532   11.847  -14.988 1.00 9.03  ? 148 ARG A CD    1 
ATOM   1148 N  NE    . ARG A 1 147 ? 2.091   12.006  -15.106 1.00 7.35  ? 148 ARG A NE    1 
ATOM   1149 C  CZ    . ARG A 1 147 ? 1.454   12.232  -16.246 1.00 7.55  ? 148 ARG A CZ    1 
ATOM   1150 N  NH1   . ARG A 1 147 ? 2.138   12.342  -17.376 1.00 3.52  ? 148 ARG A NH1   1 
ATOM   1151 N  NH2   . ARG A 1 147 ? 0.126   12.285  -16.273 1.00 2.00  ? 148 ARG A NH2   1 
ATOM   1152 N  N     . GLN A 1 148 ? 7.390   8.797   -12.865 1.00 10.79 ? 149 GLN A N     1 
ATOM   1153 C  CA    . GLN A 1 148 ? 8.733   8.376   -12.418 1.00 9.55  ? 149 GLN A CA    1 
ATOM   1154 C  C     . GLN A 1 148 ? 8.934   6.856   -12.423 1.00 11.16 ? 149 GLN A C     1 
ATOM   1155 O  O     . GLN A 1 148 ? 9.349   6.267   -11.421 1.00 13.55 ? 149 GLN A O     1 
ATOM   1156 C  CB    . GLN A 1 148 ? 9.035   8.912   -11.009 1.00 5.89  ? 149 GLN A CB    1 
ATOM   1157 C  CG    . GLN A 1 148 ? 9.017   10.423  -10.867 1.00 4.72  ? 149 GLN A CG    1 
ATOM   1158 C  CD    . GLN A 1 148 ? 9.134   10.872  -9.440  1.00 2.00  ? 149 GLN A CD    1 
ATOM   1159 O  OE1   . GLN A 1 148 ? 8.697   10.177  -8.527  1.00 2.70  ? 149 GLN A OE1   1 
ATOM   1160 N  NE2   . GLN A 1 148 ? 9.709   12.045  -9.233  1.00 2.00  ? 149 GLN A NE2   1 
ATOM   1161 N  N     . PRO A 1 149 ? 8.658   6.196   -13.555 1.00 11.63 ? 150 PRO A N     1 
ATOM   1162 C  CA    . PRO A 1 149 ? 8.841   4.743   -13.610 1.00 12.68 ? 150 PRO A CA    1 
ATOM   1163 C  C     . PRO A 1 149 ? 10.309  4.350   -13.464 1.00 14.47 ? 150 PRO A C     1 
ATOM   1164 O  O     . PRO A 1 149 ? 10.627  3.236   -13.062 1.00 15.76 ? 150 PRO A O     1 
ATOM   1165 C  CB    . PRO A 1 149 ? 8.333   4.393   -14.998 1.00 15.40 ? 150 PRO A CB    1 
ATOM   1166 C  CG    . PRO A 1 149 ? 8.615   5.664   -15.803 1.00 9.50  ? 150 PRO A CG    1 
ATOM   1167 C  CD    . PRO A 1 149 ? 8.164   6.718   -14.846 1.00 11.44 ? 150 PRO A CD    1 
ATOM   1168 N  N     . GLU A 1 150 ? 11.202  5.254   -13.834 1.00 10.29 ? 151 GLU A N     1 
ATOM   1169 C  CA    . GLU A 1 150 ? 12.623  4.979   -13.720 1.00 13.13 ? 151 GLU A CA    1 
ATOM   1170 C  C     . GLU A 1 150 ? 13.049  4.856   -12.257 1.00 15.58 ? 151 GLU A C     1 
ATOM   1171 O  O     . GLU A 1 150 ? 14.100  4.308   -11.967 1.00 20.69 ? 151 GLU A O     1 
ATOM   1172 C  CB    . GLU A 1 150 ? 13.451  6.078   -14.399 1.00 9.76  ? 151 GLU A CB    1 
ATOM   1173 C  CG    . GLU A 1 150 ? 13.430  7.451   -13.703 1.00 6.27  ? 151 GLU A CG    1 
ATOM   1174 C  CD    . GLU A 1 150 ? 12.208  8.306   -14.046 1.00 10.17 ? 151 GLU A CD    1 
ATOM   1175 O  OE1   . GLU A 1 150 ? 11.351  7.874   -14.854 1.00 17.78 ? 151 GLU A OE1   1 
ATOM   1176 O  OE2   . GLU A 1 150 ? 12.109  9.429   -13.518 1.00 7.06  ? 151 GLU A OE2   1 
ATOM   1177 N  N     . LEU A 1 151 ? 12.228  5.332   -11.331 1.00 12.81 ? 152 LEU A N     1 
ATOM   1178 C  CA    . LEU A 1 151 ? 12.605  5.272   -9.924  1.00 15.77 ? 152 LEU A CA    1 
ATOM   1179 C  C     . LEU A 1 151 ? 11.849  4.160   -9.201  1.00 18.68 ? 152 LEU A C     1 
ATOM   1180 O  O     . LEU A 1 151 ? 12.027  3.945   -7.992  1.00 18.17 ? 152 LEU A O     1 
ATOM   1181 C  CB    . LEU A 1 151 ? 12.301  6.609   -9.242  1.00 17.59 ? 152 LEU A CB    1 
ATOM   1182 C  CG    . LEU A 1 151 ? 12.709  7.890   -9.971  1.00 22.40 ? 152 LEU A CG    1 
ATOM   1183 C  CD1   . LEU A 1 151 ? 12.215  9.102   -9.209  1.00 18.19 ? 152 LEU A CD1   1 
ATOM   1184 C  CD2   . LEU A 1 151 ? 14.225  7.937   -10.176 1.00 21.03 ? 152 LEU A CD2   1 
ATOM   1185 N  N     . THR A 1 152 ? 11.023  3.443   -9.947  1.00 19.11 ? 153 THR A N     1 
ATOM   1186 C  CA    . THR A 1 152 ? 10.211  2.386   -9.369  1.00 21.59 ? 153 THR A CA    1 
ATOM   1187 C  C     . THR A 1 152 ? 11.006  1.203   -8.837  1.00 19.20 ? 153 THR A C     1 
ATOM   1188 O  O     . THR A 1 152 ? 10.758  0.759   -7.721  1.00 22.01 ? 153 THR A O     1 
ATOM   1189 C  CB    . THR A 1 152 ? 9.103   1.938   -10.353 1.00 24.32 ? 153 THR A CB    1 
ATOM   1190 O  OG1   . THR A 1 152 ? 8.196   3.032   -10.574 1.00 25.68 ? 153 THR A OG1   1 
ATOM   1191 C  CG2   . THR A 1 152 ? 8.330   0.746   -9.811  1.00 25.73 ? 153 THR A CG2   1 
ATOM   1192 N  N     . ALA A 1 153 ? 11.997  0.744   -9.586  1.00 15.53 ? 154 ALA A N     1 
ATOM   1193 C  CA    . ALA A 1 153 ? 12.818  -0.393  -9.152  1.00 21.99 ? 154 ALA A CA    1 
ATOM   1194 C  C     . ALA A 1 153 ? 13.430  -0.195  -7.774  1.00 27.85 ? 154 ALA A C     1 
ATOM   1195 O  O     . ALA A 1 153 ? 13.165  -0.959  -6.836  1.00 29.84 ? 154 ALA A O     1 
ATOM   1196 C  CB    . ALA A 1 153 ? 13.917  -0.643  -10.151 1.00 29.61 ? 154 ALA A CB    1 
ATOM   1197 N  N     . GLU A 1 154 ? 14.291  0.815   -7.684  1.00 30.58 ? 155 GLU A N     1 
ATOM   1198 C  CA    . GLU A 1 154 ? 14.965  1.177   -6.446  1.00 31.11 ? 155 GLU A CA    1 
ATOM   1199 C  C     . GLU A 1 154 ? 14.006  1.493   -5.304  1.00 24.80 ? 155 GLU A C     1 
ATOM   1200 O  O     . GLU A 1 154 ? 14.257  1.098   -4.175  1.00 26.34 ? 155 GLU A O     1 
ATOM   1201 C  CB    . GLU A 1 154 ? 15.932  2.348   -6.660  1.00 35.38 ? 155 GLU A CB    1 
ATOM   1202 C  CG    . GLU A 1 154 ? 15.444  3.414   -7.615  1.00 45.37 ? 155 GLU A CG    1 
ATOM   1203 C  CD    . GLU A 1 154 ? 15.554  2.985   -9.078  1.00 56.03 ? 155 GLU A CD    1 
ATOM   1204 O  OE1   . GLU A 1 154 ? 16.697  2.852   -9.571  1.00 68.11 ? 155 GLU A OE1   1 
ATOM   1205 O  OE2   . GLU A 1 154 ? 14.507  2.764   -9.732  1.00 55.46 ? 155 GLU A OE2   1 
ATOM   1206 N  N     . ARG A 1 155 ? 12.912  2.192   -5.587  1.00 21.37 ? 156 ARG A N     1 
ATOM   1207 C  CA    . ARG A 1 155 ? 11.956  2.530   -4.532  1.00 18.41 ? 156 ARG A CA    1 
ATOM   1208 C  C     . ARG A 1 155 ? 11.424  1.292   -3.852  1.00 14.77 ? 156 ARG A C     1 
ATOM   1209 O  O     . ARG A 1 155 ? 11.287  1.260   -2.642  1.00 20.94 ? 156 ARG A O     1 
ATOM   1210 C  CB    . ARG A 1 155 ? 10.802  3.377   -5.066  1.00 11.63 ? 156 ARG A CB    1 
ATOM   1211 C  CG    . ARG A 1 155 ? 11.120  4.844   -5.056  1.00 8.53  ? 156 ARG A CG    1 
ATOM   1212 C  CD    . ARG A 1 155 ? 10.160  5.643   -5.874  1.00 6.84  ? 156 ARG A CD    1 
ATOM   1213 N  NE    . ARG A 1 155 ? 10.483  7.068   -5.846  1.00 11.43 ? 156 ARG A NE    1 
ATOM   1214 C  CZ    . ARG A 1 155 ? 9.836   7.993   -6.558  1.00 16.73 ? 156 ARG A CZ    1 
ATOM   1215 N  NH1   . ARG A 1 155 ? 8.829   7.663   -7.362  1.00 10.56 ? 156 ARG A NH1   1 
ATOM   1216 N  NH2   . ARG A 1 155 ? 10.180  9.262   -6.458  1.00 15.68 ? 156 ARG A NH2   1 
ATOM   1217 N  N     . VAL A 1 156 ? 11.200  0.249   -4.628  1.00 15.74 ? 157 VAL A N     1 
ATOM   1218 C  CA    . VAL A 1 156 ? 10.673  -0.992  -4.087  1.00 19.47 ? 157 VAL A CA    1 
ATOM   1219 C  C     . VAL A 1 156 ? 11.768  -1.788  -3.388  1.00 15.17 ? 157 VAL A C     1 
ATOM   1220 O  O     . VAL A 1 156 ? 11.555  -2.351  -2.327  1.00 14.70 ? 157 VAL A O     1 
ATOM   1221 C  CB    . VAL A 1 156 ? 10.027  -1.874  -5.199  1.00 20.57 ? 157 VAL A CB    1 
ATOM   1222 C  CG1   . VAL A 1 156 ? 9.458   -3.161  -4.586  1.00 18.37 ? 157 VAL A CG1   1 
ATOM   1223 C  CG2   . VAL A 1 156 ? 8.933   -1.098  -5.928  1.00 20.30 ? 157 VAL A CG2   1 
ATOM   1224 N  N     . GLU A 1 157 ? 12.927  -1.853  -4.025  1.00 19.64 ? 158 GLU A N     1 
ATOM   1225 C  CA    . GLU A 1 157 ? 14.086  -2.566  -3.519  1.00 16.84 ? 158 GLU A CA    1 
ATOM   1226 C  C     . GLU A 1 157 ? 14.401  -2.044  -2.115  1.00 19.30 ? 158 GLU A C     1 
ATOM   1227 O  O     . GLU A 1 157 ? 14.394  -2.798  -1.136  1.00 18.86 ? 158 GLU A O     1 
ATOM   1228 C  CB    . GLU A 1 157 ? 15.226  -2.303  -4.484  1.00 20.31 ? 158 GLU A CB    1 
ATOM   1229 C  CG    . GLU A 1 157 ? 16.532  -2.964  -4.208  1.00 30.65 ? 158 GLU A CG    1 
ATOM   1230 C  CD    . GLU A 1 157 ? 17.650  -2.240  -4.941  1.00 47.92 ? 158 GLU A CD    1 
ATOM   1231 O  OE1   . GLU A 1 157 ? 17.867  -1.032  -4.654  1.00 50.90 ? 158 GLU A OE1   1 
ATOM   1232 O  OE2   . GLU A 1 157 ? 18.283  -2.854  -5.833  1.00 54.66 ? 158 GLU A OE2   1 
ATOM   1233 N  N     . LYS A 1 158 ? 14.543  -0.733  -2.010  1.00 22.37 ? 159 LYS A N     1 
ATOM   1234 C  CA    . LYS A 1 158 ? 14.832  -0.096  -0.745  1.00 24.78 ? 159 LYS A CA    1 
ATOM   1235 C  C     . LYS A 1 158 ? 13.665  -0.131  0.227   1.00 24.38 ? 159 LYS A C     1 
ATOM   1236 O  O     . LYS A 1 158 ? 13.871  -0.343  1.430   1.00 25.49 ? 159 LYS A O     1 
ATOM   1237 C  CB    . LYS A 1 158 ? 15.284  1.343   -0.952  1.00 32.87 ? 159 LYS A CB    1 
ATOM   1238 C  CG    . LYS A 1 158 ? 15.295  2.167   0.349   1.00 45.63 ? 159 LYS A CG    1 
ATOM   1239 C  CD    . LYS A 1 158 ? 16.168  1.542   1.458   1.00 50.40 ? 159 LYS A CD    1 
ATOM   1240 C  CE    . LYS A 1 158 ? 15.504  1.673   2.837   1.00 57.62 ? 159 LYS A CE    1 
ATOM   1241 N  NZ    . LYS A 1 158 ? 14.990  3.052   3.177   1.00 52.22 ? 159 LYS A NZ    1 
ATOM   1242 N  N     . TRP A 1 159 ? 12.453  0.127   -0.250  1.00 20.54 ? 160 TRP A N     1 
ATOM   1243 C  CA    . TRP A 1 159 ? 11.324  0.096   0.676   1.00 18.01 ? 160 TRP A CA    1 
ATOM   1244 C  C     . TRP A 1 159 ? 11.104  -1.297  1.248   1.00 16.88 ? 160 TRP A C     1 
ATOM   1245 O  O     . TRP A 1 159 ? 10.836  -1.440  2.442   1.00 15.76 ? 160 TRP A O     1 
ATOM   1246 C  CB    . TRP A 1 159 ? 10.040  0.614   0.051   1.00 6.19  ? 160 TRP A CB    1 
ATOM   1247 C  CG    . TRP A 1 159 ? 8.844   0.571   0.987   1.00 4.93  ? 160 TRP A CG    1 
ATOM   1248 C  CD1   . TRP A 1 159 ? 8.497   1.515   1.922   1.00 5.47  ? 160 TRP A CD1   1 
ATOM   1249 C  CD2   . TRP A 1 159 ? 7.777   -0.401  0.985   1.00 2.00  ? 160 TRP A CD2   1 
ATOM   1250 N  NE1   . TRP A 1 159 ? 7.278   1.198   2.478   1.00 11.41 ? 160 TRP A NE1   1 
ATOM   1251 C  CE2   . TRP A 1 159 ? 6.817   0.029   1.917   1.00 6.51  ? 160 TRP A CE2   1 
ATOM   1252 C  CE3   . TRP A 1 159 ? 7.544   -1.591  0.276   1.00 4.49  ? 160 TRP A CE3   1 
ATOM   1253 C  CZ2   . TRP A 1 159 ? 5.634   -0.689  2.160   1.00 4.86  ? 160 TRP A CZ2   1 
ATOM   1254 C  CZ3   . TRP A 1 159 ? 6.370   -2.303  0.520   1.00 2.00  ? 160 TRP A CZ3   1 
ATOM   1255 C  CH2   . TRP A 1 159 ? 5.435   -1.848  1.451   1.00 4.46  ? 160 TRP A CH2   1 
ATOM   1256 N  N     . VAL A 1 160 ? 11.252  -2.330  0.428   1.00 17.40 ? 161 VAL A N     1 
ATOM   1257 C  CA    . VAL A 1 160 ? 11.051  -3.668  0.954   1.00 21.99 ? 161 VAL A CA    1 
ATOM   1258 C  C     . VAL A 1 160 ? 12.135  -3.972  1.982   1.00 22.71 ? 161 VAL A C     1 
ATOM   1259 O  O     . VAL A 1 160 ? 11.827  -4.512  3.042   1.00 22.06 ? 161 VAL A O     1 
ATOM   1260 C  CB    . VAL A 1 160 ? 10.952  -4.735  -0.140  1.00 22.84 ? 161 VAL A CB    1 
ATOM   1261 C  CG1   . VAL A 1 160 ? 10.782  -6.101  0.497   1.00 20.19 ? 161 VAL A CG1   1 
ATOM   1262 C  CG2   . VAL A 1 160 ? 9.744   -4.445  -1.041  1.00 17.07 ? 161 VAL A CG2   1 
ATOM   1263 N  N     . LYS A 1 161 ? 13.372  -3.540  1.718   1.00 26.43 ? 162 LYS A N     1 
ATOM   1264 C  CA    . LYS A 1 161 ? 14.481  -3.740  2.673   1.00 24.69 ? 162 LYS A CA    1 
ATOM   1265 C  C     . LYS A 1 161 ? 13.991  -3.145  3.974   1.00 19.60 ? 162 LYS A C     1 
ATOM   1266 O  O     . LYS A 1 161 ? 13.831  -3.844  4.979   1.00 19.27 ? 162 LYS A O     1 
ATOM   1267 C  CB    . LYS A 1 161 ? 15.738  -2.952  2.271   1.00 33.01 ? 162 LYS A CB    1 
ATOM   1268 C  CG    . LYS A 1 161 ? 16.218  -3.129  0.828   1.00 42.98 ? 162 LYS A CG    1 
ATOM   1269 C  CD    . LYS A 1 161 ? 17.002  -4.402  0.595   1.00 45.64 ? 162 LYS A CD    1 
ATOM   1270 C  CE    . LYS A 1 161 ? 17.340  -4.570  -0.873  1.00 49.71 ? 162 LYS A CE    1 
ATOM   1271 N  NZ    . LYS A 1 161 ? 16.127  -4.934  -1.674  1.00 56.93 ? 162 LYS A NZ    1 
ATOM   1272 N  N     . GLN A 1 162 ? 13.649  -1.865  3.904   1.00 18.00 ? 163 GLN A N     1 
ATOM   1273 C  CA    . GLN A 1 162 ? 13.153  -1.131  5.054   1.00 21.14 ? 163 GLN A CA    1 
ATOM   1274 C  C     . GLN A 1 162 ? 12.041  -1.853  5.832   1.00 19.94 ? 163 GLN A C     1 
ATOM   1275 O  O     . GLN A 1 162 ? 12.076  -1.896  7.056   1.00 24.77 ? 163 GLN A O     1 
ATOM   1276 C  CB    . GLN A 1 162 ? 12.684  0.265   4.649   1.00 18.92 ? 163 GLN A CB    1 
ATOM   1277 C  CG    . GLN A 1 162 ? 12.374  1.147   5.845   1.00 20.89 ? 163 GLN A CG    1 
ATOM   1278 C  CD    . GLN A 1 162 ? 11.688  2.431   5.463   1.00 22.66 ? 163 GLN A CD    1 
ATOM   1279 O  OE1   . GLN A 1 162 ? 12.272  3.287   4.801   1.00 23.49 ? 163 GLN A OE1   1 
ATOM   1280 N  NE2   . GLN A 1 162 ? 10.434  2.578   5.881   1.00 24.16 ? 163 GLN A NE2   1 
ATOM   1281 N  N     . ILE A 1 163 ? 11.061  -2.426  5.152   1.00 19.07 ? 164 ILE A N     1 
ATOM   1282 C  CA    . ILE A 1 163 ? 10.015  -3.106  5.891   1.00 20.38 ? 164 ILE A CA    1 
ATOM   1283 C  C     . ILE A 1 163 ? 10.477  -4.445  6.434   1.00 18.27 ? 164 ILE A C     1 
ATOM   1284 O  O     . ILE A 1 163 ? 10.079  -4.838  7.527   1.00 13.97 ? 164 ILE A O     1 
ATOM   1285 C  CB    . ILE A 1 163 ? 8.718   -3.307  5.072   1.00 28.64 ? 164 ILE A CB    1 
ATOM   1286 C  CG1   . ILE A 1 163 ? 8.960   -4.204  3.846   1.00 23.31 ? 164 ILE A CG1   1 
ATOM   1287 C  CG2   . ILE A 1 163 ? 8.102   -1.955  4.724   1.00 25.78 ? 164 ILE A CG2   1 
ATOM   1288 C  CD1   . ILE A 1 163 ? 7.719   -4.391  2.987   1.00 20.80 ? 164 ILE A CD1   1 
ATOM   1289 N  N     . SER A 1 164 ? 11.339  -5.136  5.700   1.00 16.44 ? 165 SER A N     1 
ATOM   1290 C  CA    . SER A 1 164 ? 11.807  -6.433  6.159   1.00 17.66 ? 165 SER A CA    1 
ATOM   1291 C  C     . SER A 1 164 ? 12.381  -6.271  7.534   1.00 22.97 ? 165 SER A C     1 
ATOM   1292 O  O     . SER A 1 164 ? 12.081  -7.048  8.429   1.00 27.85 ? 165 SER A O     1 
ATOM   1293 C  CB    . SER A 1 164 ? 12.849  -6.999  5.218   1.00 11.51 ? 165 SER A CB    1 
ATOM   1294 O  OG    . SER A 1 164 ? 12.238  -7.320  3.977   1.00 10.61 ? 165 SER A OG    1 
ATOM   1295 N  N     . GLU A 1 165 ? 13.088  -5.162  7.723   1.00 31.81 ? 166 GLU A N     1 
ATOM   1296 C  CA    . GLU A 1 165 ? 13.724  -4.829  8.997   1.00 30.80 ? 166 GLU A CA    1 
ATOM   1297 C  C     . GLU A 1 165 ? 12.697  -4.510  10.053  1.00 28.26 ? 166 GLU A C     1 
ATOM   1298 O  O     . GLU A 1 165 ? 12.655  -5.145  11.094  1.00 29.71 ? 166 GLU A O     1 
ATOM   1299 C  CB    . GLU A 1 165 ? 14.637  -3.616  8.839   1.00 34.77 ? 166 GLU A CB    1 
ATOM   1300 C  CG    . GLU A 1 165 ? 15.586  -3.699  7.670   1.00 45.05 ? 166 GLU A CG    1 
ATOM   1301 C  CD    . GLU A 1 165 ? 16.144  -5.092  7.467   1.00 53.51 ? 166 GLU A CD    1 
ATOM   1302 O  OE1   . GLU A 1 165 ? 16.756  -5.644  8.416   1.00 57.20 ? 166 GLU A OE1   1 
ATOM   1303 O  OE2   . GLU A 1 165 ? 15.953  -5.632  6.351   1.00 59.40 ? 166 GLU A OE2   1 
ATOM   1304 N  N     . GLU A 1 166 ? 11.884  -3.503  9.778   1.00 27.84 ? 167 GLU A N     1 
ATOM   1305 C  CA    . GLU A 1 166 ? 10.851  -3.077  10.701  1.00 29.64 ? 167 GLU A CA    1 
ATOM   1306 C  C     . GLU A 1 166 ? 10.028  -4.263  11.173  1.00 31.33 ? 167 GLU A C     1 
ATOM   1307 O  O     . GLU A 1 166 ? 9.589   -4.301  12.323  1.00 33.22 ? 167 GLU A O     1 
ATOM   1308 C  CB    . GLU A 1 166 ? 9.960   -2.012  10.047  1.00 29.16 ? 167 GLU A CB    1 
ATOM   1309 C  CG    . GLU A 1 166 ? 10.558  -0.611  10.061  1.00 28.34 ? 167 GLU A CG    1 
ATOM   1310 C  CD    . GLU A 1 166 ? 10.003  0.277   8.974   1.00 24.50 ? 167 GLU A CD    1 
ATOM   1311 O  OE1   . GLU A 1 166 ? 10.185  -0.076  7.794   1.00 25.75 ? 167 GLU A OE1   1 
ATOM   1312 O  OE2   . GLU A 1 166 ? 9.397   1.323   9.296   1.00 25.08 ? 167 GLU A OE2   1 
ATOM   1313 N  N     . LEU A 1 167 ? 9.820   -5.226  10.284  1.00 33.23 ? 168 LEU A N     1 
ATOM   1314 C  CA    . LEU A 1 167 ? 9.067   -6.411  10.638  1.00 39.40 ? 168 LEU A CA    1 
ATOM   1315 C  C     . LEU A 1 167 ? 9.991   -7.397  11.347  1.00 46.28 ? 168 LEU A C     1 
ATOM   1316 O  O     . LEU A 1 167 ? 9.590   -8.037  12.323  1.00 46.86 ? 168 LEU A O     1 
ATOM   1317 C  CB    . LEU A 1 167 ? 8.492   -7.087  9.390   1.00 35.86 ? 168 LEU A CB    1 
ATOM   1318 C  CG    . LEU A 1 167 ? 7.178   -6.654  8.732   1.00 31.10 ? 168 LEU A CG    1 
ATOM   1319 C  CD1   . LEU A 1 167 ? 6.284   -5.908  9.719   1.00 26.55 ? 168 LEU A CD1   1 
ATOM   1320 C  CD2   . LEU A 1 167 ? 7.465   -5.834  7.496   1.00 24.65 ? 168 LEU A CD2   1 
ATOM   1321 N  N     . HIS A 1 168 ? 11.246  -7.433  10.890  1.00 51.02 ? 169 HIS A N     1 
ATOM   1322 C  CA    . HIS A 1 168 ? 12.300  -8.341  11.365  1.00 59.13 ? 169 HIS A CA    1 
ATOM   1323 C  C     . HIS A 1 168 ? 12.139  -9.650  10.573  1.00 64.68 ? 169 HIS A C     1 
ATOM   1324 O  O     . HIS A 1 168 ? 11.016  -10.033 10.217  1.00 67.81 ? 169 HIS A O     1 
ATOM   1325 C  CB    . HIS A 1 168 ? 12.203  -8.648  12.871  1.00 61.72 ? 169 HIS A CB    1 
ATOM   1326 C  CG    . HIS A 1 168 ? 12.470  -7.475  13.769  1.00 66.20 ? 169 HIS A CG    1 
ATOM   1327 N  ND1   . HIS A 1 168 ? 12.179  -7.494  15.119  1.00 66.50 ? 169 HIS A ND1   1 
ATOM   1328 C  CD2   . HIS A 1 168 ? 13.002  -6.255  13.521  1.00 66.14 ? 169 HIS A CD2   1 
ATOM   1329 C  CE1   . HIS A 1 168 ? 12.519  -6.339  15.661  1.00 64.92 ? 169 HIS A CE1   1 
ATOM   1330 N  NE2   . HIS A 1 168 ? 13.021  -5.569  14.712  1.00 65.71 ? 169 HIS A NE2   1 
ATOM   1331 N  N     . LEU A 1 169 ? 13.259  -10.305 10.263  1.00 67.16 ? 170 LEU A N     1 
ATOM   1332 C  CA    . LEU A 1 169 ? 13.256  -11.570 9.523   1.00 66.90 ? 170 LEU A CA    1 
ATOM   1333 C  C     . LEU A 1 169 ? 14.687  -12.105 9.418   1.00 70.04 ? 170 LEU A C     1 
ATOM   1334 O  O     . LEU A 1 169 ? 15.479  -11.533 8.635   1.00 75.14 ? 170 LEU A O     1 
ATOM   1335 C  CB    . LEU A 1 169 ? 12.651  -11.382 8.131   1.00 65.30 ? 170 LEU A CB    1 
HETATM 1336 CA CA    . CA  B 2 .   ? 9.133   11.882  -15.916 1.00 12.80 ? 178 CA  A CA    1 
HETATM 1337 N  N1    . FMN C 3 .   ? -3.251  9.290   -8.927  1.00 6.69  ? 177 FMN A N1    1 
HETATM 1338 C  C2    . FMN C 3 .   ? -3.203  9.928   -7.719  1.00 4.49  ? 177 FMN A C2    1 
HETATM 1339 O  O2    . FMN C 3 .   ? -2.160  10.094  -7.111  1.00 8.97  ? 177 FMN A O2    1 
HETATM 1340 N  N3    . FMN C 3 .   ? -4.378  10.441  -7.196  1.00 2.00  ? 177 FMN A N3    1 
HETATM 1341 C  C4    . FMN C 3 .   ? -5.514  10.722  -7.939  1.00 2.00  ? 177 FMN A C4    1 
HETATM 1342 O  O4    . FMN C 3 .   ? -6.483  11.389  -7.463  1.00 5.62  ? 177 FMN A O4    1 
HETATM 1343 C  C4A   . FMN C 3 .   ? -5.531  10.143  -9.322  1.00 2.00  ? 177 FMN A C4A   1 
HETATM 1344 N  N5    . FMN C 3 .   ? -6.608  10.280  -10.101 1.00 9.23  ? 177 FMN A N5    1 
HETATM 1345 C  C5A   . FMN C 3 .   ? -6.648  9.640   -11.307 1.00 3.41  ? 177 FMN A C5A   1 
HETATM 1346 C  C6    . FMN C 3 .   ? -7.683  9.943   -12.227 1.00 6.94  ? 177 FMN A C6    1 
HETATM 1347 C  C7    . FMN C 3 .   ? -7.604  9.535   -13.575 1.00 2.79  ? 177 FMN A C7    1 
HETATM 1348 C  C7M   . FMN C 3 .   ? -8.683  9.943   -14.518 1.00 2.00  ? 177 FMN A C7M   1 
HETATM 1349 C  C8    . FMN C 3 .   ? -6.485  8.721   -13.987 1.00 7.23  ? 177 FMN A C8    1 
HETATM 1350 C  C8M   . FMN C 3 .   ? -6.269  8.162   -15.343 1.00 3.21  ? 177 FMN A C8M   1 
HETATM 1351 C  C9    . FMN C 3 .   ? -5.505  8.370   -13.074 1.00 11.49 ? 177 FMN A C9    1 
HETATM 1352 C  C9A   . FMN C 3 .   ? -5.555  8.846   -11.740 1.00 6.45  ? 177 FMN A C9A   1 
HETATM 1353 N  N10   . FMN C 3 .   ? -4.445  8.743   -10.917 1.00 4.93  ? 177 FMN A N10   1 
HETATM 1354 C  C10   . FMN C 3 .   ? -4.345  9.399   -9.703  1.00 5.50  ? 177 FMN A C10   1 
HETATM 1355 C  "C1'" . FMN C 3 .   ? -3.301  7.958   -11.420 1.00 2.09  ? 177 FMN A "C1'" 1 
HETATM 1356 C  "C2'" . FMN C 3 .   ? -3.317  6.525   -10.917 1.00 3.26  ? 177 FMN A "C2'" 1 
HETATM 1357 O  "O2'" . FMN C 3 .   ? -3.494  6.191   -9.542  1.00 2.00  ? 177 FMN A "O2'" 1 
HETATM 1358 C  "C3'" . FMN C 3 .   ? -2.128  5.804   -11.453 1.00 3.91  ? 177 FMN A "C3'" 1 
HETATM 1359 O  "O3'" . FMN C 3 .   ? -2.260  5.726   -12.868 1.00 6.66  ? 177 FMN A "O3'" 1 
HETATM 1360 C  "C4'" . FMN C 3 .   ? -1.871  4.412   -10.897 1.00 7.04  ? 177 FMN A "C4'" 1 
HETATM 1361 O  "O4'" . FMN C 3 .   ? -0.619  3.921   -11.401 1.00 9.85  ? 177 FMN A "O4'" 1 
HETATM 1362 C  "C5'" . FMN C 3 .   ? -2.963  3.453   -11.361 1.00 12.75 ? 177 FMN A "C5'" 1 
HETATM 1363 O  "O5'" . FMN C 3 .   ? -2.726  2.166   -10.759 1.00 15.62 ? 177 FMN A "O5'" 1 
HETATM 1364 P  P     . FMN C 3 .   ? -3.527  1.046   -11.132 1.00 9.79  ? 177 FMN A P     1 
HETATM 1365 O  O1P   . FMN C 3 .   ? -3.020  0.647   -12.429 1.00 12.64 ? 177 FMN A O1P   1 
HETATM 1366 O  O2P   . FMN C 3 .   ? -4.954  1.369   -10.904 1.00 3.71  ? 177 FMN A O2P   1 
HETATM 1367 O  O3P   . FMN C 3 .   ? -2.986  -0.007  -10.198 1.00 13.63 ? 177 FMN A O3P   1 
HETATM 1368 O  O     . HOH D 4 .   ? 3.965   19.957  -14.024 0.33 31.21 ? 179 HOH A O     1 
HETATM 1369 O  O     . HOH D 4 .   ? 1.754   16.872  -19.231 0.33 22.28 ? 180 HOH A O     1 
HETATM 1370 O  O     . HOH D 4 .   ? 13.184  -9.216  16.835  0.5  24.71 ? 181 HOH A O     1 
HETATM 1371 O  O     . HOH D 4 .   ? -7.484  -17.625 -1.595  0.5  23.95 ? 182 HOH A O     1 
HETATM 1372 O  O     . HOH D 4 .   ? -6.053  17.109  -10.702 1.00 7.41  ? 185 HOH A O     1 
HETATM 1373 O  O     . HOH D 4 .   ? 1.525   5.812   -11.322 1.00 2.20  ? 186 HOH A O     1 
HETATM 1374 O  O     . HOH D 4 .   ? 8.498   0.671   -13.625 0.81 4.73  ? 187 HOH A O     1 
HETATM 1375 O  O     . HOH D 4 .   ? 12.554  1.304   -12.756 0.97 3.06  ? 188 HOH A O     1 
HETATM 1376 O  O     . HOH D 4 .   ? 16.136  12.063  -4.132  1.00 50.26 ? 189 HOH A O     1 
HETATM 1377 O  O     . HOH D 4 .   ? -4.401  13.935  -17.303 0.92 8.72  ? 190 HOH A O     1 
HETATM 1378 O  O     . HOH D 4 .   ? -0.449  4.303   -15.789 0.58 5.07  ? 191 HOH A O     1 
HETATM 1379 O  O     . HOH D 4 .   ? -5.443  11.201  -16.753 0.97 2.00  ? 192 HOH A O     1 
HETATM 1380 O  O     . HOH D 4 .   ? 0.685   -16.795 -5.090  1.00 12.55 ? 193 HOH A O     1 
HETATM 1381 O  O     . HOH D 4 .   ? 2.666   1.806   5.363   0.88 21.77 ? 194 HOH A O     1 
HETATM 1382 O  O     . HOH D 4 .   ? 11.240  15.852  -7.281  1.00 13.45 ? 195 HOH A O     1 
HETATM 1383 O  O     . HOH D 4 .   ? -1.654  18.007  -10.782 0.90 6.68  ? 196 HOH A O     1 
HETATM 1384 O  O     . HOH D 4 .   ? -14.145 3.318   -13.684 1.00 52.20 ? 197 HOH A O     1 
HETATM 1385 O  O     . HOH D 4 .   ? -2.354  -16.251 13.914  1.00 33.41 ? 198 HOH A O     1 
HETATM 1386 O  O     . HOH D 4 .   ? -0.556  11.079  11.794  1.00 25.50 ? 200 HOH A O     1 
HETATM 1387 O  O     . HOH D 4 .   ? -17.974 1.130   -6.252  0.96 22.62 ? 201 HOH A O     1 
HETATM 1388 O  O     . HOH D 4 .   ? -9.452  7.529   -1.053  0.80 9.14  ? 202 HOH A O     1 
HETATM 1389 O  O     . HOH D 4 .   ? -7.027  -12.221 11.744  1.00 8.50  ? 203 HOH A O     1 
HETATM 1390 O  O     . HOH D 4 .   ? 0.250   5.236   10.360  1.00 36.30 ? 204 HOH A O     1 
HETATM 1391 O  O     . HOH D 4 .   ? 3.481   18.682  -9.145  0.90 4.46  ? 205 HOH A O     1 
HETATM 1392 O  O     . HOH D 4 .   ? -12.842 6.811   -2.024  0.66 8.20  ? 206 HOH A O     1 
HETATM 1393 O  O     . HOH D 4 .   ? 12.117  7.421   -3.272  0.88 11.55 ? 207 HOH A O     1 
HETATM 1394 O  O     . HOH D 4 .   ? 7.872   5.466   -9.378  0.87 5.42  ? 208 HOH A O     1 
HETATM 1395 O  O     . HOH D 4 .   ? -2.091  8.838   -14.476 0.86 12.28 ? 209 HOH A O     1 
HETATM 1396 O  O     . HOH D 4 .   ? -14.993 -17.526 9.940   0.70 43.68 ? 210 HOH A O     1 
HETATM 1397 O  O     . HOH D 4 .   ? -6.475  -13.158 -5.765  0.99 19.82 ? 211 HOH A O     1 
HETATM 1398 O  O     . HOH D 4 .   ? 7.924   16.711  0.560   1.00 24.67 ? 212 HOH A O     1 
HETATM 1399 O  O     . HOH D 4 .   ? -2.408  5.463   -3.886  0.82 9.06  ? 214 HOH A O     1 
HETATM 1400 O  O     . HOH D 4 .   ? -0.285  8.575   -18.492 1.00 14.21 ? 215 HOH A O     1 
HETATM 1401 O  O     . HOH D 4 .   ? 4.918   12.476  -17.907 0.69 3.18  ? 216 HOH A O     1 
HETATM 1402 O  O     . HOH D 4 .   ? -14.810 -13.228 12.207  1.00 45.32 ? 218 HOH A O     1 
HETATM 1403 O  O     . HOH D 4 .   ? -3.970  18.624  -11.601 1.00 26.13 ? 219 HOH A O     1 
HETATM 1404 O  O     . HOH D 4 .   ? -16.135 -19.719 7.460   1.00 27.97 ? 220 HOH A O     1 
HETATM 1405 O  O     . HOH D 4 .   ? 0.318   18.380  1.551   0.81 21.61 ? 221 HOH A O     1 
HETATM 1406 O  O     . HOH D 4 .   ? 11.535  9.091   -1.198  0.93 5.47  ? 222 HOH A O     1 
HETATM 1407 O  O     . HOH D 4 .   ? 2.112   -3.756  -16.902 1.00 20.63 ? 223 HOH A O     1 
HETATM 1408 O  O     . HOH D 4 .   ? 12.192  9.765   -4.444  0.67 10.61 ? 224 HOH A O     1 
HETATM 1409 O  O     . HOH D 4 .   ? -3.206  9.698   -16.740 0.95 8.98  ? 225 HOH A O     1 
HETATM 1410 O  O     . HOH D 4 .   ? 3.830   24.850  -5.450  1.00 23.33 ? 226 HOH A O     1 
HETATM 1411 O  O     . HOH D 4 .   ? 14.383  5.679   -3.153  1.00 22.86 ? 227 HOH A O     1 
HETATM 1412 O  O     . HOH D 4 .   ? -9.346  14.639  -15.261 0.68 2.78  ? 228 HOH A O     1 
HETATM 1413 O  O     . HOH D 4 .   ? 4.065   16.873  -16.841 0.31 25.81 ? 229 HOH A O     1 
HETATM 1414 O  O     . HOH D 4 .   ? 1.961   19.999  -12.102 1.00 51.52 ? 230 HOH A O     1 
HETATM 1415 O  O     . HOH D 4 .   ? 6.944   12.736  -16.031 1.00 16.88 ? 231 HOH A O     1 
HETATM 1416 O  O     . HOH D 4 .   ? -7.281  11.368  -18.963 1.00 20.61 ? 232 HOH A O     1 
HETATM 1417 O  O     . HOH D 4 .   ? -3.174  9.652   11.888  0.85 34.35 ? 233 HOH A O     1 
HETATM 1418 O  O     . HOH D 4 .   ? -14.171 5.311   -6.176  0.95 32.61 ? 234 HOH A O     1 
HETATM 1419 O  O     . HOH D 4 .   ? 5.649   20.954  4.911   1.00 60.72 ? 235 HOH A O     1 
HETATM 1420 O  O     . HOH D 4 .   ? -3.022  4.510   -15.079 0.50 2.00  ? 236 HOH A O     1 
# 
